data_3TBT
#
_entry.id   3TBT
#
_cell.length_a   92.670
_cell.length_b   123.800
_cell.length_c   99.590
_cell.angle_alpha   90.00
_cell.angle_beta   103.34
_cell.angle_gamma   90.00
#
_symmetry.space_group_name_H-M   'P 1 21 1'
#
loop_
_entity.id
_entity.type
_entity.pdbx_description
1 polymer 'H-2 class I histocompatibility antigen, D-B alpha chain'
2 polymer Beta-2-microglobulin
3 polymer 'GLYCOPROTEIN G1'
4 water water
#
loop_
_entity_poly.entity_id
_entity_poly.type
_entity_poly.pdbx_seq_one_letter_code
_entity_poly.pdbx_strand_id
1 'polypeptide(L)'
;GPHSMRYFETAVSRPGLEEPRYISVGYVDNKEFVRFDSDAENPRYEPRAPWMEQEGPEYWERETQKAKGQEQWFRVSLRN
LLGYYNQSAGGSHTLQQMSGCDLGSDWRLLRGYLQFAYEGRDYIALNEDLKTWTAADMAAQITRRKWEQSGAAEHYKAYL
EGECVEWLHRYLKNGNATLLRTDSPKAHVTHHPRSKGEVTLRCWALGFYPADITLTWQLNGEELTQDMELVETRPAGDGT
FQKWASVVVPLGKEQNYTCRVYHEGLPEPLTLRWEP
;
A,D,G,J
2 'polypeptide(L)'
;IQKTPQIQVYSRHPPENGKPNILNCYVTQFHPPHIEIQMLKNGKKIPKVEMSDMSFSKDWSFYILAHTEFTPTETDTYAC
RVKHDSMAEPKTVYWDRDM
;
B,E,H,K
3 'polypeptide(L)' KAPSNFATM C,F,I,L
#
# COMPACT_ATOMS: atom_id res chain seq x y z
N GLY A 1 1.72 3.30 11.22
CA GLY A 1 2.59 4.37 11.83
C GLY A 1 2.02 4.89 13.14
N PRO A 2 2.88 5.42 14.03
CA PRO A 2 2.39 5.84 15.34
C PRO A 2 1.73 7.23 15.27
N HIS A 3 0.96 7.58 16.28
CA HIS A 3 0.24 8.86 16.34
C HIS A 3 0.30 9.53 17.72
N SER A 4 -0.14 10.78 17.76
CA SER A 4 -0.01 11.62 18.95
C SER A 4 -0.97 12.81 18.95
N MET A 5 -1.39 13.22 20.14
CA MET A 5 -2.08 14.51 20.32
C MET A 5 -1.39 15.31 21.44
N ARG A 6 -1.34 16.63 21.30
CA ARG A 6 -0.78 17.49 22.36
C ARG A 6 -1.53 18.77 22.46
N TYR A 7 -1.70 19.24 23.69
CA TYR A 7 -2.11 20.62 23.90
C TYR A 7 -0.99 21.39 24.60
N PHE A 8 -0.51 22.47 23.98
CA PHE A 8 0.53 23.33 24.52
C PHE A 8 -0.12 24.63 24.97
N GLU A 9 -0.18 24.89 26.28
CA GLU A 9 -0.91 26.06 26.81
C GLU A 9 0.07 27.03 27.48
N THR A 10 -0.08 28.34 27.22
CA THR A 10 0.77 29.39 27.74
C THR A 10 -0.03 30.51 28.40
N ALA A 11 0.41 30.95 29.57
CA ALA A 11 -0.18 32.11 30.24
C ALA A 11 0.91 33.07 30.71
N VAL A 12 0.79 34.33 30.31
CA VAL A 12 1.79 35.35 30.58
C VAL A 12 1.14 36.51 31.34
N SER A 13 1.75 36.88 32.45
CA SER A 13 1.30 38.00 33.24
C SER A 13 2.33 39.07 33.04
N ARG A 14 1.88 40.30 32.81
CA ARG A 14 2.79 41.46 32.71
C ARG A 14 2.31 42.54 33.69
N PRO A 15 3.22 43.46 34.09
CA PRO A 15 2.86 44.50 35.05
C PRO A 15 1.69 45.34 34.55
N GLY A 16 1.87 45.92 33.37
CA GLY A 16 0.87 46.82 32.82
C GLY A 16 -0.43 46.10 32.62
N LEU A 17 -0.36 44.85 32.13
CA LEU A 17 -1.57 44.05 31.92
C LEU A 17 -2.30 43.80 33.24
N GLU A 18 -3.49 43.23 33.09
CA GLU A 18 -4.48 43.13 34.15
C GLU A 18 -4.79 41.65 34.38
N GLU A 19 -5.32 41.00 33.34
CA GLU A 19 -5.54 39.55 33.32
C GLU A 19 -4.48 38.94 32.41
N PRO A 20 -4.06 37.70 32.70
CA PRO A 20 -3.04 37.09 31.86
C PRO A 20 -3.49 36.96 30.42
N ARG A 21 -2.56 37.05 29.47
CA ARG A 21 -2.85 36.60 28.13
C ARG A 21 -2.59 35.10 28.08
N TYR A 22 -3.64 34.36 27.69
CA TYR A 22 -3.62 32.90 27.61
C TYR A 22 -3.77 32.39 26.15
N ILE A 23 -2.85 31.52 25.74
CA ILE A 23 -2.86 30.89 24.41
C ILE A 23 -2.82 29.38 24.57
N SER A 24 -3.69 28.67 23.85
CA SER A 24 -3.65 27.22 23.78
C SER A 24 -3.61 26.75 22.34
N VAL A 25 -2.68 25.85 22.06
CA VAL A 25 -2.45 25.36 20.71
C VAL A 25 -2.58 23.86 20.76
N GLY A 26 -3.48 23.31 19.95
CA GLY A 26 -3.65 21.86 19.87
C GLY A 26 -2.92 21.32 18.66
N TYR A 27 -2.33 20.14 18.78
CA TYR A 27 -1.63 19.44 17.67
C TYR A 27 -2.11 17.98 17.58
N VAL A 28 -2.21 17.46 16.35
CA VAL A 28 -2.39 16.02 16.04
C VAL A 28 -1.21 15.63 15.14
N ASP A 29 -0.56 14.52 15.50
CA ASP A 29 0.67 14.09 14.83
C ASP A 29 1.63 15.25 14.57
N ASN A 30 1.83 16.05 15.61
CA ASN A 30 2.75 17.18 15.58
C ASN A 30 2.37 18.30 14.59
N LYS A 31 1.16 18.31 14.07
CA LYS A 31 0.70 19.45 13.27
C LYS A 31 -0.45 20.16 13.97
N GLU A 32 -0.39 21.48 13.94
CA GLU A 32 -1.37 22.35 14.59
C GLU A 32 -2.78 22.13 14.03
N PHE A 33 -3.76 21.88 14.89
CA PHE A 33 -5.13 21.68 14.40
C PHE A 33 -6.19 22.58 15.00
N VAL A 34 -5.97 23.10 16.22
CA VAL A 34 -6.85 24.14 16.81
C VAL A 34 -6.04 25.17 17.58
N ARG A 35 -6.68 26.30 17.86
CA ARG A 35 -6.04 27.37 18.57
C ARG A 35 -7.03 28.32 19.25
N PHE A 36 -6.67 28.74 20.45
CA PHE A 36 -7.41 29.69 21.28
C PHE A 36 -6.43 30.74 21.77
N ASP A 37 -6.83 32.01 21.71
CA ASP A 37 -6.00 33.15 22.11
C ASP A 37 -6.95 34.17 22.73
N SER A 38 -6.75 34.46 24.02
CA SER A 38 -7.63 35.33 24.78
C SER A 38 -7.54 36.79 24.35
N ASP A 39 -6.48 37.13 23.62
CA ASP A 39 -6.34 38.44 23.04
C ASP A 39 -7.27 38.66 21.83
N ALA A 40 -7.85 37.59 21.30
CA ALA A 40 -8.82 37.73 20.21
C ALA A 40 -10.03 38.53 20.68
N GLU A 41 -10.56 39.32 19.76
CA GLU A 41 -11.77 40.13 19.99
C GLU A 41 -12.93 39.32 20.56
N ASN A 42 -13.17 38.14 20.00
CA ASN A 42 -14.20 37.22 20.49
C ASN A 42 -13.58 35.85 20.80
N PRO A 43 -12.83 35.74 21.90
CA PRO A 43 -11.96 34.58 22.10
C PRO A 43 -12.67 33.26 21.96
N ARG A 44 -12.13 32.37 21.13
CA ARG A 44 -12.64 31.02 20.99
C ARG A 44 -11.63 30.10 20.32
N TYR A 45 -11.84 28.81 20.46
CA TYR A 45 -11.07 27.83 19.70
C TYR A 45 -11.49 27.93 18.22
N GLU A 46 -10.51 28.08 17.32
CA GLU A 46 -10.72 28.15 15.86
C GLU A 46 -10.02 26.96 15.22
N PRO A 47 -10.56 26.41 14.12
CA PRO A 47 -9.87 25.29 13.45
C PRO A 47 -8.61 25.81 12.78
N ARG A 48 -7.59 24.97 12.74
CA ARG A 48 -6.31 25.32 12.13
C ARG A 48 -5.87 24.37 11.01
N ALA A 49 -6.72 23.38 10.73
CA ALA A 49 -6.59 22.49 9.57
C ALA A 49 -7.99 22.37 8.94
N PRO A 50 -8.06 22.25 7.60
CA PRO A 50 -9.39 22.15 6.96
C PRO A 50 -10.23 20.99 7.46
N TRP A 51 -9.62 19.85 7.76
CA TRP A 51 -10.37 18.69 8.21
C TRP A 51 -11.11 18.83 9.57
N MET A 52 -10.89 19.93 10.29
CA MET A 52 -11.55 20.19 11.58
C MET A 52 -12.81 21.02 11.39
N GLU A 53 -12.97 21.63 10.22
CA GLU A 53 -14.21 22.34 9.88
C GLU A 53 -15.40 21.37 9.79
N GLN A 54 -15.15 20.06 9.69
CA GLN A 54 -16.19 19.05 9.90
C GLN A 54 -16.88 19.08 11.28
N GLU A 55 -16.19 19.58 12.31
CA GLU A 55 -16.75 19.61 13.66
C GLU A 55 -17.80 20.71 13.77
N GLY A 56 -18.94 20.39 14.39
CA GLY A 56 -20.09 21.30 14.46
C GLY A 56 -19.97 22.31 15.57
N PRO A 57 -20.91 23.28 15.63
CA PRO A 57 -20.80 24.38 16.59
C PRO A 57 -20.87 24.00 18.09
N GLU A 58 -21.45 22.84 18.41
CA GLU A 58 -21.41 22.38 19.82
C GLU A 58 -19.99 21.98 20.28
N TYR A 59 -19.21 21.38 19.38
CA TYR A 59 -17.82 21.06 19.63
C TYR A 59 -17.02 22.33 19.96
N TRP A 60 -17.14 23.36 19.13
CA TRP A 60 -16.40 24.59 19.34
C TRP A 60 -16.83 25.36 20.58
N GLU A 61 -18.10 25.19 20.97
CA GLU A 61 -18.67 25.93 22.09
C GLU A 61 -18.16 25.36 23.42
N ARG A 62 -18.14 24.04 23.51
CA ARG A 62 -17.62 23.35 24.66
C ARG A 62 -16.12 23.61 24.82
N GLU A 63 -15.37 23.41 23.73
CA GLU A 63 -13.93 23.64 23.75
C GLU A 63 -13.60 25.06 24.22
N THR A 64 -14.30 26.05 23.68
CA THR A 64 -14.14 27.44 24.10
C THR A 64 -14.35 27.62 25.60
N GLN A 65 -15.33 26.92 26.18
CA GLN A 65 -15.60 27.01 27.61
C GLN A 65 -14.52 26.35 28.48
N LYS A 66 -14.02 25.19 28.06
CA LYS A 66 -12.86 24.57 28.67
C LYS A 66 -11.67 25.54 28.70
N ALA A 67 -11.42 26.23 27.59
CA ALA A 67 -10.34 27.20 27.53
C ALA A 67 -10.50 28.34 28.54
N LYS A 68 -11.74 28.81 28.72
CA LYS A 68 -12.05 29.87 29.70
C LYS A 68 -11.83 29.36 31.13
N GLY A 69 -12.16 28.09 31.37
CA GLY A 69 -11.75 27.40 32.59
C GLY A 69 -10.24 27.40 32.76
N GLN A 70 -9.49 27.04 31.71
CA GLN A 70 -8.02 27.03 31.81
C GLN A 70 -7.53 28.43 32.18
N GLU A 71 -8.13 29.43 31.58
CA GLU A 71 -7.80 30.84 31.81
C GLU A 71 -7.89 31.17 33.29
N GLN A 72 -8.97 30.73 33.93
CA GLN A 72 -9.14 30.91 35.37
C GLN A 72 -8.07 30.16 36.17
N TRP A 73 -7.76 28.95 35.75
CA TRP A 73 -6.81 28.09 36.40
C TRP A 73 -5.35 28.59 36.30
N PHE A 74 -4.97 29.12 35.14
CA PHE A 74 -3.64 29.65 34.97
C PHE A 74 -3.48 30.99 35.71
N ARG A 75 -4.56 31.76 35.82
CA ARG A 75 -4.48 33.08 36.48
C ARG A 75 -4.31 32.89 37.99
N VAL A 76 -5.18 32.07 38.56
CA VAL A 76 -5.02 31.72 39.96
C VAL A 76 -3.66 31.07 40.22
N SER A 77 -3.24 30.14 39.36
CA SER A 77 -1.98 29.42 39.60
C SER A 77 -0.79 30.37 39.56
N LEU A 78 -0.80 31.29 38.59
CA LEU A 78 0.18 32.38 38.52
C LEU A 78 0.25 33.21 39.83
N ARG A 79 -0.92 33.52 40.38
CA ARG A 79 -1.01 34.27 41.63
C ARG A 79 -0.35 33.48 42.74
N ASN A 80 -0.73 32.22 42.86
CA ASN A 80 -0.14 31.34 43.88
C ASN A 80 1.39 31.22 43.69
N LEU A 81 1.88 30.97 42.46
CA LEU A 81 3.33 30.85 42.24
C LEU A 81 4.10 32.12 42.64
N LEU A 82 3.52 33.28 42.38
CA LEU A 82 4.08 34.57 42.83
C LEU A 82 4.38 34.53 44.35
N GLY A 83 3.44 34.03 45.14
CA GLY A 83 3.64 33.78 46.57
C GLY A 83 4.66 32.69 46.90
N TYR A 84 4.66 31.58 46.15
CA TYR A 84 5.57 30.46 46.44
C TYR A 84 7.05 30.86 46.30
N TYR A 85 7.36 31.65 45.30
CA TYR A 85 8.74 32.12 45.05
C TYR A 85 9.05 33.52 45.60
N ASN A 86 8.17 34.08 46.43
CA ASN A 86 8.44 35.37 47.08
C ASN A 86 8.82 36.41 46.05
N GLN A 87 8.08 36.42 44.95
CA GLN A 87 8.35 37.38 43.91
C GLN A 87 7.38 38.51 44.22
N SER A 88 7.79 39.74 44.03
CA SER A 88 6.85 40.81 44.40
C SER A 88 6.07 41.29 43.16
N ALA A 89 5.24 42.32 43.31
CA ALA A 89 4.54 42.88 42.15
C ALA A 89 5.53 43.61 41.26
N GLY A 90 5.24 43.69 39.97
CA GLY A 90 6.07 44.48 39.03
C GLY A 90 6.87 43.71 37.99
N GLY A 91 6.71 42.39 37.94
CA GLY A 91 7.47 41.52 37.01
C GLY A 91 6.58 40.83 35.99
N SER A 92 7.21 40.27 34.95
CA SER A 92 6.52 39.40 34.00
C SER A 92 6.76 37.94 34.34
N HIS A 93 5.72 37.14 34.26
CA HIS A 93 5.82 35.71 34.54
C HIS A 93 5.08 34.89 33.49
N THR A 94 5.50 33.64 33.39
CA THR A 94 5.01 32.70 32.41
C THR A 94 4.68 31.36 33.12
N LEU A 95 3.53 30.80 32.82
CA LEU A 95 3.22 29.42 33.16
C LEU A 95 2.86 28.68 31.88
N GLN A 96 3.39 27.47 31.71
CA GLN A 96 3.19 26.70 30.47
C GLN A 96 2.78 25.29 30.80
N GLN A 97 2.05 24.66 29.89
CA GLN A 97 1.60 23.29 30.07
C GLN A 97 1.67 22.51 28.74
N MET A 98 2.07 21.24 28.84
CA MET A 98 2.00 20.30 27.75
C MET A 98 1.26 19.10 28.27
N SER A 99 0.26 18.65 27.53
CA SER A 99 -0.43 17.40 27.84
C SER A 99 -0.75 16.65 26.56
N GLY A 100 -1.12 15.39 26.69
CA GLY A 100 -1.67 14.66 25.58
C GLY A 100 -1.27 13.20 25.65
N CYS A 101 -1.32 12.52 24.51
CA CYS A 101 -1.17 11.07 24.49
C CYS A 101 -0.43 10.61 23.25
N ASP A 102 0.36 9.56 23.39
CA ASP A 102 1.04 8.91 22.28
C ASP A 102 0.39 7.55 22.05
N LEU A 103 -0.03 7.31 20.82
CA LEU A 103 -0.55 5.98 20.42
C LEU A 103 0.42 5.19 19.57
N GLY A 104 0.34 3.88 19.66
CA GLY A 104 1.15 3.00 18.82
C GLY A 104 0.52 2.88 17.44
N SER A 105 1.24 2.28 16.50
CA SER A 105 0.70 2.00 15.17
C SER A 105 -0.60 1.16 15.23
N ASP A 106 -0.78 0.40 16.31
CA ASP A 106 -2.03 -0.33 16.56
C ASP A 106 -3.15 0.56 17.16
N TRP A 107 -2.89 1.86 17.28
CA TRP A 107 -3.82 2.83 17.82
C TRP A 107 -4.03 2.71 19.36
N ARG A 108 -3.29 1.83 20.03
CA ARG A 108 -3.38 1.79 21.49
C ARG A 108 -2.45 2.80 22.17
N LEU A 109 -2.81 3.19 23.39
CA LEU A 109 -2.05 4.16 24.16
C LEU A 109 -0.66 3.65 24.52
N LEU A 110 0.34 4.44 24.16
CA LEU A 110 1.74 4.14 24.47
C LEU A 110 2.13 4.84 25.77
N ARG A 111 1.72 6.10 25.91
CA ARG A 111 2.17 6.95 27.01
C ARG A 111 1.31 8.21 27.15
N GLY A 112 0.99 8.57 28.38
CA GLY A 112 0.40 9.87 28.71
C GLY A 112 1.49 10.86 29.04
N TYR A 113 1.22 12.14 28.76
CA TYR A 113 2.10 13.27 29.08
C TYR A 113 1.34 14.37 29.80
N LEU A 114 1.90 14.87 30.89
CA LEU A 114 1.40 16.06 31.57
C LEU A 114 2.58 16.75 32.28
N GLN A 115 2.96 17.93 31.80
CA GLN A 115 4.09 18.69 32.34
C GLN A 115 3.75 20.17 32.41
N PHE A 116 4.40 20.83 33.37
CA PHE A 116 4.23 22.26 33.62
C PHE A 116 5.61 22.90 33.77
N ALA A 117 5.78 24.08 33.17
CA ALA A 117 6.96 24.89 33.41
C ALA A 117 6.56 26.26 33.98
N TYR A 118 7.34 26.75 34.92
CA TYR A 118 7.23 28.13 35.42
C TYR A 118 8.52 28.86 35.05
N GLU A 119 8.40 30.07 34.51
CA GLU A 119 9.54 30.85 34.01
C GLU A 119 10.42 30.07 33.01
N GLY A 120 9.81 29.21 32.20
CA GLY A 120 10.59 28.47 31.20
C GLY A 120 11.26 27.23 31.77
N ARG A 121 11.02 26.94 33.04
CA ARG A 121 11.74 25.89 33.71
C ARG A 121 10.76 24.93 34.37
N ASP A 122 11.11 23.65 34.32
CA ASP A 122 10.30 22.56 34.86
C ASP A 122 9.84 22.90 36.25
N TYR A 123 8.54 22.76 36.48
CA TYR A 123 7.96 23.04 37.76
C TYR A 123 7.46 21.75 38.37
N ILE A 124 6.51 21.11 37.68
CA ILE A 124 5.97 19.81 38.10
C ILE A 124 5.48 19.03 36.86
N ALA A 125 5.60 17.70 36.95
CA ALA A 125 5.30 16.82 35.85
C ALA A 125 4.78 15.46 36.35
N LEU A 126 3.76 14.93 35.68
CA LEU A 126 3.19 13.63 36.03
C LEU A 126 4.11 12.56 35.47
N ASN A 127 4.52 11.62 36.30
CA ASN A 127 5.38 10.53 35.82
C ASN A 127 4.62 9.62 34.86
N GLU A 128 5.35 8.80 34.12
CA GLU A 128 4.78 7.93 33.11
C GLU A 128 3.76 6.96 33.68
N ASP A 129 3.89 6.57 34.95
CA ASP A 129 2.89 5.73 35.63
C ASP A 129 1.51 6.42 35.79
N LEU A 130 1.45 7.71 35.45
CA LEU A 130 0.26 8.53 35.67
C LEU A 130 -0.32 8.37 37.08
N LYS A 131 0.56 8.22 38.07
CA LYS A 131 0.18 8.10 39.49
C LYS A 131 1.00 9.03 40.42
N THR A 132 2.28 9.19 40.11
CA THR A 132 3.15 10.02 40.93
C THR A 132 3.65 11.22 40.15
N TRP A 133 4.05 12.25 40.92
CA TRP A 133 4.55 13.53 40.39
C TRP A 133 6.05 13.71 40.66
N THR A 134 6.73 14.33 39.70
CA THR A 134 8.09 14.80 39.85
C THR A 134 8.07 16.30 39.95
N ALA A 135 8.70 16.84 40.99
CA ALA A 135 8.78 18.27 41.21
C ALA A 135 10.12 18.58 41.92
N ALA A 136 11.02 19.26 41.22
CA ALA A 136 12.39 19.44 41.72
C ALA A 136 12.45 20.56 42.77
N ASP A 137 11.88 21.73 42.43
CA ASP A 137 12.03 22.93 43.24
C ASP A 137 11.46 22.75 44.63
N MET A 138 12.11 23.32 45.67
CA MET A 138 11.47 23.38 46.99
C MET A 138 10.09 24.05 46.92
N ALA A 139 9.99 25.16 46.19
CA ALA A 139 8.71 25.85 46.07
C ALA A 139 7.66 24.91 45.50
N ALA A 140 8.06 24.06 44.53
CA ALA A 140 7.17 23.10 43.85
C ALA A 140 6.66 21.92 44.69
N GLN A 141 7.28 21.67 45.85
CA GLN A 141 6.78 20.66 46.79
C GLN A 141 5.38 21.02 47.35
N ILE A 142 5.12 22.32 47.53
CA ILE A 142 3.80 22.78 48.00
C ILE A 142 2.71 22.29 47.04
N THR A 143 2.96 22.47 45.74
CA THR A 143 2.02 22.04 44.71
C THR A 143 1.92 20.51 44.68
N ARG A 144 3.05 19.83 44.76
CA ARG A 144 3.03 18.38 44.75
C ARG A 144 2.19 17.78 45.90
N ARG A 145 2.30 18.34 47.11
CA ARG A 145 1.55 17.84 48.26
C ARG A 145 0.08 18.17 48.13
N LYS A 146 -0.20 19.37 47.62
CA LYS A 146 -1.57 19.80 47.35
C LYS A 146 -2.22 18.78 46.40
N TRP A 147 -1.54 18.46 45.32
CA TRP A 147 -2.07 17.54 44.28
C TRP A 147 -2.13 16.10 44.71
N GLU A 148 -1.21 15.67 45.57
CA GLU A 148 -1.27 14.33 46.17
C GLU A 148 -2.45 14.21 47.11
N GLN A 149 -2.73 15.27 47.87
CA GLN A 149 -3.84 15.29 48.83
C GLN A 149 -5.21 15.34 48.14
N SER A 150 -5.34 16.14 47.08
CA SER A 150 -6.62 16.27 46.36
C SER A 150 -6.92 15.11 45.37
N GLY A 151 -5.92 14.26 45.09
CA GLY A 151 -6.10 13.18 44.13
C GLY A 151 -6.12 13.59 42.66
N ALA A 152 -5.44 14.68 42.31
CA ALA A 152 -5.49 15.21 40.95
C ALA A 152 -5.02 14.25 39.85
N ALA A 153 -3.97 13.49 40.14
CA ALA A 153 -3.41 12.52 39.18
C ALA A 153 -4.45 11.56 38.60
N GLU A 154 -5.37 11.07 39.43
CA GLU A 154 -6.38 10.10 38.97
C GLU A 154 -7.24 10.73 37.91
N HIS A 155 -7.61 12.00 38.11
CA HIS A 155 -8.42 12.72 37.15
C HIS A 155 -7.67 13.04 35.84
N TYR A 156 -6.38 13.42 35.91
CA TYR A 156 -5.58 13.67 34.68
C TYR A 156 -5.34 12.36 33.93
N LYS A 157 -5.15 11.29 34.69
CA LYS A 157 -5.00 9.92 34.15
C LYS A 157 -6.28 9.46 33.42
N ALA A 158 -7.45 9.66 34.02
CA ALA A 158 -8.73 9.43 33.32
C ALA A 158 -8.82 10.21 31.97
N TYR A 159 -8.60 11.52 32.00
CA TYR A 159 -8.51 12.28 30.75
C TYR A 159 -7.56 11.63 29.71
N LEU A 160 -6.35 11.21 30.14
CA LEU A 160 -5.25 10.82 29.24
C LEU A 160 -5.43 9.42 28.66
N GLU A 161 -6.03 8.53 29.44
CA GLU A 161 -6.34 7.19 28.99
C GLU A 161 -7.67 7.14 28.22
N GLY A 162 -8.54 8.13 28.45
CA GLY A 162 -9.90 8.13 27.89
C GLY A 162 -10.02 9.17 26.78
N GLU A 163 -10.44 10.39 27.14
CA GLU A 163 -10.71 11.46 26.17
C GLU A 163 -9.63 11.65 25.14
N CYS A 164 -8.38 11.75 25.58
CA CYS A 164 -7.25 11.97 24.69
C CYS A 164 -7.15 10.90 23.61
N VAL A 165 -7.29 9.65 24.01
CA VAL A 165 -7.22 8.51 23.07
C VAL A 165 -8.50 8.49 22.21
N GLU A 166 -9.64 8.52 22.88
CA GLU A 166 -10.96 8.51 22.24
C GLU A 166 -11.06 9.54 21.13
N TRP A 167 -10.74 10.79 21.48
CA TRP A 167 -10.90 11.91 20.56
C TRP A 167 -9.77 11.96 19.52
N LEU A 168 -8.61 11.40 19.85
CA LEU A 168 -7.55 11.25 18.87
C LEU A 168 -7.94 10.25 17.79
N HIS A 169 -8.60 9.16 18.18
CA HIS A 169 -9.11 8.19 17.22
C HIS A 169 -10.06 8.87 16.22
N ARG A 170 -10.99 9.65 16.75
CA ARG A 170 -11.94 10.42 15.94
C ARG A 170 -11.25 11.40 14.96
N TYR A 171 -10.22 12.11 15.44
CA TYR A 171 -9.47 13.06 14.58
C TYR A 171 -8.67 12.36 13.46
N LEU A 172 -8.11 11.21 13.78
CA LEU A 172 -7.37 10.42 12.79
C LEU A 172 -8.28 9.95 11.66
N LYS A 173 -9.45 9.40 12.03
CA LYS A 173 -10.48 9.01 11.04
C LYS A 173 -10.95 10.18 10.18
N ASN A 174 -11.19 11.33 10.79
CA ASN A 174 -11.67 12.52 10.06
C ASN A 174 -10.63 13.14 9.12
N GLY A 175 -9.36 13.16 9.53
CA GLY A 175 -8.33 13.87 8.79
C GLY A 175 -7.46 12.98 7.92
N ASN A 176 -8.01 11.85 7.49
CA ASN A 176 -7.30 10.85 6.69
C ASN A 176 -6.82 11.46 5.35
N ARG A 181 0.14 12.33 5.58
CA ARG A 181 1.04 12.06 4.46
C ARG A 181 2.44 12.59 4.77
N THR A 182 3.38 12.33 3.85
CA THR A 182 4.77 12.72 4.02
C THR A 182 5.34 13.17 2.69
N ASP A 183 6.20 14.19 2.75
CA ASP A 183 6.88 14.70 1.55
C ASP A 183 8.37 14.36 1.63
N SER A 184 8.84 13.59 0.66
CA SER A 184 10.25 13.19 0.58
C SER A 184 11.15 14.40 0.27
N PRO A 185 12.38 14.42 0.81
CA PRO A 185 13.26 15.53 0.48
C PRO A 185 13.74 15.46 -0.98
N LYS A 186 13.86 16.61 -1.63
CA LYS A 186 14.55 16.67 -2.93
C LYS A 186 15.91 17.30 -2.66
N ALA A 187 16.96 16.58 -3.04
CA ALA A 187 18.31 17.02 -2.76
C ALA A 187 18.99 17.61 -4.00
N HIS A 188 20.06 18.36 -3.75
CA HIS A 188 20.96 18.82 -4.81
C HIS A 188 22.16 19.45 -4.13
N VAL A 189 23.31 19.41 -4.78
CA VAL A 189 24.51 19.99 -4.25
C VAL A 189 24.82 21.27 -5.01
N THR A 190 25.36 22.25 -4.30
CA THR A 190 25.75 23.52 -4.88
C THR A 190 27.26 23.71 -4.73
N HIS A 191 27.84 24.40 -5.70
CA HIS A 191 29.29 24.60 -5.80
C HIS A 191 29.58 26.05 -5.50
N HIS A 192 30.49 26.31 -4.57
CA HIS A 192 30.86 27.68 -4.23
C HIS A 192 32.38 27.79 -4.03
N PRO A 193 33.05 28.56 -4.92
CA PRO A 193 34.50 28.65 -4.87
C PRO A 193 35.00 29.49 -3.70
N ARG A 194 36.18 29.15 -3.19
CA ARG A 194 36.80 29.90 -2.08
C ARG A 194 38.32 29.89 -2.20
N SER A 195 39.00 30.24 -1.10
CA SER A 195 40.43 30.04 -0.95
C SER A 195 41.02 29.04 -1.94
N GLU A 198 40.58 25.44 -2.84
CA GLU A 198 39.49 24.81 -2.10
C GLU A 198 38.11 25.30 -2.59
N VAL A 199 37.13 24.42 -2.53
CA VAL A 199 35.75 24.77 -2.87
C VAL A 199 34.75 24.15 -1.91
N THR A 200 33.64 24.87 -1.71
CA THR A 200 32.60 24.50 -0.75
C THR A 200 31.50 23.76 -1.50
N LEU A 201 31.15 22.58 -1.01
CA LEU A 201 29.98 21.82 -1.50
C LEU A 201 28.92 21.77 -0.40
N ARG A 202 27.73 22.26 -0.71
CA ARG A 202 26.65 22.34 0.26
C ARG A 202 25.48 21.52 -0.24
N CYS A 203 25.15 20.46 0.50
CA CYS A 203 24.06 19.53 0.17
C CYS A 203 22.76 20.07 0.71
N TRP A 204 21.81 20.34 -0.17
CA TRP A 204 20.50 20.85 0.24
C TRP A 204 19.47 19.75 0.17
N ALA A 205 18.58 19.71 1.15
CA ALA A 205 17.36 18.93 1.04
C ALA A 205 16.25 19.93 1.24
N LEU A 206 15.19 19.83 0.43
CA LEU A 206 14.16 20.86 0.35
C LEU A 206 12.84 20.20 0.13
N GLY A 207 11.76 20.89 0.51
CA GLY A 207 10.40 20.37 0.35
C GLY A 207 10.02 19.08 1.09
N PHE A 208 10.64 18.79 2.23
CA PHE A 208 10.31 17.57 3.01
C PHE A 208 9.40 17.80 4.22
N TYR A 209 8.55 16.80 4.50
CA TYR A 209 7.72 16.76 5.70
C TYR A 209 7.53 15.31 6.13
N PRO A 210 7.56 15.01 7.44
CA PRO A 210 7.83 15.90 8.58
C PRO A 210 9.30 16.33 8.64
N ALA A 211 9.66 17.05 9.70
CA ALA A 211 10.94 17.76 9.77
C ALA A 211 12.15 16.87 10.07
N ASP A 212 11.94 15.68 10.61
CA ASP A 212 13.06 14.79 10.94
C ASP A 212 13.90 14.46 9.71
N ILE A 213 15.20 14.71 9.79
CA ILE A 213 16.08 14.46 8.66
C ILE A 213 17.52 14.40 9.13
N THR A 214 18.36 13.77 8.32
CA THR A 214 19.79 13.79 8.59
C THR A 214 20.51 13.87 7.26
N LEU A 215 21.56 14.67 7.22
CA LEU A 215 22.42 14.77 6.08
C LEU A 215 23.84 14.40 6.56
N THR A 216 24.60 13.69 5.72
CA THR A 216 26.02 13.42 5.98
C THR A 216 26.85 13.62 4.72
N TRP A 217 28.16 13.71 4.90
CA TRP A 217 29.10 13.67 3.79
C TRP A 217 30.08 12.51 3.98
N GLN A 218 30.48 11.89 2.86
CA GLN A 218 31.43 10.78 2.88
C GLN A 218 32.52 10.99 1.83
N GLY A 221 34.74 6.42 2.36
CA GLY A 221 33.51 5.84 2.92
C GLY A 221 33.32 6.03 4.41
N GLU A 222 33.70 7.21 4.91
CA GLU A 222 33.56 7.56 6.33
C GLU A 222 32.61 8.74 6.56
N GLU A 223 32.05 8.81 7.78
CA GLU A 223 31.03 9.81 8.14
C GLU A 223 31.53 11.23 7.91
N MET A 228 32.47 19.50 9.52
CA MET A 228 31.30 19.75 8.68
C MET A 228 30.42 20.83 9.32
N GLU A 229 29.92 21.75 8.49
CA GLU A 229 28.98 22.77 8.93
C GLU A 229 27.58 22.46 8.41
N LEU A 230 26.59 22.61 9.28
CA LEU A 230 25.18 22.47 8.92
C LEU A 230 24.32 23.56 9.57
N VAL A 231 23.06 23.61 9.17
CA VAL A 231 22.07 24.49 9.80
C VAL A 231 21.02 23.63 10.44
N GLU A 232 20.36 24.16 11.47
CA GLU A 232 19.24 23.44 12.06
C GLU A 232 18.10 23.44 11.05
N THR A 233 17.33 22.36 11.02
CA THR A 233 16.15 22.27 10.18
C THR A 233 15.23 23.46 10.43
N ARG A 234 14.69 23.99 9.34
CA ARG A 234 13.99 25.30 9.32
C ARG A 234 12.74 25.22 8.44
N PRO A 235 11.70 25.99 8.76
CA PRO A 235 10.51 25.89 7.92
C PRO A 235 10.62 26.79 6.68
N ALA A 236 10.20 26.27 5.54
CA ALA A 236 10.13 27.03 4.29
C ALA A 236 9.00 28.04 4.35
N GLY A 237 8.04 27.80 5.21
CA GLY A 237 6.89 28.69 5.34
C GLY A 237 5.66 28.17 4.63
N ASP A 238 5.83 27.10 3.85
CA ASP A 238 4.72 26.51 3.10
C ASP A 238 4.16 25.25 3.74
N GLY A 239 4.77 24.79 4.84
CA GLY A 239 4.47 23.49 5.42
C GLY A 239 5.61 22.49 5.27
N THR A 240 6.57 22.79 4.39
CA THR A 240 7.73 21.94 4.17
C THR A 240 8.95 22.51 4.90
N PHE A 241 10.03 21.75 4.93
CA PHE A 241 11.22 22.13 5.67
C PHE A 241 12.44 22.09 4.80
N GLN A 242 13.49 22.77 5.25
CA GLN A 242 14.79 22.83 4.57
C GLN A 242 15.90 22.43 5.52
N LYS A 243 16.99 21.93 4.95
CA LYS A 243 18.21 21.71 5.69
C LYS A 243 19.39 21.68 4.74
N TRP A 244 20.56 22.12 5.17
CA TRP A 244 21.75 21.88 4.38
C TRP A 244 22.94 21.47 5.20
N ALA A 245 23.82 20.70 4.57
CA ALA A 245 25.09 20.31 5.16
C ALA A 245 26.23 20.55 4.14
N SER A 246 27.31 21.19 4.58
CA SER A 246 28.40 21.56 3.68
C SER A 246 29.75 21.20 4.24
N VAL A 247 30.73 21.12 3.33
CA VAL A 247 32.07 20.66 3.69
C VAL A 247 33.15 21.35 2.84
N VAL A 248 34.34 21.50 3.43
CA VAL A 248 35.50 22.11 2.75
C VAL A 248 36.25 21.05 1.93
N VAL A 249 36.34 21.28 0.62
CA VAL A 249 36.94 20.31 -0.31
C VAL A 249 37.98 20.96 -1.23
N PRO A 250 39.15 20.29 -1.42
CA PRO A 250 40.16 20.73 -2.41
C PRO A 250 39.64 20.65 -3.85
N LEU A 251 40.15 21.53 -4.71
CA LEU A 251 39.63 21.67 -6.08
C LEU A 251 39.97 20.48 -6.99
N GLY A 252 39.07 20.20 -7.94
CA GLY A 252 39.26 19.11 -8.89
C GLY A 252 38.91 17.71 -8.39
N LYS A 253 38.91 17.52 -7.08
CA LYS A 253 38.74 16.20 -6.46
C LYS A 253 37.34 16.06 -5.85
N GLU A 254 36.34 16.73 -6.42
CA GLU A 254 35.03 16.84 -5.76
C GLU A 254 34.06 15.70 -6.10
N GLN A 255 34.46 14.80 -7.00
CA GLN A 255 33.65 13.62 -7.30
C GLN A 255 33.85 12.53 -6.23
N ASN A 256 34.89 12.67 -5.41
CA ASN A 256 35.19 11.73 -4.33
C ASN A 256 34.29 11.85 -3.09
N TYR A 257 33.61 13.00 -2.94
CA TYR A 257 32.74 13.26 -1.78
C TYR A 257 31.26 12.98 -2.06
N THR A 258 30.58 12.35 -1.11
CA THR A 258 29.18 11.93 -1.32
C THR A 258 28.26 12.28 -0.13
N CYS A 259 27.15 12.96 -0.46
CA CYS A 259 26.13 13.33 0.53
C CYS A 259 25.14 12.19 0.69
N ARG A 260 24.60 12.02 1.90
CA ARG A 260 23.52 11.05 2.13
C ARG A 260 22.34 11.64 2.91
N VAL A 261 21.18 11.76 2.26
CA VAL A 261 19.96 12.20 2.94
C VAL A 261 19.20 11.00 3.52
N TYR A 262 18.72 11.15 4.75
CA TYR A 262 17.92 10.10 5.39
C TYR A 262 16.63 10.75 5.85
N HIS A 263 15.48 10.22 5.38
CA HIS A 263 14.16 10.74 5.76
C HIS A 263 13.14 9.61 5.77
N GLU A 264 12.16 9.71 6.67
CA GLU A 264 11.18 8.64 6.88
C GLU A 264 10.19 8.41 5.73
N GLY A 265 10.21 9.27 4.72
CA GLY A 265 9.39 9.11 3.53
C GLY A 265 10.15 8.52 2.34
N LEU A 266 11.46 8.37 2.49
CA LEU A 266 12.33 7.80 1.45
C LEU A 266 12.29 6.25 1.47
N PRO A 267 12.16 5.61 0.29
CA PRO A 267 12.27 4.14 0.22
C PRO A 267 13.61 3.65 0.75
N GLU A 268 14.65 4.39 0.40
CA GLU A 268 16.00 4.18 0.92
C GLU A 268 16.74 5.52 0.92
N PRO A 269 17.82 5.63 1.72
CA PRO A 269 18.60 6.87 1.78
C PRO A 269 19.10 7.33 0.42
N LEU A 270 19.04 8.64 0.19
CA LEU A 270 19.62 9.24 -1.01
C LEU A 270 21.14 9.22 -0.95
N THR A 271 21.74 9.09 -2.13
CA THR A 271 23.19 9.18 -2.26
C THR A 271 23.48 9.98 -3.55
N LEU A 272 23.99 11.20 -3.39
CA LEU A 272 24.27 12.05 -4.55
C LEU A 272 25.49 12.96 -4.32
N ARG A 273 25.75 13.86 -5.27
CA ARG A 273 27.01 14.61 -5.32
C ARG A 273 26.91 15.85 -6.22
N TRP A 274 28.01 16.58 -6.36
CA TRP A 274 28.08 17.74 -7.27
C TRP A 274 28.20 17.25 -8.72
N GLU A 275 27.46 17.90 -9.62
CA GLU A 275 27.45 17.51 -11.03
C GLU A 275 27.59 18.72 -11.97
N ILE B 1 14.47 33.19 33.96
CA ILE B 1 15.75 33.75 33.42
C ILE B 1 15.77 33.75 31.89
N GLN B 2 16.61 34.61 31.33
CA GLN B 2 16.60 34.88 29.90
C GLN B 2 17.14 33.68 29.12
N LYS B 3 16.63 33.49 27.90
CA LYS B 3 17.18 32.52 26.91
C LYS B 3 17.34 33.25 25.57
N THR B 4 18.53 33.14 25.00
CA THR B 4 18.91 33.97 23.86
C THR B 4 18.41 33.39 22.52
N PRO B 5 17.70 34.20 21.71
CA PRO B 5 17.19 33.76 20.41
C PRO B 5 18.27 33.26 19.49
N GLN B 6 18.02 32.14 18.81
CA GLN B 6 18.85 31.68 17.70
C GLN B 6 18.13 32.10 16.43
N ILE B 7 18.88 32.58 15.44
CA ILE B 7 18.31 33.27 14.28
C ILE B 7 18.87 32.69 12.99
N GLN B 8 18.01 32.32 12.05
CA GLN B 8 18.47 32.03 10.69
C GLN B 8 17.70 32.85 9.73
N VAL B 9 18.35 33.26 8.65
CA VAL B 9 17.68 34.04 7.61
C VAL B 9 17.94 33.32 6.31
N TYR B 10 16.93 33.25 5.45
CA TYR B 10 16.98 32.37 4.28
C TYR B 10 15.71 32.51 3.46
N SER B 11 15.82 32.24 2.16
CA SER B 11 14.68 32.33 1.26
C SER B 11 13.89 31.02 1.28
N ARG B 12 12.60 31.12 0.99
CA ARG B 12 11.77 29.94 0.81
C ARG B 12 12.21 29.14 -0.40
N HIS B 13 12.37 29.82 -1.53
CA HIS B 13 12.79 29.19 -2.79
C HIS B 13 14.20 29.61 -3.17
N PRO B 14 14.88 28.80 -3.97
CA PRO B 14 16.22 29.19 -4.42
C PRO B 14 16.24 30.62 -4.95
N PRO B 15 17.19 31.44 -4.49
CA PRO B 15 17.23 32.83 -4.93
C PRO B 15 17.71 32.95 -6.37
N GLU B 16 17.07 33.82 -7.13
CA GLU B 16 17.43 34.11 -8.52
C GLU B 16 17.16 35.60 -8.65
N ASN B 17 18.17 36.37 -9.02
CA ASN B 17 18.03 37.83 -9.13
C ASN B 17 16.91 38.19 -10.09
N GLY B 18 16.09 39.17 -9.69
CA GLY B 18 14.95 39.65 -10.48
C GLY B 18 13.61 38.96 -10.20
N LYS B 19 13.67 37.71 -9.74
CA LYS B 19 12.47 36.87 -9.52
C LYS B 19 11.92 36.94 -8.09
N PRO B 20 10.69 37.46 -7.93
CA PRO B 20 10.07 37.52 -6.61
C PRO B 20 10.11 36.20 -5.84
N ASN B 21 10.17 36.34 -4.50
CA ASN B 21 10.46 35.25 -3.58
C ASN B 21 9.94 35.65 -2.18
N ILE B 22 10.24 34.84 -1.16
CA ILE B 22 9.84 35.13 0.22
C ILE B 22 11.06 35.04 1.08
N LEU B 23 11.29 36.06 1.91
CA LEU B 23 12.42 36.04 2.84
C LEU B 23 12.01 35.63 4.26
N ASN B 24 12.66 34.61 4.81
CA ASN B 24 12.33 34.12 6.16
C ASN B 24 13.33 34.56 7.22
N CYS B 25 12.81 34.85 8.43
CA CYS B 25 13.65 34.99 9.59
C CYS B 25 13.07 34.14 10.72
N TYR B 26 13.78 33.07 11.02
CA TYR B 26 13.31 32.03 11.90
C TYR B 26 14.05 32.22 13.19
N VAL B 27 13.31 32.56 14.25
CA VAL B 27 13.86 32.85 15.57
C VAL B 27 13.37 31.80 16.57
N THR B 28 14.29 31.16 17.29
CA THR B 28 13.96 30.03 18.14
C THR B 28 14.69 30.12 19.49
N GLN B 29 14.41 29.17 20.38
CA GLN B 29 15.17 29.00 21.64
C GLN B 29 15.16 30.25 22.55
N PHE B 30 14.11 31.04 22.50
CA PHE B 30 14.05 32.24 23.34
C PHE B 30 13.03 32.15 24.47
N HIS B 31 13.37 32.80 25.58
CA HIS B 31 12.47 33.07 26.71
C HIS B 31 12.92 34.39 27.35
N PRO B 32 11.97 35.27 27.72
CA PRO B 32 10.50 35.23 27.63
C PRO B 32 9.98 35.34 26.19
N PRO B 33 8.68 35.07 25.99
CA PRO B 33 8.11 35.04 24.63
C PRO B 33 7.99 36.42 23.94
N HIS B 34 8.07 37.49 24.72
CA HIS B 34 8.06 38.82 24.12
C HIS B 34 9.32 38.99 23.30
N ILE B 35 9.16 39.48 22.08
CA ILE B 35 10.26 39.57 21.13
C ILE B 35 9.93 40.64 20.06
N GLU B 36 10.95 41.36 19.61
CA GLU B 36 10.81 42.38 18.54
C GLU B 36 11.68 41.94 17.38
N ILE B 37 11.08 41.79 16.22
CA ILE B 37 11.81 41.37 15.06
C ILE B 37 11.54 42.38 13.94
N GLN B 38 12.62 42.82 13.30
CA GLN B 38 12.51 43.61 12.07
C GLN B 38 13.32 42.91 10.98
N MET B 39 12.86 43.04 9.75
CA MET B 39 13.63 42.62 8.59
C MET B 39 14.09 43.88 7.87
N LEU B 40 15.30 43.82 7.33
CA LEU B 40 15.96 45.00 6.77
C LEU B 40 16.37 44.80 5.34
N LYS B 41 16.20 45.86 4.56
CA LYS B 41 16.78 45.97 3.24
C LYS B 41 17.68 47.20 3.31
N ASN B 42 18.98 46.99 3.06
CA ASN B 42 19.98 48.07 3.10
C ASN B 42 19.92 48.86 4.41
N GLY B 43 19.76 48.13 5.51
CA GLY B 43 19.71 48.74 6.84
C GLY B 43 18.46 49.53 7.17
N LYS B 44 17.43 49.42 6.34
CA LYS B 44 16.16 50.13 6.58
C LYS B 44 15.06 49.10 6.79
N LYS B 45 14.18 49.35 7.75
CA LYS B 45 13.08 48.41 8.04
C LYS B 45 12.13 48.24 6.86
N ILE B 46 11.91 46.98 6.49
CA ILE B 46 10.84 46.62 5.56
C ILE B 46 9.51 46.68 6.31
N PRO B 47 8.59 47.57 5.90
CA PRO B 47 7.41 47.89 6.71
C PRO B 47 6.28 46.83 6.77
N LYS B 48 6.30 45.83 5.89
CA LYS B 48 5.10 44.99 5.66
C LYS B 48 5.23 43.57 6.23
N VAL B 49 6.00 43.42 7.31
CA VAL B 49 6.51 42.12 7.73
C VAL B 49 5.46 41.28 8.46
N GLU B 50 5.20 40.09 7.93
CA GLU B 50 4.28 39.14 8.54
C GLU B 50 4.96 38.23 9.56
N MET B 51 4.18 37.84 10.55
CA MET B 51 4.68 37.08 11.69
C MET B 51 3.78 35.89 11.91
N SER B 52 4.36 34.70 11.98
CA SER B 52 3.61 33.54 12.40
C SER B 52 3.10 33.77 13.83
N ASP B 53 2.13 32.96 14.19
CA ASP B 53 1.62 32.92 15.54
C ASP B 53 2.69 32.31 16.42
N MET B 54 2.66 32.65 17.71
CA MET B 54 3.78 32.20 18.53
C MET B 54 3.51 30.84 19.15
N SER B 55 4.59 30.10 19.28
CA SER B 55 4.55 28.72 19.70
C SER B 55 5.78 28.47 20.53
N PHE B 56 5.81 27.26 21.09
CA PHE B 56 6.90 26.86 21.90
C PHE B 56 7.14 25.37 21.74
N SER B 57 8.41 24.98 21.93
CA SER B 57 8.86 23.62 21.70
C SER B 57 8.86 22.81 22.99
N LYS B 58 9.17 21.52 22.86
CA LYS B 58 9.17 20.58 23.98
C LYS B 58 10.10 20.96 25.12
N ASP B 59 11.17 21.69 24.82
CA ASP B 59 12.09 22.21 25.83
C ASP B 59 11.57 23.51 26.48
N TRP B 60 10.34 23.90 26.14
CA TRP B 60 9.64 25.06 26.69
C TRP B 60 10.11 26.40 26.17
N SER B 61 11.08 26.41 25.27
CA SER B 61 11.51 27.62 24.60
C SER B 61 10.55 28.01 23.45
N PHE B 62 10.40 29.31 23.21
CA PHE B 62 9.49 29.83 22.18
C PHE B 62 10.16 29.97 20.81
N TYR B 63 9.35 30.08 19.77
CA TYR B 63 9.88 30.23 18.41
C TYR B 63 8.88 30.87 17.48
N ILE B 64 9.39 31.46 16.42
CA ILE B 64 8.55 32.29 15.56
C ILE B 64 9.23 32.46 14.22
N LEU B 65 8.45 32.37 13.14
CA LEU B 65 8.94 32.56 11.79
C LEU B 65 8.43 33.92 11.30
N ALA B 66 9.34 34.86 11.04
CA ALA B 66 8.98 36.13 10.37
C ALA B 66 9.26 36.00 8.87
N HIS B 67 8.47 36.69 8.07
CA HIS B 67 8.59 36.59 6.62
C HIS B 67 7.91 37.76 5.87
N THR B 68 8.52 38.11 4.73
CA THR B 68 8.11 39.24 3.91
C THR B 68 8.48 38.91 2.47
N GLU B 69 7.74 39.47 1.52
CA GLU B 69 8.03 39.28 0.11
C GLU B 69 9.20 40.17 -0.26
N PHE B 70 10.07 39.69 -1.13
CA PHE B 70 11.21 40.47 -1.57
C PHE B 70 11.69 39.89 -2.88
N THR B 71 12.53 40.64 -3.58
CA THR B 71 13.12 40.19 -4.84
C THR B 71 14.64 40.35 -4.73
N PRO B 72 15.38 39.25 -4.60
CA PRO B 72 16.82 39.43 -4.45
C PRO B 72 17.44 40.09 -5.68
N THR B 73 18.46 40.90 -5.46
CA THR B 73 19.26 41.47 -6.53
C THR B 73 20.73 41.27 -6.21
N GLU B 74 21.58 41.43 -7.22
CA GLU B 74 23.03 41.26 -7.09
C GLU B 74 23.68 42.09 -5.97
N THR B 75 23.06 43.20 -5.65
CA THR B 75 23.68 44.27 -4.89
C THR B 75 23.03 44.54 -3.54
N ASP B 76 21.72 44.38 -3.43
CA ASP B 76 21.01 44.66 -2.17
C ASP B 76 21.32 43.59 -1.14
N THR B 77 21.32 43.97 0.13
CA THR B 77 21.55 43.01 1.20
C THR B 77 20.40 43.08 2.17
N TYR B 78 19.94 41.90 2.60
CA TYR B 78 18.83 41.80 3.49
C TYR B 78 19.31 41.20 4.79
N ALA B 79 18.58 41.52 5.86
CA ALA B 79 19.03 41.22 7.20
C ALA B 79 17.84 41.03 8.08
N CYS B 80 18.05 40.33 9.19
CA CYS B 80 17.03 40.22 10.23
C CYS B 80 17.61 40.75 11.55
N ARG B 81 16.91 41.66 12.20
CA ARG B 81 17.36 42.23 13.44
C ARG B 81 16.35 41.94 14.55
N VAL B 82 16.82 41.27 15.60
CA VAL B 82 15.99 40.81 16.70
C VAL B 82 16.34 41.55 18.00
N LYS B 83 15.37 42.27 18.56
CA LYS B 83 15.52 42.90 19.87
C LYS B 83 14.79 42.07 20.93
N HIS B 84 15.47 41.74 22.02
CA HIS B 84 14.91 40.86 23.08
C HIS B 84 15.66 41.03 24.43
N ASP B 85 14.97 40.78 25.55
CA ASP B 85 15.51 41.07 26.91
C ASP B 85 16.82 40.32 27.31
N SER B 86 17.10 39.18 26.70
CA SER B 86 18.36 38.48 26.95
C SER B 86 19.59 39.16 26.34
N MET B 87 19.39 40.21 25.55
CA MET B 87 20.50 40.82 24.84
C MET B 87 20.45 42.32 25.13
N ALA B 88 21.60 42.90 25.44
CA ALA B 88 21.67 44.32 25.73
C ALA B 88 21.43 45.15 24.47
N GLU B 89 21.88 44.63 23.32
CA GLU B 89 21.64 45.26 22.02
C GLU B 89 21.02 44.32 20.99
N PRO B 90 20.32 44.91 20.00
CA PRO B 90 19.77 44.09 18.90
C PRO B 90 20.80 43.18 18.24
N LYS B 91 20.37 42.01 17.79
CA LYS B 91 21.25 41.11 17.06
C LYS B 91 20.84 41.06 15.58
N THR B 92 21.81 41.22 14.69
CA THR B 92 21.56 41.29 13.25
C THR B 92 22.21 40.10 12.59
N VAL B 93 21.44 39.38 11.78
CA VAL B 93 21.97 38.31 10.95
C VAL B 93 21.68 38.68 9.50
N TYR B 94 22.74 38.73 8.67
CA TYR B 94 22.59 39.07 7.26
C TYR B 94 22.23 37.84 6.43
N TRP B 95 21.40 38.05 5.40
CA TRP B 95 21.07 37.00 4.43
C TRP B 95 22.29 36.65 3.59
N ASP B 96 22.57 35.36 3.48
CA ASP B 96 23.61 34.88 2.60
C ASP B 96 22.92 33.96 1.59
N ARG B 97 22.94 34.36 0.32
CA ARG B 97 22.14 33.69 -0.72
C ARG B 97 22.49 32.21 -0.85
N ASP B 98 23.71 31.88 -0.46
CA ASP B 98 24.22 30.52 -0.50
C ASP B 98 23.97 29.69 0.75
N MET B 99 23.40 30.28 1.82
CA MET B 99 23.13 29.53 3.06
C MET B 99 21.64 29.41 3.43
N LYS C 1 -9.50 17.38 21.81
CA LYS C 1 -10.36 17.47 23.04
C LYS C 1 -9.51 18.06 24.17
N ALA C 2 -9.58 19.39 24.35
CA ALA C 2 -8.70 20.11 25.28
C ALA C 2 -8.85 19.60 26.70
N PRO C 3 -7.74 19.49 27.46
CA PRO C 3 -7.88 19.00 28.83
C PRO C 3 -8.49 20.08 29.73
N SER C 4 -8.93 19.69 30.92
CA SER C 4 -9.49 20.63 31.88
C SER C 4 -8.80 20.34 33.19
N ASN C 5 -8.04 21.31 33.70
CA ASN C 5 -7.18 21.05 34.83
C ASN C 5 -7.99 20.92 36.12
N PHE C 6 -7.36 20.31 37.11
CA PHE C 6 -8.05 20.06 38.35
C PHE C 6 -7.58 21.06 39.38
N ALA C 7 -7.13 20.63 40.54
CA ALA C 7 -6.63 21.54 41.56
C ALA C 7 -5.62 22.53 40.99
N THR C 8 -5.67 23.76 41.48
CA THR C 8 -4.74 24.79 41.11
C THR C 8 -3.39 24.53 41.75
N MET C 9 -2.35 25.09 41.13
CA MET C 9 -1.03 25.00 41.71
C MET C 9 -1.00 25.64 43.11
N GLY D 1 9.67 2.46 7.21
CA GLY D 1 9.24 1.84 8.51
C GLY D 1 10.46 1.39 9.28
N PRO D 2 10.34 1.20 10.60
CA PRO D 2 11.54 0.82 11.35
C PRO D 2 12.04 -0.56 10.95
N HIS D 3 13.37 -0.74 10.91
CA HIS D 3 13.99 -2.04 10.67
C HIS D 3 14.92 -2.44 11.81
N SER D 4 15.30 -3.73 11.83
CA SER D 4 16.16 -4.28 12.88
C SER D 4 16.89 -5.51 12.40
N MET D 5 18.02 -5.80 13.05
CA MET D 5 18.75 -7.03 12.86
C MET D 5 19.19 -7.56 14.23
N ARG D 6 19.17 -8.88 14.42
CA ARG D 6 19.70 -9.49 15.64
C ARG D 6 20.48 -10.75 15.38
N TYR D 7 21.48 -11.02 16.23
CA TYR D 7 22.01 -12.36 16.38
C TYR D 7 21.68 -12.89 17.77
N PHE D 8 21.08 -14.07 17.82
CA PHE D 8 20.75 -14.77 19.07
C PHE D 8 21.66 -15.97 19.19
N GLU D 9 22.55 -15.95 20.18
CA GLU D 9 23.52 -17.00 20.35
C GLU D 9 23.35 -17.76 21.69
N THR D 10 23.63 -19.06 21.65
CA THR D 10 23.38 -20.00 22.72
C THR D 10 24.50 -21.02 22.73
N ALA D 11 25.11 -21.24 23.90
CA ALA D 11 25.97 -22.41 24.12
C ALA D 11 25.46 -23.20 25.30
N VAL D 12 25.37 -24.51 25.12
CA VAL D 12 24.77 -25.38 26.13
C VAL D 12 25.79 -26.44 26.53
N SER D 13 25.99 -26.62 27.83
CA SER D 13 26.81 -27.72 28.31
C SER D 13 25.90 -28.73 29.01
N ARG D 14 26.15 -29.99 28.74
CA ARG D 14 25.40 -31.05 29.39
C ARG D 14 26.39 -32.01 30.04
N PRO D 15 25.97 -32.67 31.13
CA PRO D 15 26.94 -33.39 31.96
C PRO D 15 27.79 -34.35 31.14
N GLY D 16 27.15 -35.22 30.38
CA GLY D 16 27.86 -36.24 29.63
C GLY D 16 28.67 -35.70 28.47
N LEU D 17 28.18 -34.63 27.84
CA LEU D 17 28.84 -34.03 26.66
C LEU D 17 30.21 -33.50 27.03
N GLU D 18 31.15 -33.63 26.09
CA GLU D 18 32.50 -33.09 26.27
C GLU D 18 32.46 -31.57 26.03
N GLU D 19 32.29 -31.18 24.76
CA GLU D 19 32.20 -29.78 24.37
C GLU D 19 30.75 -29.32 24.44
N PRO D 20 30.53 -28.04 24.81
CA PRO D 20 29.20 -27.45 24.67
C PRO D 20 28.76 -27.43 23.20
N ARG D 21 27.44 -27.34 22.99
CA ARG D 21 26.88 -27.19 21.66
C ARG D 21 26.60 -25.71 21.47
N TYR D 22 26.96 -25.15 20.31
CA TYR D 22 26.87 -23.72 20.05
C TYR D 22 25.96 -23.45 18.84
N ILE D 23 24.91 -22.67 19.08
CA ILE D 23 23.95 -22.30 18.07
C ILE D 23 23.84 -20.79 17.96
N SER D 24 23.89 -20.29 16.72
CA SER D 24 23.72 -18.89 16.43
C SER D 24 22.70 -18.71 15.34
N VAL D 25 21.74 -17.80 15.56
CA VAL D 25 20.65 -17.54 14.63
C VAL D 25 20.59 -16.03 14.37
N GLY D 26 20.62 -15.65 13.09
CA GLY D 26 20.50 -14.26 12.66
C GLY D 26 19.07 -13.96 12.26
N TYR D 27 18.65 -12.71 12.44
CA TYR D 27 17.32 -12.26 12.08
C TYR D 27 17.40 -10.87 11.48
N VAL D 28 16.57 -10.64 10.46
CA VAL D 28 16.36 -9.31 9.92
C VAL D 28 14.87 -9.02 10.01
N ASP D 29 14.52 -7.87 10.56
CA ASP D 29 13.10 -7.58 10.86
C ASP D 29 12.33 -8.80 11.47
N ASN D 30 12.94 -9.45 12.47
CA ASN D 30 12.28 -10.51 13.28
C ASN D 30 12.03 -11.84 12.54
N LYS D 31 12.64 -12.00 11.37
CA LYS D 31 12.53 -13.19 10.54
C LYS D 31 13.91 -13.78 10.41
N GLU D 32 14.03 -15.09 10.67
CA GLU D 32 15.32 -15.78 10.62
C GLU D 32 15.85 -15.69 9.19
N PHE D 33 17.16 -15.43 9.02
CA PHE D 33 17.78 -15.35 7.67
C PHE D 33 19.12 -16.04 7.52
N VAL D 34 19.75 -16.45 8.62
CA VAL D 34 20.96 -17.29 8.61
C VAL D 34 21.03 -18.10 9.91
N ARG D 35 21.90 -19.09 9.96
CA ARG D 35 21.93 -19.99 11.08
C ARG D 35 23.15 -20.88 11.08
N PHE D 36 23.81 -21.00 12.24
CA PHE D 36 24.95 -21.90 12.45
C PHE D 36 24.66 -22.77 13.64
N ASP D 37 25.06 -24.05 13.56
CA ASP D 37 24.81 -25.04 14.58
C ASP D 37 25.95 -26.10 14.65
N SER D 38 26.68 -26.09 15.76
CA SER D 38 27.87 -26.92 15.93
C SER D 38 27.60 -28.43 15.93
N ASP D 39 26.33 -28.82 16.01
CA ASP D 39 25.95 -30.24 15.94
C ASP D 39 25.96 -30.82 14.52
N ALA D 40 25.73 -29.98 13.51
CA ALA D 40 25.74 -30.41 12.11
C ALA D 40 27.06 -31.10 11.73
N GLU D 41 26.98 -32.05 10.79
CA GLU D 41 28.14 -32.83 10.34
C GLU D 41 29.24 -31.96 9.72
N ASN D 42 28.83 -30.87 9.06
CA ASN D 42 29.77 -29.86 8.64
C ASN D 42 29.28 -28.49 9.12
N PRO D 43 29.69 -28.08 10.34
CA PRO D 43 29.15 -26.83 10.91
C PRO D 43 29.54 -25.58 10.11
N ARG D 44 28.55 -24.84 9.64
CA ARG D 44 28.77 -23.56 8.99
C ARG D 44 27.48 -22.77 8.90
N TYR D 45 27.61 -21.45 8.80
CA TYR D 45 26.46 -20.58 8.59
C TYR D 45 25.77 -20.92 7.27
N GLU D 46 24.45 -21.13 7.32
CA GLU D 46 23.65 -21.51 6.17
C GLU D 46 22.58 -20.43 5.95
N PRO D 47 22.19 -20.19 4.68
CA PRO D 47 21.13 -19.21 4.43
C PRO D 47 19.79 -19.74 4.90
N ARG D 48 18.92 -18.84 5.32
CA ARG D 48 17.67 -19.27 5.89
C ARG D 48 16.44 -18.67 5.23
N ALA D 49 16.66 -17.69 4.37
CA ALA D 49 15.64 -17.20 3.43
C ALA D 49 16.27 -17.20 2.04
N PRO D 50 15.45 -17.39 1.00
CA PRO D 50 16.00 -17.44 -0.37
C PRO D 50 16.74 -16.17 -0.82
N TRP D 51 16.38 -15.00 -0.29
CA TRP D 51 17.09 -13.77 -0.64
C TRP D 51 18.57 -13.72 -0.19
N MET D 52 18.99 -14.64 0.70
CA MET D 52 20.37 -14.68 1.21
C MET D 52 21.33 -15.55 0.40
N GLU D 53 20.80 -16.40 -0.46
CA GLU D 53 21.65 -17.19 -1.35
C GLU D 53 22.46 -16.29 -2.31
N GLN D 54 21.94 -15.12 -2.66
CA GLN D 54 22.69 -14.10 -3.42
C GLN D 54 24.12 -13.90 -2.92
N GLU D 55 24.38 -14.26 -1.66
CA GLU D 55 25.69 -14.10 -1.07
C GLU D 55 26.55 -15.28 -1.49
N GLY D 56 27.76 -14.98 -1.95
CA GLY D 56 28.63 -15.99 -2.48
C GLY D 56 29.29 -16.80 -1.39
N PRO D 57 30.18 -17.75 -1.77
CA PRO D 57 30.86 -18.58 -0.79
C PRO D 57 31.82 -17.82 0.14
N GLU D 58 32.26 -16.62 -0.26
CA GLU D 58 33.18 -15.88 0.60
C GLU D 58 32.38 -15.45 1.83
N TYR D 59 31.25 -14.81 1.61
CA TYR D 59 30.36 -14.39 2.70
C TYR D 59 30.16 -15.49 3.75
N TRP D 60 29.86 -16.69 3.29
CA TRP D 60 29.63 -17.82 4.17
C TRP D 60 30.92 -18.33 4.87
N GLU D 61 32.03 -18.38 4.14
CA GLU D 61 33.28 -18.90 4.72
C GLU D 61 33.78 -18.06 5.88
N ARG D 62 33.64 -16.75 5.77
CA ARG D 62 34.17 -15.85 6.79
C ARG D 62 33.29 -15.89 8.06
N GLU D 63 31.98 -15.78 7.87
CA GLU D 63 31.00 -15.93 8.96
C GLU D 63 31.23 -17.23 9.69
N THR D 64 31.26 -18.34 8.98
CA THR D 64 31.58 -19.62 9.60
C THR D 64 32.83 -19.63 10.46
N GLN D 65 33.91 -18.97 10.02
CA GLN D 65 35.07 -18.79 10.90
C GLN D 65 34.79 -17.87 12.11
N LYS D 66 33.99 -16.82 11.92
CA LYS D 66 33.57 -16.00 13.06
C LYS D 66 32.80 -16.84 14.07
N ALA D 67 31.87 -17.64 13.58
CA ALA D 67 31.10 -18.55 14.41
C ALA D 67 32.03 -19.43 15.20
N LYS D 68 33.08 -19.93 14.55
CA LYS D 68 34.01 -20.85 15.21
C LYS D 68 34.79 -20.17 16.31
N GLY D 69 35.06 -18.88 16.15
CA GLY D 69 35.69 -18.10 17.22
C GLY D 69 34.76 -17.83 18.40
N GLN D 70 33.46 -17.72 18.10
CA GLN D 70 32.47 -17.53 19.13
C GLN D 70 32.27 -18.79 19.93
N GLU D 71 32.22 -19.94 19.26
CA GLU D 71 32.16 -21.22 19.94
C GLU D 71 33.22 -21.30 21.03
N GLN D 72 34.47 -20.97 20.67
CA GLN D 72 35.55 -21.02 21.67
C GLN D 72 35.37 -19.96 22.80
N TRP D 73 34.90 -18.77 22.44
CA TRP D 73 34.65 -17.71 23.37
C TRP D 73 33.63 -18.16 24.38
N PHE D 74 32.56 -18.76 23.89
CA PHE D 74 31.47 -19.24 24.75
C PHE D 74 31.92 -20.40 25.62
N ARG D 75 32.80 -21.24 25.08
CA ARG D 75 33.32 -22.35 25.86
C ARG D 75 34.13 -21.83 27.03
N VAL D 76 35.04 -20.90 26.76
CA VAL D 76 35.82 -20.31 27.83
C VAL D 76 34.94 -19.53 28.83
N SER D 77 33.99 -18.76 28.33
CA SER D 77 33.06 -18.05 29.20
C SER D 77 32.27 -18.97 30.17
N LEU D 78 31.85 -20.12 29.67
CA LEU D 78 31.07 -21.10 30.45
C LEU D 78 31.88 -21.67 31.61
N ARG D 79 33.13 -22.03 31.29
CA ARG D 79 34.13 -22.46 32.28
C ARG D 79 34.38 -21.42 33.39
N ASN D 80 34.61 -20.16 33.01
CA ASN D 80 34.76 -19.05 33.98
C ASN D 80 33.51 -18.90 34.87
N LEU D 81 32.33 -18.91 34.26
CA LEU D 81 31.06 -18.76 34.98
C LEU D 81 30.84 -19.86 36.05
N LEU D 82 31.16 -21.11 35.71
CA LEU D 82 31.21 -22.24 36.69
C LEU D 82 31.98 -21.85 37.95
N GLY D 83 33.22 -21.43 37.75
CA GLY D 83 34.05 -20.91 38.83
C GLY D 83 33.43 -19.76 39.63
N TYR D 84 32.87 -18.77 38.92
CA TYR D 84 32.25 -17.59 39.58
C TYR D 84 31.05 -17.96 40.44
N TYR D 85 30.25 -18.95 40.03
CA TYR D 85 29.07 -19.33 40.81
C TYR D 85 29.27 -20.56 41.69
N ASN D 86 30.53 -21.01 41.80
CA ASN D 86 30.90 -22.14 42.65
C ASN D 86 30.05 -23.37 42.33
N GLN D 87 29.83 -23.59 41.04
CA GLN D 87 29.03 -24.73 40.59
C GLN D 87 30.06 -25.80 40.36
N SER D 88 29.76 -27.03 40.63
CA SER D 88 30.84 -27.96 40.37
C SER D 88 30.66 -28.48 38.92
N ALA D 89 31.42 -29.50 38.55
CA ALA D 89 31.10 -30.32 37.39
C ALA D 89 29.86 -31.07 37.79
N GLY D 90 29.06 -31.51 36.83
CA GLY D 90 27.94 -32.44 37.13
C GLY D 90 26.56 -31.89 36.84
N GLY D 91 26.48 -31.03 35.81
CA GLY D 91 25.23 -30.30 35.50
C GLY D 91 25.02 -29.85 34.08
N SER D 92 23.90 -29.17 33.84
CA SER D 92 23.66 -28.49 32.58
C SER D 92 23.73 -26.99 32.81
N HIS D 93 24.35 -26.26 31.88
CA HIS D 93 24.47 -24.79 31.97
C HIS D 93 24.33 -24.15 30.61
N THR D 94 23.86 -22.91 30.62
CA THR D 94 23.40 -22.24 29.41
C THR D 94 23.93 -20.83 29.39
N LEU D 95 24.56 -20.43 28.30
CA LEU D 95 24.96 -19.04 28.11
C LEU D 95 24.33 -18.52 26.83
N GLN D 96 23.74 -17.33 26.90
CA GLN D 96 22.99 -16.79 25.77
C GLN D 96 23.38 -15.38 25.52
N GLN D 97 23.31 -14.97 24.24
CA GLN D 97 23.63 -13.60 23.81
C GLN D 97 22.61 -13.09 22.79
N MET D 98 22.21 -11.83 22.94
CA MET D 98 21.43 -11.12 21.93
C MET D 98 22.19 -9.87 21.58
N SER D 99 22.45 -9.70 20.29
CA SER D 99 23.11 -8.49 19.78
C SER D 99 22.43 -7.97 18.50
N GLY D 100 22.59 -6.68 18.23
CA GLY D 100 22.20 -6.11 16.97
C GLY D 100 21.81 -4.67 17.09
N CYS D 101 21.21 -4.15 16.02
CA CYS D 101 20.83 -2.75 15.92
C CYS D 101 19.38 -2.58 15.55
N ASP D 102 18.86 -1.37 15.75
CA ASP D 102 17.50 -0.98 15.39
C ASP D 102 17.55 0.30 14.55
N LEU D 103 16.86 0.34 13.41
CA LEU D 103 16.85 1.56 12.59
C LEU D 103 15.48 2.27 12.60
N GLY D 104 15.49 3.59 12.60
CA GLY D 104 14.26 4.36 12.41
C GLY D 104 13.80 4.22 10.96
N SER D 105 12.64 4.80 10.66
CA SER D 105 12.11 4.74 9.29
C SER D 105 13.07 5.42 8.31
N ASP D 106 13.83 6.38 8.80
CA ASP D 106 14.91 7.02 8.05
C ASP D 106 16.18 6.15 7.89
N TRP D 107 16.13 4.88 8.29
CA TRP D 107 17.30 3.96 8.24
C TRP D 107 18.50 4.34 9.15
N ARG D 108 18.35 5.33 10.01
CA ARG D 108 19.43 5.68 10.94
C ARG D 108 19.28 4.90 12.25
N LEU D 109 20.41 4.53 12.84
CA LEU D 109 20.48 3.81 14.12
C LEU D 109 19.60 4.47 15.18
N LEU D 110 18.71 3.68 15.76
CA LEU D 110 17.88 4.13 16.86
C LEU D 110 18.54 3.67 18.16
N ARG D 111 18.96 2.41 18.18
CA ARG D 111 19.41 1.76 19.40
C ARG D 111 20.27 0.55 19.08
N GLY D 112 21.40 0.43 19.76
CA GLY D 112 22.17 -0.82 19.78
C GLY D 112 21.65 -1.70 20.91
N TYR D 113 21.89 -3.00 20.82
CA TYR D 113 21.55 -3.96 21.87
C TYR D 113 22.68 -4.95 21.97
N LEU D 114 23.04 -5.29 23.22
CA LEU D 114 24.00 -6.34 23.56
C LEU D 114 23.60 -6.80 24.95
N GLN D 115 23.16 -8.06 25.07
CA GLN D 115 22.72 -8.60 26.33
C GLN D 115 23.22 -10.05 26.45
N PHE D 116 23.57 -10.46 27.66
CA PHE D 116 23.91 -11.84 27.92
C PHE D 116 23.10 -12.38 29.07
N ALA D 117 22.79 -13.69 29.03
CA ALA D 117 22.13 -14.36 30.15
C ALA D 117 22.86 -15.64 30.50
N TYR D 118 22.89 -15.97 31.77
CA TYR D 118 23.43 -17.21 32.23
C TYR D 118 22.32 -17.99 32.90
N GLU D 119 22.25 -19.30 32.66
CA GLU D 119 21.17 -20.15 33.15
C GLU D 119 19.79 -19.57 32.87
N GLY D 120 19.63 -18.83 31.78
CA GLY D 120 18.36 -18.18 31.46
C GLY D 120 18.04 -16.87 32.16
N ARG D 121 19.03 -16.28 32.82
CA ARG D 121 18.81 -15.08 33.61
C ARG D 121 19.81 -14.03 33.26
N ASP D 122 19.31 -12.79 33.20
CA ASP D 122 20.12 -11.61 33.01
C ASP D 122 21.41 -11.73 33.78
N TYR D 123 22.51 -11.53 33.07
CA TYR D 123 23.83 -11.59 33.63
C TYR D 123 24.54 -10.23 33.53
N ILE D 124 24.78 -9.80 32.31
CA ILE D 124 25.35 -8.49 32.05
C ILE D 124 24.76 -7.99 30.74
N ALA D 125 24.63 -6.68 30.63
CA ALA D 125 23.95 -6.07 29.53
C ALA D 125 24.59 -4.74 29.23
N LEU D 126 24.75 -4.43 27.94
CA LEU D 126 25.23 -3.11 27.56
C LEU D 126 24.07 -2.12 27.59
N ASN D 127 24.27 -0.99 28.27
CA ASN D 127 23.23 0.07 28.31
C ASN D 127 23.07 0.80 26.94
N GLU D 128 21.94 1.48 26.78
CA GLU D 128 21.60 2.16 25.53
C GLU D 128 22.59 3.25 25.13
N ASP D 129 23.39 3.73 26.08
CA ASP D 129 24.48 4.65 25.79
C ASP D 129 25.70 3.99 25.17
N LEU D 130 25.71 2.65 25.13
CA LEU D 130 26.78 1.87 24.51
C LEU D 130 28.15 2.21 25.09
N LYS D 131 28.16 2.62 26.36
CA LYS D 131 29.35 2.89 27.09
C LYS D 131 29.39 2.14 28.43
N THR D 132 28.26 2.04 29.12
CA THR D 132 28.23 1.49 30.48
C THR D 132 27.43 0.18 30.54
N TRP D 133 27.74 -0.66 31.54
CA TRP D 133 27.18 -1.99 31.73
C TRP D 133 26.26 -2.10 32.95
N THR D 134 25.12 -2.74 32.77
CA THR D 134 24.24 -3.18 33.87
C THR D 134 24.50 -4.67 34.17
N ALA D 135 24.76 -4.98 35.43
CA ALA D 135 25.06 -6.35 35.86
C ALA D 135 24.49 -6.47 37.27
N ALA D 136 23.63 -7.46 37.49
CA ALA D 136 22.93 -7.50 38.77
C ALA D 136 23.72 -8.31 39.78
N ASP D 137 24.12 -9.52 39.43
CA ASP D 137 24.62 -10.47 40.43
C ASP D 137 25.94 -10.03 41.05
N MET D 138 26.16 -10.39 42.31
CA MET D 138 27.49 -10.22 42.89
C MET D 138 28.52 -10.86 41.97
N ALA D 139 28.25 -12.08 41.49
CA ALA D 139 29.15 -12.79 40.61
C ALA D 139 29.44 -12.00 39.35
N ALA D 140 28.41 -11.39 38.77
CA ALA D 140 28.55 -10.65 37.53
C ALA D 140 29.39 -9.38 37.64
N GLN D 141 29.69 -8.93 38.86
CA GLN D 141 30.55 -7.74 39.02
C GLN D 141 31.99 -8.05 38.54
N ILE D 142 32.42 -9.30 38.68
CA ILE D 142 33.75 -9.70 38.23
C ILE D 142 33.86 -9.41 36.71
N THR D 143 32.85 -9.87 35.96
CA THR D 143 32.81 -9.64 34.54
C THR D 143 32.71 -8.16 34.21
N ARG D 144 31.93 -7.43 34.98
CA ARG D 144 31.76 -5.99 34.73
C ARG D 144 33.08 -5.24 34.93
N ARG D 145 33.78 -5.52 36.02
CA ARG D 145 35.10 -4.90 36.24
C ARG D 145 36.09 -5.22 35.12
N LYS D 146 36.18 -6.50 34.75
CA LYS D 146 37.03 -6.97 33.64
C LYS D 146 36.73 -6.11 32.37
N TRP D 147 35.48 -6.10 31.94
CA TRP D 147 35.07 -5.45 30.70
C TRP D 147 35.20 -3.93 30.72
N GLU D 148 34.99 -3.32 31.88
CA GLU D 148 35.28 -1.89 32.06
C GLU D 148 36.77 -1.61 31.88
N GLN D 149 37.60 -2.42 32.51
CA GLN D 149 39.06 -2.28 32.39
C GLN D 149 39.64 -2.61 30.99
N SER D 150 38.96 -3.46 30.23
CA SER D 150 39.45 -3.86 28.91
C SER D 150 38.93 -2.98 27.78
N GLY D 151 38.06 -2.03 28.10
CA GLY D 151 37.38 -1.24 27.09
C GLY D 151 36.49 -2.08 26.19
N ALA D 152 35.89 -3.16 26.71
CA ALA D 152 34.97 -3.97 25.94
C ALA D 152 33.85 -3.15 25.31
N ALA D 153 33.26 -2.22 26.04
CA ALA D 153 32.15 -1.43 25.49
C ALA D 153 32.45 -0.73 24.16
N GLU D 154 33.63 -0.14 24.04
CA GLU D 154 34.01 0.67 22.86
C GLU D 154 34.08 -0.18 21.58
N HIS D 155 34.64 -1.37 21.71
CA HIS D 155 34.66 -2.31 20.60
C HIS D 155 33.25 -2.80 20.23
N TYR D 156 32.44 -3.21 21.19
CA TYR D 156 31.04 -3.56 20.88
C TYR D 156 30.32 -2.39 20.22
N LYS D 157 30.50 -1.18 20.75
CA LYS D 157 29.90 0.06 20.19
C LYS D 157 30.26 0.29 18.70
N ALA D 158 31.51 0.06 18.31
CA ALA D 158 31.91 0.17 16.90
C ALA D 158 31.19 -0.86 16.04
N TYR D 159 31.10 -2.10 16.52
CA TYR D 159 30.33 -3.10 15.81
C TYR D 159 28.87 -2.70 15.62
N LEU D 160 28.20 -2.32 16.70
CA LEU D 160 26.76 -2.00 16.64
C LEU D 160 26.44 -0.76 15.82
N GLU D 161 27.34 0.23 15.83
CA GLU D 161 27.16 1.47 15.04
C GLU D 161 27.68 1.30 13.61
N GLY D 162 28.65 0.40 13.41
CA GLY D 162 29.30 0.24 12.10
C GLY D 162 28.76 -0.98 11.35
N GLU D 163 29.46 -2.09 11.46
CA GLU D 163 29.07 -3.28 10.73
C GLU D 163 27.57 -3.54 10.75
N CYS D 164 26.98 -3.56 11.95
CA CYS D 164 25.58 -3.94 12.13
C CYS D 164 24.66 -3.08 11.27
N VAL D 165 24.92 -1.79 11.22
CA VAL D 165 24.09 -0.91 10.44
C VAL D 165 24.45 -1.17 8.97
N GLU D 166 25.74 -1.12 8.66
CA GLU D 166 26.20 -1.23 7.27
C GLU D 166 25.60 -2.43 6.61
N TRP D 167 25.81 -3.60 7.20
CA TRP D 167 25.30 -4.85 6.65
C TRP D 167 23.79 -5.00 6.72
N LEU D 168 23.15 -4.41 7.72
CA LEU D 168 21.69 -4.39 7.76
C LEU D 168 21.18 -3.60 6.54
N HIS D 169 21.75 -2.43 6.29
CA HIS D 169 21.44 -1.68 5.06
C HIS D 169 21.61 -2.56 3.82
N ARG D 170 22.71 -3.31 3.72
CA ARG D 170 22.94 -4.19 2.57
C ARG D 170 21.85 -5.25 2.41
N TYR D 171 21.35 -5.78 3.53
CA TYR D 171 20.38 -6.88 3.50
C TYR D 171 18.98 -6.42 3.21
N LEU D 172 18.68 -5.16 3.49
CA LEU D 172 17.31 -4.65 3.28
C LEU D 172 17.05 -4.50 1.79
N LYS D 173 18.02 -3.94 1.08
CA LYS D 173 17.94 -3.74 -0.37
C LYS D 173 17.72 -5.06 -1.11
N ASN D 174 18.49 -6.09 -0.76
CA ASN D 174 18.27 -7.45 -1.27
C ASN D 174 16.96 -8.00 -0.71
N ARG D 181 6.54 -6.05 5.33
CA ARG D 181 5.09 -6.18 5.13
C ARG D 181 4.39 -6.74 6.37
N THR D 182 3.16 -6.29 6.60
CA THR D 182 2.35 -6.72 7.71
C THR D 182 1.08 -7.38 7.21
N ASP D 183 0.72 -8.50 7.81
CA ASP D 183 -0.54 -9.13 7.52
C ASP D 183 -1.57 -8.73 8.59
N SER D 184 -2.67 -8.13 8.14
CA SER D 184 -3.69 -7.66 9.06
C SER D 184 -4.57 -8.82 9.49
N PRO D 185 -5.11 -8.76 10.72
CA PRO D 185 -6.02 -9.81 11.17
C PRO D 185 -7.39 -9.74 10.49
N LYS D 186 -7.95 -10.90 10.18
CA LYS D 186 -9.34 -10.99 9.77
C LYS D 186 -9.98 -11.62 10.99
N ALA D 187 -11.04 -11.01 11.49
CA ALA D 187 -11.70 -11.49 12.70
C ALA D 187 -13.14 -11.94 12.41
N HIS D 188 -13.68 -12.72 13.34
CA HIS D 188 -15.08 -13.12 13.32
C HIS D 188 -15.48 -13.68 14.67
N VAL D 189 -16.77 -13.64 14.96
CA VAL D 189 -17.30 -14.20 16.20
C VAL D 189 -18.14 -15.46 15.92
N THR D 190 -17.94 -16.48 16.75
CA THR D 190 -18.68 -17.73 16.69
C THR D 190 -19.64 -17.78 17.88
N HIS D 191 -20.52 -18.78 17.87
CA HIS D 191 -21.54 -18.95 18.91
C HIS D 191 -21.49 -20.36 19.49
N HIS D 192 -20.98 -20.48 20.72
CA HIS D 192 -20.92 -21.74 21.46
C HIS D 192 -21.90 -21.70 22.64
N PRO D 193 -22.75 -22.75 22.79
CA PRO D 193 -23.72 -22.80 23.91
C PRO D 193 -23.19 -23.43 25.19
N ARG D 194 -23.65 -22.94 26.35
CA ARG D 194 -23.34 -23.53 27.66
C ARG D 194 -24.34 -23.09 28.75
N SER D 195 -24.72 -24.03 29.61
CA SER D 195 -25.79 -23.81 30.60
C SER D 195 -27.10 -23.37 29.92
N GLU D 198 -26.97 -19.32 29.29
CA GLU D 198 -25.74 -18.61 28.93
C GLU D 198 -25.19 -19.05 27.57
N VAL D 199 -24.29 -18.24 27.04
CA VAL D 199 -23.56 -18.58 25.81
C VAL D 199 -22.19 -17.93 25.83
N THR D 200 -21.21 -18.65 25.26
CA THR D 200 -19.85 -18.14 25.10
C THR D 200 -19.79 -17.42 23.76
N LEU D 201 -19.32 -16.19 23.77
CA LEU D 201 -18.97 -15.50 22.53
C LEU D 201 -17.44 -15.51 22.38
N ARG D 202 -16.98 -15.86 21.18
CA ARG D 202 -15.58 -16.21 20.95
C ARG D 202 -15.03 -15.49 19.71
N CYS D 203 -14.36 -14.36 19.96
CA CYS D 203 -13.77 -13.53 18.92
C CYS D 203 -12.41 -14.09 18.55
N TRP D 204 -12.27 -14.53 17.29
CA TRP D 204 -11.02 -15.06 16.74
C TRP D 204 -10.35 -14.00 15.90
N ALA D 205 -9.02 -14.01 15.92
CA ALA D 205 -8.24 -13.24 14.97
C ALA D 205 -7.30 -14.21 14.31
N LEU D 206 -7.22 -14.14 12.98
CA LEU D 206 -6.42 -15.06 12.17
C LEU D 206 -5.78 -14.31 11.02
N GLY D 207 -4.73 -14.94 10.49
CA GLY D 207 -4.01 -14.42 9.33
C GLY D 207 -2.96 -13.36 9.61
N PHE D 208 -2.74 -12.99 10.88
CA PHE D 208 -1.97 -11.76 11.16
C PHE D 208 -0.47 -11.90 11.40
N TYR D 209 0.28 -10.90 10.91
CA TYR D 209 1.70 -10.80 11.12
C TYR D 209 2.07 -9.30 11.25
N PRO D 210 2.97 -8.91 12.18
CA PRO D 210 3.65 -9.68 13.22
C PRO D 210 2.70 -10.19 14.32
N ALA D 211 3.25 -10.93 15.28
CA ALA D 211 2.43 -11.56 16.33
C ALA D 211 1.73 -10.58 17.26
N ASP D 212 2.31 -9.40 17.46
CA ASP D 212 1.76 -8.40 18.40
C ASP D 212 0.32 -8.04 18.06
N ILE D 213 -0.60 -8.29 18.99
CA ILE D 213 -2.04 -8.04 18.78
C ILE D 213 -2.71 -7.79 20.12
N THR D 214 -3.86 -7.13 20.08
CA THR D 214 -4.66 -6.91 21.28
C THR D 214 -6.15 -7.14 20.99
N LEU D 215 -6.76 -8.11 21.65
CA LEU D 215 -8.19 -8.41 21.54
C LEU D 215 -8.94 -8.00 22.80
N THR D 216 -10.08 -7.32 22.65
CA THR D 216 -10.89 -6.88 23.80
C THR D 216 -12.38 -7.11 23.53
N TRP D 217 -13.13 -7.42 24.58
CA TRP D 217 -14.59 -7.52 24.51
C TRP D 217 -15.19 -6.38 25.31
N GLN D 218 -16.09 -5.62 24.68
CA GLN D 218 -16.75 -4.48 25.32
C GLN D 218 -18.25 -4.73 25.48
N LEU D 219 -18.70 -4.79 26.74
CA LEU D 219 -20.14 -4.76 27.06
C LEU D 219 -21.22 -3.83 26.53
N ASN D 220 -21.04 -2.52 26.74
CA ASN D 220 -21.90 -1.48 26.18
C ASN D 220 -20.76 -0.54 25.75
N GLY D 221 -19.75 -0.39 26.61
CA GLY D 221 -18.55 0.35 26.25
C GLY D 221 -17.41 0.35 27.26
N GLU D 222 -17.36 -0.64 28.14
CA GLU D 222 -16.31 -0.75 29.16
C GLU D 222 -15.29 -1.82 28.77
N MET D 228 -12.43 -12.81 31.52
CA MET D 228 -12.42 -13.11 30.08
C MET D 228 -11.31 -14.13 29.78
N GLU D 229 -11.64 -15.15 28.98
CA GLU D 229 -10.68 -16.22 28.68
C GLU D 229 -10.05 -16.13 27.29
N LEU D 230 -8.82 -16.62 27.18
CA LEU D 230 -8.04 -16.49 25.95
C LEU D 230 -6.98 -17.58 25.81
N VAL D 231 -6.36 -17.62 24.64
CA VAL D 231 -5.15 -18.38 24.43
C VAL D 231 -4.07 -17.37 24.12
N GLU D 232 -2.83 -17.72 24.42
CA GLU D 232 -1.70 -16.90 24.02
C GLU D 232 -1.61 -16.91 22.49
N THR D 233 -1.09 -15.83 21.93
CA THR D 233 -0.83 -15.76 20.48
C THR D 233 0.06 -16.92 20.10
N ARG D 234 -0.25 -17.56 18.98
CA ARG D 234 0.36 -18.83 18.58
C ARG D 234 0.56 -18.80 17.07
N PRO D 235 1.57 -19.51 16.56
CA PRO D 235 1.80 -19.52 15.12
C PRO D 235 0.84 -20.45 14.40
N ALA D 236 0.36 -20.01 13.24
CA ALA D 236 -0.46 -20.83 12.37
C ALA D 236 0.40 -21.93 11.78
N GLY D 237 1.67 -21.62 11.57
CA GLY D 237 2.63 -22.56 11.01
C GLY D 237 3.04 -22.17 9.61
N ASP D 238 2.24 -21.29 9.00
CA ASP D 238 2.52 -20.70 7.69
C ASP D 238 3.03 -19.24 7.77
N GLY D 239 3.42 -18.78 8.95
CA GLY D 239 4.03 -17.45 9.11
C GLY D 239 3.12 -16.45 9.80
N THR D 240 1.82 -16.73 9.76
CA THR D 240 0.84 -15.92 10.45
C THR D 240 0.56 -16.46 11.84
N PHE D 241 -0.15 -15.66 12.61
CA PHE D 241 -0.42 -15.96 14.00
C PHE D 241 -1.91 -15.93 14.21
N GLN D 242 -2.35 -16.63 15.25
CA GLN D 242 -3.76 -16.78 15.58
C GLN D 242 -3.94 -16.43 17.03
N LYS D 243 -5.12 -15.97 17.38
CA LYS D 243 -5.44 -15.68 18.77
C LYS D 243 -6.96 -15.64 18.95
N TRP D 244 -7.43 -15.98 20.15
CA TRP D 244 -8.83 -15.70 20.44
C TRP D 244 -9.09 -15.27 21.87
N ALA D 245 -10.23 -14.60 22.04
CA ALA D 245 -10.70 -14.12 23.33
C ALA D 245 -12.19 -14.43 23.39
N SER D 246 -12.64 -14.95 24.53
CA SER D 246 -14.06 -15.33 24.69
C SER D 246 -14.63 -14.82 25.99
N VAL D 247 -15.95 -14.74 26.03
CA VAL D 247 -16.65 -14.18 27.20
C VAL D 247 -18.00 -14.85 27.39
N VAL D 248 -18.37 -15.07 28.64
CA VAL D 248 -19.67 -15.65 29.00
C VAL D 248 -20.72 -14.56 28.83
N VAL D 249 -21.89 -14.93 28.30
CA VAL D 249 -22.94 -13.96 27.98
C VAL D 249 -24.35 -14.57 28.15
N PRO D 250 -25.30 -13.79 28.70
CA PRO D 250 -26.68 -14.26 28.83
C PRO D 250 -27.36 -14.50 27.48
N LEU D 251 -28.15 -15.57 27.38
CA LEU D 251 -28.87 -15.90 26.15
C LEU D 251 -29.80 -14.76 25.68
N GLY D 252 -29.81 -14.51 24.37
CA GLY D 252 -30.69 -13.52 23.78
C GLY D 252 -30.25 -12.06 23.89
N LYS D 253 -29.12 -11.81 24.56
CA LYS D 253 -28.67 -10.44 24.84
C LYS D 253 -27.30 -10.16 24.23
N GLU D 254 -26.98 -10.88 23.16
CA GLU D 254 -25.60 -10.95 22.65
C GLU D 254 -25.13 -9.73 21.83
N GLN D 255 -26.07 -9.04 21.17
CA GLN D 255 -25.73 -7.85 20.35
C GLN D 255 -25.15 -6.66 21.14
N ASN D 256 -25.38 -6.62 22.44
CA ASN D 256 -24.82 -5.59 23.32
C ASN D 256 -23.28 -5.63 23.44
N TYR D 257 -22.69 -6.80 23.21
CA TYR D 257 -21.25 -7.03 23.38
C TYR D 257 -20.47 -6.88 22.07
N THR D 258 -19.37 -6.13 22.10
CA THR D 258 -18.52 -5.96 20.93
C THR D 258 -17.06 -6.37 21.20
N CYS D 259 -16.49 -7.11 20.26
CA CYS D 259 -15.07 -7.42 20.24
C CYS D 259 -14.35 -6.35 19.42
N ARG D 260 -13.15 -5.95 19.86
CA ARG D 260 -12.28 -5.07 19.07
C ARG D 260 -10.89 -5.69 18.95
N VAL D 261 -10.27 -5.48 17.80
CA VAL D 261 -8.96 -6.06 17.47
C VAL D 261 -8.04 -4.94 17.06
N TYR D 262 -6.91 -4.81 17.74
CA TYR D 262 -5.97 -3.73 17.47
C TYR D 262 -4.69 -4.34 16.92
N HIS D 263 -4.23 -3.86 15.79
CA HIS D 263 -3.04 -4.41 15.13
C HIS D 263 -2.38 -3.41 14.19
N GLU D 264 -1.06 -3.50 14.08
CA GLU D 264 -0.24 -2.48 13.39
C GLU D 264 -0.38 -2.39 11.85
N GLY D 265 -0.89 -3.45 11.22
CA GLY D 265 -1.26 -3.40 9.80
C GLY D 265 -2.67 -2.86 9.55
N LEU D 266 -3.52 -2.88 10.57
CA LEU D 266 -4.91 -2.43 10.46
C LEU D 266 -4.97 -0.91 10.25
N PRO D 267 -5.68 -0.45 9.20
CA PRO D 267 -5.83 1.00 9.04
C PRO D 267 -6.54 1.64 10.24
N GLU D 268 -7.43 0.87 10.86
CA GLU D 268 -7.99 1.24 12.16
C GLU D 268 -8.49 0.00 12.94
N PRO D 269 -8.55 0.09 14.27
CA PRO D 269 -9.05 -1.04 15.04
C PRO D 269 -10.39 -1.59 14.54
N LEU D 270 -10.45 -2.91 14.34
CA LEU D 270 -11.67 -3.59 13.93
C LEU D 270 -12.69 -3.58 15.05
N THR D 271 -13.94 -3.28 14.70
CA THR D 271 -15.09 -3.45 15.60
C THR D 271 -16.06 -4.41 14.91
N LEU D 272 -16.35 -5.52 15.57
CA LEU D 272 -17.23 -6.53 14.98
C LEU D 272 -17.91 -7.33 16.07
N ARG D 273 -19.08 -7.89 15.76
CA ARG D 273 -19.86 -8.59 16.76
C ARG D 273 -20.36 -9.94 16.24
N TRP D 274 -21.09 -10.66 17.09
CA TRP D 274 -21.74 -11.90 16.68
C TRP D 274 -22.83 -11.57 15.67
N GLU D 275 -22.83 -12.34 14.57
CA GLU D 275 -23.84 -12.19 13.53
C GLU D 275 -24.34 -13.57 13.09
N PRO D 276 -25.59 -13.92 13.46
CA PRO D 276 -26.20 -15.17 13.01
C PRO D 276 -26.25 -15.29 11.48
N ILE E 1 15.12 -21.75 37.85
CA ILE E 1 16.21 -22.08 36.88
C ILE E 1 15.64 -22.96 35.74
N GLN E 2 15.21 -24.18 36.05
CA GLN E 2 14.46 -24.97 35.07
C GLN E 2 13.02 -24.44 34.98
N LYS E 3 12.64 -23.96 33.78
CA LYS E 3 11.32 -23.39 33.53
C LYS E 3 10.45 -24.42 32.80
N THR E 4 9.16 -24.51 33.18
CA THR E 4 8.24 -25.59 32.75
C THR E 4 7.57 -25.22 31.43
N PRO E 5 7.56 -26.13 30.45
CA PRO E 5 6.97 -25.78 29.17
C PRO E 5 5.44 -25.61 29.21
N GLN E 6 4.98 -24.53 28.57
CA GLN E 6 3.58 -24.27 28.34
C GLN E 6 3.24 -24.87 26.97
N ILE E 7 2.04 -25.46 26.86
CA ILE E 7 1.70 -26.29 25.70
C ILE E 7 0.31 -25.94 25.14
N GLN E 8 0.23 -25.72 23.83
CA GLN E 8 -1.05 -25.60 23.13
C GLN E 8 -1.06 -26.61 21.98
N VAL E 9 -2.12 -27.40 21.88
CA VAL E 9 -2.34 -28.32 20.74
C VAL E 9 -3.55 -27.79 20.00
N TYR E 10 -3.44 -27.57 18.70
CA TYR E 10 -4.51 -26.87 17.95
C TYR E 10 -4.30 -27.05 16.47
N SER E 11 -5.40 -27.10 15.73
CA SER E 11 -5.31 -27.28 14.29
C SER E 11 -5.08 -25.91 13.67
N ARG E 12 -4.43 -25.87 12.51
CA ARG E 12 -4.17 -24.63 11.80
C ARG E 12 -5.45 -23.95 11.34
N HIS E 13 -6.40 -24.73 10.83
CA HIS E 13 -7.72 -24.20 10.44
C HIS E 13 -8.78 -24.91 11.30
N PRO E 14 -9.99 -24.34 11.35
CA PRO E 14 -11.07 -24.99 12.09
C PRO E 14 -11.24 -26.45 11.62
N PRO E 15 -11.31 -27.40 12.57
CA PRO E 15 -11.27 -28.80 12.16
C PRO E 15 -12.59 -29.24 11.55
N GLU E 16 -12.52 -29.91 10.40
CA GLU E 16 -13.74 -30.35 9.73
C GLU E 16 -13.47 -31.79 9.37
N ASN E 17 -14.37 -32.67 9.80
CA ASN E 17 -14.21 -34.09 9.53
C ASN E 17 -14.17 -34.30 8.03
N GLY E 18 -13.18 -35.05 7.58
CA GLY E 18 -13.02 -35.33 6.17
C GLY E 18 -12.04 -34.46 5.40
N LYS E 19 -11.62 -33.34 5.98
CA LYS E 19 -10.83 -32.31 5.25
C LYS E 19 -9.42 -32.16 5.76
N PRO E 20 -8.41 -32.21 4.87
CA PRO E 20 -7.05 -32.10 5.36
C PRO E 20 -6.76 -30.84 6.20
N ASN E 21 -5.75 -30.91 7.05
CA ASN E 21 -5.50 -29.84 8.00
C ASN E 21 -4.11 -30.02 8.54
N ILE E 22 -3.72 -29.17 9.49
CA ILE E 22 -2.43 -29.30 10.16
C ILE E 22 -2.69 -29.25 11.64
N LEU E 23 -2.10 -30.17 12.40
CA LEU E 23 -2.18 -30.14 13.86
C LEU E 23 -0.86 -29.62 14.36
N ASN E 24 -0.90 -28.52 15.13
CA ASN E 24 0.29 -27.96 15.79
C ASN E 24 0.41 -28.33 17.27
N CYS E 25 1.64 -28.43 17.75
CA CYS E 25 1.91 -28.47 19.19
C CYS E 25 2.97 -27.44 19.49
N TYR E 26 2.55 -26.32 20.10
CA TYR E 26 3.41 -25.18 20.35
C TYR E 26 3.88 -25.20 21.78
N VAL E 27 5.19 -25.34 21.97
CA VAL E 27 5.78 -25.49 23.30
C VAL E 27 6.71 -24.30 23.56
N THR E 28 6.45 -23.60 24.66
CA THR E 28 7.12 -22.35 25.00
C THR E 28 7.48 -22.22 26.46
N GLN E 29 8.17 -21.13 26.77
CA GLN E 29 8.55 -20.73 28.13
C GLN E 29 9.35 -21.77 28.92
N PHE E 30 10.10 -22.62 28.21
CA PHE E 30 10.89 -23.64 28.90
C PHE E 30 12.40 -23.37 28.89
N HIS E 31 13.09 -23.97 29.86
CA HIS E 31 14.55 -23.83 30.04
C HIS E 31 14.96 -24.95 30.96
N PRO E 32 16.08 -25.65 30.65
CA PRO E 32 17.02 -25.48 29.54
C PRO E 32 16.45 -25.90 28.17
N PRO E 33 17.22 -25.70 27.08
CA PRO E 33 16.68 -25.96 25.75
C PRO E 33 16.44 -27.42 25.36
N HIS E 34 17.00 -28.38 26.08
CA HIS E 34 16.78 -29.78 25.74
C HIS E 34 15.34 -30.20 26.02
N ILE E 35 14.68 -30.75 25.00
CA ILE E 35 13.27 -31.14 25.13
C ILE E 35 12.94 -32.27 24.14
N GLU E 36 12.01 -33.15 24.51
CA GLU E 36 11.56 -34.20 23.61
C GLU E 36 10.04 -34.09 23.41
N ILE E 37 9.63 -34.06 22.15
CA ILE E 37 8.24 -33.79 21.81
C ILE E 37 7.72 -34.86 20.83
N GLN E 38 6.59 -35.45 21.18
CA GLN E 38 5.91 -36.39 20.28
C GLN E 38 4.44 -36.03 20.18
N MET E 39 3.84 -36.33 19.03
CA MET E 39 2.41 -36.15 18.87
C MET E 39 1.79 -37.51 18.77
N LEU E 40 0.68 -37.71 19.49
CA LEU E 40 0.01 -39.01 19.49
C LEU E 40 -1.39 -38.94 18.81
N LYS E 41 -1.68 -39.96 18.02
CA LYS E 41 -3.00 -40.20 17.43
C LYS E 41 -3.56 -41.51 18.01
N ASN E 42 -4.71 -41.43 18.64
CA ASN E 42 -5.30 -42.59 19.29
C ASN E 42 -4.22 -43.32 20.13
N GLY E 43 -3.52 -42.54 20.94
CA GLY E 43 -2.50 -43.08 21.85
C GLY E 43 -1.24 -43.64 21.19
N LYS E 44 -1.11 -43.49 19.88
CA LYS E 44 0.01 -44.10 19.17
C LYS E 44 0.81 -43.00 18.52
N LYS E 45 2.13 -43.17 18.50
CA LYS E 45 3.06 -42.14 18.08
C LYS E 45 2.96 -41.91 16.58
N ILE E 46 2.85 -40.66 16.16
CA ILE E 46 2.77 -40.29 14.74
C ILE E 46 4.18 -40.20 14.14
N PRO E 47 4.43 -40.90 13.01
CA PRO E 47 5.81 -41.08 12.55
C PRO E 47 6.59 -39.83 12.20
N LYS E 48 6.15 -39.03 11.24
CA LYS E 48 7.06 -38.04 10.61
C LYS E 48 6.79 -36.61 11.07
N VAL E 49 6.92 -36.36 12.37
CA VAL E 49 6.57 -35.07 12.95
C VAL E 49 7.68 -34.05 12.67
N GLU E 50 7.31 -32.98 11.96
CA GLU E 50 8.23 -31.87 11.69
C GLU E 50 8.38 -30.97 12.93
N MET E 51 9.62 -30.68 13.27
CA MET E 51 9.97 -29.91 14.46
C MET E 51 10.69 -28.63 14.01
N SER E 52 10.22 -27.45 14.44
CA SER E 52 11.01 -26.22 14.20
C SER E 52 12.37 -26.30 14.90
N ASP E 53 13.33 -25.53 14.40
CA ASP E 53 14.67 -25.52 15.01
C ASP E 53 14.64 -24.67 16.27
N MET E 54 15.66 -24.86 17.11
CA MET E 54 15.76 -24.25 18.44
C MET E 54 15.90 -22.73 18.34
N SER E 55 15.00 -22.03 19.01
CA SER E 55 14.94 -20.57 19.02
C SER E 55 14.65 -20.10 20.45
N PHE E 56 15.03 -18.88 20.81
CA PHE E 56 14.56 -18.27 22.07
C PHE E 56 13.98 -16.85 21.90
N SER E 57 13.12 -16.45 22.83
CA SER E 57 12.48 -15.14 22.74
C SER E 57 13.34 -14.14 23.49
N LYS E 58 12.94 -12.88 23.49
CA LYS E 58 13.78 -11.89 24.12
C LYS E 58 13.73 -11.93 25.68
N ASP E 59 12.80 -12.68 26.27
CA ASP E 59 12.87 -13.01 27.72
C ASP E 59 13.94 -14.09 28.04
N TRP E 60 14.50 -14.71 27.00
CA TRP E 60 15.46 -15.82 27.13
C TRP E 60 14.88 -17.22 27.32
N SER E 61 13.56 -17.38 27.31
CA SER E 61 12.94 -18.71 27.23
C SER E 61 12.94 -19.27 25.79
N PHE E 62 13.08 -20.58 25.70
CA PHE E 62 13.02 -21.28 24.42
C PHE E 62 11.59 -21.61 24.01
N TYR E 63 11.45 -22.04 22.76
CA TYR E 63 10.12 -22.30 22.16
C TYR E 63 10.26 -23.14 20.89
N ILE E 64 9.33 -24.06 20.68
CA ILE E 64 9.36 -24.94 19.50
C ILE E 64 7.95 -25.19 18.98
N LEU E 65 7.83 -25.30 17.67
CA LEU E 65 6.53 -25.61 17.04
C LEU E 65 6.71 -26.97 16.39
N ALA E 66 5.93 -27.96 16.85
CA ALA E 66 5.85 -29.28 16.23
C ALA E 66 4.56 -29.30 15.48
N HIS E 67 4.55 -29.88 14.28
CA HIS E 67 3.37 -29.98 13.46
C HIS E 67 3.30 -31.23 12.58
N THR E 68 2.07 -31.56 12.17
CA THR E 68 1.82 -32.71 11.32
C THR E 68 0.52 -32.55 10.54
N GLU E 69 0.57 -32.98 9.28
CA GLU E 69 -0.63 -33.08 8.45
C GLU E 69 -1.57 -34.14 8.99
N PHE E 70 -2.86 -33.89 8.87
CA PHE E 70 -3.82 -34.86 9.35
C PHE E 70 -5.19 -34.48 8.83
N THR E 71 -6.02 -35.49 8.65
CA THR E 71 -7.39 -35.26 8.27
C THR E 71 -8.21 -35.72 9.47
N PRO E 72 -8.76 -34.79 10.24
CA PRO E 72 -9.49 -35.23 11.41
C PRO E 72 -10.71 -36.05 11.03
N THR E 73 -11.13 -36.92 11.94
CA THR E 73 -12.35 -37.70 11.79
C THR E 73 -13.09 -37.57 13.07
N GLU E 74 -14.30 -38.09 13.07
CA GLU E 74 -15.18 -37.99 14.21
C GLU E 74 -14.51 -38.54 15.50
N THR E 75 -13.85 -39.69 15.39
CA THR E 75 -13.39 -40.42 16.59
C THR E 75 -11.86 -40.52 16.77
N ASP E 76 -11.07 -39.99 15.86
CA ASP E 76 -9.60 -40.02 16.07
C ASP E 76 -9.22 -38.98 17.13
N THR E 77 -8.49 -39.42 18.18
CA THR E 77 -8.06 -38.55 19.27
C THR E 77 -6.56 -38.21 19.18
N TYR E 78 -6.20 -36.96 19.41
CA TYR E 78 -4.81 -36.54 19.24
C TYR E 78 -4.27 -35.95 20.52
N ALA E 79 -2.96 -36.01 20.68
CA ALA E 79 -2.29 -35.53 21.86
C ALA E 79 -0.88 -35.06 21.53
N CYS E 80 -0.33 -34.23 22.40
CA CYS E 80 1.10 -33.88 22.33
C CYS E 80 1.75 -34.26 23.65
N ARG E 81 2.86 -34.99 23.60
CA ARG E 81 3.53 -35.49 24.78
C ARG E 81 4.94 -34.90 24.90
N VAL E 82 5.12 -34.07 25.93
CA VAL E 82 6.33 -33.29 26.13
C VAL E 82 7.13 -33.86 27.29
N LYS E 83 8.36 -34.31 27.00
CA LYS E 83 9.32 -34.65 28.04
C LYS E 83 10.37 -33.55 28.19
N HIS E 84 10.46 -33.00 29.42
CA HIS E 84 11.41 -31.94 29.76
C HIS E 84 11.89 -32.08 31.22
N ASP E 85 13.12 -31.67 31.49
CA ASP E 85 13.76 -31.85 32.82
C ASP E 85 13.09 -31.09 33.97
N SER E 86 12.32 -30.05 33.66
CA SER E 86 11.46 -29.42 34.66
C SER E 86 10.41 -30.38 35.25
N MET E 87 10.10 -31.48 34.58
CA MET E 87 9.01 -32.40 35.00
C MET E 87 9.60 -33.78 35.26
N ALA E 88 9.07 -34.46 36.27
CA ALA E 88 9.48 -35.85 36.54
C ALA E 88 8.93 -36.77 35.45
N GLU E 89 7.67 -36.56 35.08
CA GLU E 89 6.99 -37.40 34.11
C GLU E 89 6.78 -36.67 32.80
N PRO E 90 6.68 -37.41 31.67
CA PRO E 90 6.23 -36.80 30.43
C PRO E 90 4.83 -36.22 30.64
N LYS E 91 4.59 -35.04 30.08
CA LYS E 91 3.29 -34.39 30.15
C LYS E 91 2.55 -34.56 28.81
N THR E 92 1.32 -35.04 28.87
CA THR E 92 0.49 -35.23 27.66
C THR E 92 -0.67 -34.25 27.67
N VAL E 93 -0.81 -33.54 26.57
CA VAL E 93 -1.94 -32.62 26.39
C VAL E 93 -2.80 -33.11 25.22
N TYR E 94 -4.10 -33.25 25.48
CA TYR E 94 -5.03 -33.81 24.51
C TYR E 94 -5.66 -32.68 23.70
N TRP E 95 -5.69 -32.84 22.39
CA TRP E 95 -6.32 -31.85 21.50
C TRP E 95 -7.83 -31.78 21.74
N ASP E 96 -8.29 -30.59 22.10
CA ASP E 96 -9.69 -30.24 22.19
C ASP E 96 -10.03 -29.39 20.97
N ARG E 97 -10.95 -29.85 20.12
CA ARG E 97 -11.08 -29.24 18.79
C ARG E 97 -11.63 -27.80 18.75
N ASP E 98 -12.19 -27.32 19.86
CA ASP E 98 -12.73 -25.95 19.92
C ASP E 98 -11.67 -24.93 20.34
N MET E 99 -10.49 -25.39 20.74
CA MET E 99 -9.56 -24.51 21.46
C MET E 99 -8.47 -23.92 20.59
N LYS F 1 25.79 -9.13 9.32
CA LYS F 1 27.03 -9.87 9.71
C LYS F 1 27.15 -9.98 11.26
N ALA F 2 27.72 -11.08 11.73
CA ALA F 2 27.65 -11.44 13.16
C ALA F 2 28.72 -10.74 13.96
N PRO F 3 28.47 -10.52 15.27
CA PRO F 3 29.51 -9.92 16.12
C PRO F 3 30.60 -10.92 16.47
N SER F 4 31.79 -10.42 16.80
CA SER F 4 32.88 -11.19 17.38
C SER F 4 33.13 -10.60 18.75
N ASN F 5 33.00 -11.41 19.78
CA ASN F 5 33.03 -10.89 21.16
C ASN F 5 34.46 -10.61 21.55
N PHE F 6 34.61 -9.87 22.65
CA PHE F 6 35.91 -9.38 23.11
C PHE F 6 36.35 -10.14 24.36
N ALA F 7 36.54 -9.49 25.51
CA ALA F 7 36.82 -10.23 26.76
C ALA F 7 35.81 -11.33 27.05
N THR F 8 36.28 -12.48 27.54
CA THR F 8 35.38 -13.52 28.01
C THR F 8 34.71 -13.07 29.31
N MET F 9 33.72 -13.85 29.75
CA MET F 9 33.05 -13.59 31.01
C MET F 9 34.06 -13.49 32.16
N GLY G 1 -8.59 -6.05 -7.61
CA GLY G 1 -8.05 -6.35 -8.98
C GLY G 1 -9.00 -7.24 -9.76
N PRO G 2 -8.75 -7.40 -11.06
CA PRO G 2 -9.64 -8.24 -11.86
C PRO G 2 -9.43 -9.75 -11.63
N HIS G 3 -10.47 -10.55 -11.83
CA HIS G 3 -10.41 -11.98 -11.62
C HIS G 3 -10.98 -12.78 -12.79
N SER G 4 -10.72 -14.08 -12.81
CA SER G 4 -11.21 -14.94 -13.90
C SER G 4 -11.31 -16.41 -13.49
N MET G 5 -12.10 -17.20 -14.21
CA MET G 5 -12.07 -18.66 -14.14
C MET G 5 -12.12 -19.24 -15.56
N ARG G 6 -11.36 -20.30 -15.82
CA ARG G 6 -11.40 -21.00 -17.08
C ARG G 6 -11.39 -22.50 -16.89
N TYR G 7 -12.08 -23.21 -17.77
CA TYR G 7 -11.89 -24.64 -17.89
C TYR G 7 -11.33 -25.01 -19.27
N PHE G 8 -10.16 -25.62 -19.28
CA PHE G 8 -9.52 -26.04 -20.52
C PHE G 8 -9.67 -27.53 -20.70
N GLU G 9 -10.41 -27.95 -21.70
CA GLU G 9 -10.71 -29.34 -21.87
C GLU G 9 -10.20 -29.85 -23.21
N THR G 10 -9.65 -31.05 -23.19
CA THR G 10 -9.05 -31.65 -24.34
C THR G 10 -9.54 -33.07 -24.48
N ALA G 11 -9.86 -33.46 -25.72
CA ALA G 11 -10.03 -34.85 -26.04
C ALA G 11 -9.16 -35.19 -27.26
N VAL G 12 -8.30 -36.19 -27.09
CA VAL G 12 -7.30 -36.55 -28.08
C VAL G 12 -7.44 -38.00 -28.47
N SER G 13 -7.52 -38.26 -29.77
CA SER G 13 -7.51 -39.61 -30.30
C SER G 13 -6.19 -39.91 -31.03
N ARG G 14 -5.77 -41.16 -31.00
CA ARG G 14 -4.58 -41.62 -31.69
C ARG G 14 -4.88 -42.95 -32.40
N PRO G 15 -4.26 -43.18 -33.58
CA PRO G 15 -4.56 -44.26 -34.53
C PRO G 15 -4.97 -45.65 -33.98
N GLY G 16 -4.15 -46.25 -33.14
CA GLY G 16 -4.48 -47.60 -32.66
C GLY G 16 -5.32 -47.68 -31.39
N LEU G 17 -5.71 -46.54 -30.85
CA LEU G 17 -6.38 -46.47 -29.54
C LEU G 17 -7.89 -46.66 -29.68
N GLU G 18 -8.47 -47.42 -28.76
CA GLU G 18 -9.91 -47.69 -28.77
C GLU G 18 -10.70 -46.40 -28.52
N GLU G 19 -10.29 -45.67 -27.49
CA GLU G 19 -10.97 -44.46 -27.09
C GLU G 19 -10.01 -43.29 -27.04
N PRO G 20 -10.53 -42.07 -27.22
CA PRO G 20 -9.75 -40.89 -26.95
C PRO G 20 -9.47 -40.73 -25.47
N ARG G 21 -8.53 -39.86 -25.16
CA ARG G 21 -8.23 -39.49 -23.79
C ARG G 21 -8.78 -38.11 -23.54
N TYR G 22 -9.39 -37.92 -22.37
CA TYR G 22 -10.05 -36.67 -21.99
C TYR G 22 -9.42 -36.07 -20.74
N ILE G 23 -9.10 -34.78 -20.80
CA ILE G 23 -8.44 -34.05 -19.70
C ILE G 23 -9.15 -32.72 -19.53
N SER G 24 -9.47 -32.34 -18.29
CA SER G 24 -10.00 -31.00 -17.99
C SER G 24 -9.13 -30.36 -16.95
N VAL G 25 -8.81 -29.10 -17.15
CA VAL G 25 -8.04 -28.37 -16.17
C VAL G 25 -8.82 -27.12 -15.84
N GLY G 26 -9.06 -26.87 -14.55
CA GLY G 26 -9.74 -25.65 -14.13
C GLY G 26 -8.69 -24.65 -13.72
N TYR G 27 -8.92 -23.38 -13.98
CA TYR G 27 -8.00 -22.31 -13.54
C TYR G 27 -8.76 -21.24 -12.77
N VAL G 28 -8.16 -20.69 -11.73
CA VAL G 28 -8.65 -19.46 -11.07
C VAL G 28 -7.55 -18.43 -11.10
N ASP G 29 -7.87 -17.25 -11.63
CA ASP G 29 -6.87 -16.22 -11.92
C ASP G 29 -5.63 -16.78 -12.60
N ASN G 30 -5.86 -17.61 -13.62
CA ASN G 30 -4.79 -18.18 -14.44
C ASN G 30 -3.87 -19.15 -13.67
N LYS G 31 -4.38 -19.75 -12.59
CA LYS G 31 -3.66 -20.76 -11.78
C LYS G 31 -4.45 -22.07 -11.61
N GLU G 32 -3.80 -23.19 -11.84
CA GLU G 32 -4.47 -24.49 -11.88
C GLU G 32 -5.04 -24.76 -10.50
N PHE G 33 -6.27 -25.27 -10.42
CA PHE G 33 -6.89 -25.59 -9.12
C PHE G 33 -7.66 -26.93 -9.10
N VAL G 34 -8.05 -27.43 -10.27
CA VAL G 34 -8.65 -28.76 -10.39
C VAL G 34 -8.22 -29.40 -11.68
N ARG G 35 -8.36 -30.71 -11.75
CA ARG G 35 -7.89 -31.45 -12.87
C ARG G 35 -8.53 -32.83 -12.90
N PHE G 36 -8.93 -33.25 -14.09
CA PHE G 36 -9.54 -34.55 -14.33
C PHE G 36 -8.78 -35.15 -15.51
N ASP G 37 -8.55 -36.44 -15.46
CA ASP G 37 -7.78 -37.09 -16.49
C ASP G 37 -8.25 -38.52 -16.56
N SER G 38 -8.81 -38.91 -17.71
CA SER G 38 -9.43 -40.21 -17.91
C SER G 38 -8.46 -41.37 -17.91
N ASP G 39 -7.19 -41.09 -18.15
CA ASP G 39 -6.15 -42.13 -18.08
C ASP G 39 -5.86 -42.59 -16.64
N ALA G 40 -6.14 -41.75 -15.65
CA ALA G 40 -6.02 -42.15 -14.24
C ALA G 40 -6.72 -43.48 -13.98
N GLU G 41 -6.12 -44.25 -13.07
CA GLU G 41 -6.64 -45.54 -12.63
C GLU G 41 -8.09 -45.43 -12.14
N ASN G 42 -8.37 -44.38 -11.36
CA ASN G 42 -9.76 -44.08 -10.95
C ASN G 42 -10.10 -42.60 -11.27
N PRO G 43 -10.56 -42.34 -12.51
CA PRO G 43 -10.75 -40.96 -13.00
C PRO G 43 -11.71 -40.12 -12.18
N ARG G 44 -11.23 -39.02 -11.64
CA ARG G 44 -12.09 -38.05 -10.96
C ARG G 44 -11.44 -36.67 -10.94
N TYR G 45 -12.20 -35.64 -10.63
CA TYR G 45 -11.62 -34.32 -10.42
C TYR G 45 -10.82 -34.35 -9.12
N GLU G 46 -9.59 -33.85 -9.15
CA GLU G 46 -8.70 -33.81 -8.01
C GLU G 46 -8.44 -32.35 -7.67
N PRO G 47 -8.26 -32.03 -6.38
CA PRO G 47 -7.83 -30.67 -6.08
C PRO G 47 -6.38 -30.50 -6.50
N ARG G 48 -6.03 -29.32 -6.97
CA ARG G 48 -4.71 -29.04 -7.49
C ARG G 48 -4.02 -27.90 -6.79
N ALA G 49 -4.75 -27.20 -5.95
CA ALA G 49 -4.22 -26.23 -5.00
C ALA G 49 -4.74 -26.61 -3.61
N PRO G 50 -3.95 -26.32 -2.55
CA PRO G 50 -4.36 -26.68 -1.18
C PRO G 50 -5.71 -26.15 -0.73
N TRP G 51 -6.00 -24.89 -1.02
CA TRP G 51 -7.29 -24.27 -0.66
C TRP G 51 -8.53 -25.02 -1.20
N MET G 52 -8.38 -25.80 -2.28
CA MET G 52 -9.50 -26.59 -2.82
C MET G 52 -9.84 -27.85 -2.04
N GLU G 53 -8.92 -28.34 -1.21
CA GLU G 53 -9.22 -29.46 -0.32
C GLU G 53 -10.32 -29.16 0.73
N GLN G 54 -10.75 -27.91 0.87
CA GLN G 54 -11.94 -27.59 1.68
C GLN G 54 -13.28 -28.13 1.12
N GLU G 55 -13.35 -28.42 -0.16
CA GLU G 55 -14.64 -28.81 -0.74
C GLU G 55 -14.93 -30.25 -0.34
N GLY G 56 -16.13 -30.50 0.14
CA GLY G 56 -16.53 -31.84 0.60
C GLY G 56 -16.69 -32.88 -0.50
N PRO G 57 -16.89 -34.14 -0.11
CA PRO G 57 -17.02 -35.22 -1.11
C PRO G 57 -18.19 -35.08 -2.12
N GLU G 58 -19.26 -34.38 -1.73
CA GLU G 58 -20.36 -34.10 -2.68
C GLU G 58 -19.89 -33.30 -3.90
N TYR G 59 -19.17 -32.21 -3.64
CA TYR G 59 -18.55 -31.39 -4.67
C TYR G 59 -17.72 -32.22 -5.66
N TRP G 60 -16.84 -33.08 -5.16
CA TRP G 60 -16.01 -33.90 -6.03
C TRP G 60 -16.80 -35.00 -6.75
N GLU G 61 -17.89 -35.47 -6.16
CA GLU G 61 -18.72 -36.49 -6.82
C GLU G 61 -19.54 -35.93 -8.00
N ARG G 62 -20.04 -34.71 -7.81
CA ARG G 62 -20.82 -34.02 -8.85
C ARG G 62 -19.97 -33.53 -10.03
N GLU G 63 -18.81 -32.94 -9.74
CA GLU G 63 -17.90 -32.49 -10.76
C GLU G 63 -17.44 -33.69 -11.61
N THR G 64 -17.10 -34.77 -10.92
CA THR G 64 -16.66 -36.01 -11.52
C THR G 64 -17.72 -36.58 -12.46
N GLN G 65 -18.97 -36.62 -12.02
CA GLN G 65 -20.07 -37.00 -12.92
C GLN G 65 -20.19 -36.02 -14.10
N LYS G 66 -19.95 -34.72 -13.89
CA LYS G 66 -19.97 -33.75 -14.99
C LYS G 66 -18.91 -34.10 -16.03
N ALA G 67 -17.68 -34.27 -15.55
CA ALA G 67 -16.55 -34.62 -16.38
C ALA G 67 -16.84 -35.90 -17.19
N LYS G 68 -17.53 -36.86 -16.57
CA LYS G 68 -17.83 -38.12 -17.25
C LYS G 68 -18.80 -37.89 -18.39
N GLY G 69 -19.78 -37.00 -18.16
CA GLY G 69 -20.65 -36.46 -19.23
C GLY G 69 -19.83 -35.81 -20.34
N GLN G 70 -18.93 -34.91 -19.98
CA GLN G 70 -18.07 -34.24 -20.96
C GLN G 70 -17.22 -35.26 -21.78
N GLU G 71 -16.59 -36.21 -21.10
CA GLU G 71 -15.89 -37.27 -21.80
C GLU G 71 -16.74 -37.88 -22.95
N GLN G 72 -17.98 -38.26 -22.63
CA GLN G 72 -18.87 -38.83 -23.66
C GLN G 72 -19.26 -37.79 -24.73
N TRP G 73 -19.59 -36.58 -24.28
CA TRP G 73 -19.81 -35.43 -25.18
C TRP G 73 -18.64 -35.35 -26.18
N PHE G 74 -17.42 -35.36 -25.66
CA PHE G 74 -16.22 -35.25 -26.50
C PHE G 74 -15.98 -36.50 -27.38
N ARG G 75 -16.31 -37.69 -26.87
CA ARG G 75 -16.26 -38.91 -27.67
C ARG G 75 -17.15 -38.84 -28.90
N VAL G 76 -18.39 -38.43 -28.67
CA VAL G 76 -19.38 -38.38 -29.74
C VAL G 76 -19.01 -37.32 -30.76
N SER G 77 -18.69 -36.11 -30.29
CA SER G 77 -18.34 -34.98 -31.15
C SER G 77 -17.18 -35.26 -32.09
N LEU G 78 -16.11 -35.81 -31.51
CA LEU G 78 -14.94 -36.28 -32.23
C LEU G 78 -15.32 -37.19 -33.40
N ARG G 79 -16.18 -38.17 -33.14
CA ARG G 79 -16.63 -39.07 -34.20
C ARG G 79 -17.36 -38.31 -35.24
N ASN G 80 -18.26 -37.43 -34.80
CA ASN G 80 -19.04 -36.62 -35.73
C ASN G 80 -18.13 -35.84 -36.64
N LEU G 81 -17.05 -35.27 -36.08
CA LEU G 81 -16.13 -34.39 -36.78
C LEU G 81 -15.34 -35.11 -37.87
N LEU G 82 -14.98 -36.37 -37.63
CA LEU G 82 -14.45 -37.30 -38.65
C LEU G 82 -15.32 -37.31 -39.92
N GLY G 83 -16.64 -37.35 -39.74
CA GLY G 83 -17.59 -37.34 -40.85
C GLY G 83 -17.66 -35.96 -41.50
N TYR G 84 -17.82 -34.93 -40.67
CA TYR G 84 -17.93 -33.58 -41.20
C TYR G 84 -16.72 -33.28 -42.13
N TYR G 85 -15.50 -33.67 -41.73
CA TYR G 85 -14.31 -33.35 -42.53
C TYR G 85 -13.86 -34.48 -43.48
N ASN G 86 -14.64 -35.53 -43.64
CA ASN G 86 -14.27 -36.65 -44.53
C ASN G 86 -12.86 -37.14 -44.27
N GLN G 87 -12.57 -37.38 -43.00
CA GLN G 87 -11.26 -37.84 -42.57
C GLN G 87 -11.42 -39.33 -42.47
N SER G 88 -10.37 -40.06 -42.75
CA SER G 88 -10.46 -41.51 -42.68
C SER G 88 -9.78 -41.97 -41.40
N ALA G 89 -9.75 -43.29 -41.18
CA ALA G 89 -9.04 -43.88 -40.05
C ALA G 89 -7.56 -43.64 -40.23
N GLY G 90 -6.81 -43.68 -39.13
CA GLY G 90 -5.35 -43.69 -39.18
C GLY G 90 -4.68 -42.38 -38.78
N GLY G 91 -5.46 -41.34 -38.53
CA GLY G 91 -4.91 -40.06 -38.07
C GLY G 91 -4.97 -39.84 -36.56
N SER G 92 -4.31 -38.78 -36.09
CA SER G 92 -4.47 -38.27 -34.73
C SER G 92 -5.36 -37.04 -34.78
N HIS G 93 -6.25 -36.89 -33.80
CA HIS G 93 -7.18 -35.78 -33.77
C HIS G 93 -7.35 -35.23 -32.35
N THR G 94 -7.79 -33.98 -32.31
CA THR G 94 -7.75 -33.15 -31.13
C THR G 94 -8.99 -32.26 -31.11
N LEU G 95 -9.76 -32.33 -30.02
CA LEU G 95 -10.86 -31.41 -29.79
C LEU G 95 -10.63 -30.66 -28.47
N GLN G 96 -10.79 -29.34 -28.49
CA GLN G 96 -10.43 -28.50 -27.34
C GLN G 96 -11.47 -27.49 -27.02
N GLN G 97 -11.57 -27.12 -25.73
CA GLN G 97 -12.57 -26.15 -25.28
C GLN G 97 -12.00 -25.29 -24.18
N MET G 98 -12.38 -24.00 -24.21
CA MET G 98 -12.09 -23.02 -23.19
C MET G 98 -13.40 -22.35 -22.81
N SER G 99 -13.77 -22.45 -21.53
CA SER G 99 -15.00 -21.85 -21.06
C SER G 99 -14.69 -21.06 -19.81
N GLY G 100 -15.50 -20.07 -19.50
CA GLY G 100 -15.36 -19.39 -18.22
C GLY G 100 -15.67 -17.93 -18.31
N CYS G 101 -15.45 -17.23 -17.19
CA CYS G 101 -15.93 -15.88 -17.02
C CYS G 101 -14.82 -14.93 -16.54
N ASP G 102 -14.94 -13.66 -16.90
CA ASP G 102 -14.00 -12.64 -16.44
C ASP G 102 -14.74 -11.67 -15.53
N LEU G 103 -14.11 -11.23 -14.44
CA LEU G 103 -14.72 -10.21 -13.57
C LEU G 103 -13.80 -9.04 -13.44
N GLY G 104 -14.40 -7.86 -13.32
CA GLY G 104 -13.65 -6.65 -13.03
C GLY G 104 -13.22 -6.62 -11.58
N SER G 105 -12.64 -5.50 -11.16
CA SER G 105 -12.18 -5.31 -9.79
C SER G 105 -13.36 -5.21 -8.81
N ASP G 106 -14.53 -4.81 -9.31
CA ASP G 106 -15.79 -4.82 -8.54
C ASP G 106 -16.42 -6.22 -8.41
N TRP G 107 -15.81 -7.21 -9.03
CA TRP G 107 -16.26 -8.61 -9.00
C TRP G 107 -17.49 -8.88 -9.87
N ARG G 108 -17.88 -7.90 -10.70
CA ARG G 108 -19.03 -8.10 -11.61
C ARG G 108 -18.57 -8.73 -12.94
N LEU G 109 -19.45 -9.50 -13.58
CA LEU G 109 -19.12 -10.12 -14.87
C LEU G 109 -18.71 -9.10 -15.91
N LEU G 110 -17.56 -9.36 -16.52
CA LEU G 110 -17.03 -8.52 -17.60
C LEU G 110 -17.37 -9.20 -18.93
N ARG G 111 -17.10 -10.49 -18.99
CA ARG G 111 -17.15 -11.24 -20.22
C ARG G 111 -17.32 -12.73 -19.95
N GLY G 112 -18.17 -13.39 -20.73
CA GLY G 112 -18.21 -14.85 -20.80
C GLY G 112 -17.37 -15.32 -21.97
N TYR G 113 -16.85 -16.54 -21.88
CA TYR G 113 -16.02 -17.15 -22.92
C TYR G 113 -16.43 -18.58 -23.19
N LEU G 114 -16.54 -18.92 -24.46
CA LEU G 114 -16.88 -20.27 -24.89
C LEU G 114 -16.34 -20.41 -26.31
N GLN G 115 -15.35 -21.28 -26.48
CA GLN G 115 -14.67 -21.48 -27.73
C GLN G 115 -14.24 -22.94 -27.84
N PHE G 116 -14.26 -23.44 -29.08
CA PHE G 116 -13.83 -24.79 -29.42
C PHE G 116 -12.85 -24.77 -30.59
N ALA G 117 -11.75 -25.51 -30.48
CA ALA G 117 -10.86 -25.77 -31.60
C ALA G 117 -10.98 -27.24 -32.02
N TYR G 118 -10.90 -27.51 -33.32
CA TYR G 118 -10.65 -28.89 -33.82
C TYR G 118 -9.32 -28.92 -34.58
N GLU G 119 -8.49 -29.91 -34.32
CA GLU G 119 -7.12 -29.96 -34.87
C GLU G 119 -6.34 -28.64 -34.56
N GLY G 120 -6.61 -28.07 -33.40
CA GLY G 120 -5.93 -26.85 -33.00
C GLY G 120 -6.26 -25.59 -33.76
N ARG G 121 -7.44 -25.55 -34.36
CA ARG G 121 -7.91 -24.41 -35.15
C ARG G 121 -9.33 -24.08 -34.69
N ASP G 122 -9.61 -22.80 -34.58
CA ASP G 122 -10.95 -22.34 -34.30
C ASP G 122 -11.95 -23.11 -35.12
N TYR G 123 -12.93 -23.68 -34.44
CA TYR G 123 -14.00 -24.39 -35.06
C TYR G 123 -15.30 -23.62 -34.86
N ILE G 124 -15.67 -23.36 -33.60
CA ILE G 124 -16.89 -22.62 -33.30
C ILE G 124 -16.70 -21.95 -31.96
N ALA G 125 -17.23 -20.73 -31.83
CA ALA G 125 -17.11 -19.95 -30.62
C ALA G 125 -18.38 -19.19 -30.36
N LEU G 126 -18.70 -19.02 -29.08
CA LEU G 126 -19.79 -18.15 -28.69
C LEU G 126 -19.29 -16.71 -28.73
N ASN G 127 -20.01 -15.81 -29.41
CA ASN G 127 -19.61 -14.40 -29.43
C ASN G 127 -19.82 -13.77 -28.05
N GLU G 128 -19.27 -12.58 -27.87
CA GLU G 128 -19.34 -11.88 -26.58
C GLU G 128 -20.76 -11.57 -26.13
N ASP G 129 -21.68 -11.45 -27.09
CA ASP G 129 -23.10 -11.23 -26.78
C ASP G 129 -23.73 -12.45 -26.13
N LEU G 130 -23.05 -13.60 -26.20
CA LEU G 130 -23.54 -14.84 -25.64
C LEU G 130 -24.90 -15.25 -26.22
N LYS G 131 -25.15 -14.83 -27.44
CA LYS G 131 -26.36 -15.18 -28.18
C LYS G 131 -26.05 -15.82 -29.53
N THR G 132 -25.02 -15.33 -30.23
CA THR G 132 -24.68 -15.84 -31.56
C THR G 132 -23.32 -16.54 -31.62
N TRP G 133 -23.15 -17.31 -32.70
CA TRP G 133 -22.00 -18.12 -32.97
C TRP G 133 -21.19 -17.59 -34.14
N THR G 134 -19.87 -17.75 -34.01
CA THR G 134 -18.90 -17.59 -35.07
C THR G 134 -18.32 -18.97 -35.41
N ALA G 135 -18.36 -19.31 -36.68
CA ALA G 135 -17.83 -20.57 -37.16
C ALA G 135 -17.41 -20.33 -38.60
N ALA G 136 -16.12 -20.50 -38.85
CA ALA G 136 -15.55 -20.22 -40.16
C ALA G 136 -15.82 -21.35 -41.15
N ASP G 137 -15.49 -22.58 -40.76
CA ASP G 137 -15.42 -23.66 -41.74
C ASP G 137 -16.76 -23.99 -42.36
N MET G 138 -16.74 -24.36 -43.64
CA MET G 138 -17.93 -24.95 -44.25
C MET G 138 -18.45 -26.14 -43.42
N ALA G 139 -17.55 -27.02 -42.99
CA ALA G 139 -17.89 -28.17 -42.15
C ALA G 139 -18.54 -27.82 -40.84
N ALA G 140 -18.26 -26.63 -40.34
CA ALA G 140 -18.70 -26.19 -39.03
C ALA G 140 -20.10 -25.56 -39.05
N GLN G 141 -20.64 -25.31 -40.24
CA GLN G 141 -21.94 -24.69 -40.36
C GLN G 141 -23.01 -25.63 -39.85
N ILE G 142 -22.76 -26.94 -40.01
CA ILE G 142 -23.67 -27.97 -39.50
C ILE G 142 -23.84 -27.88 -37.97
N THR G 143 -22.72 -27.70 -37.27
CA THR G 143 -22.77 -27.54 -35.83
C THR G 143 -23.46 -26.22 -35.43
N ARG G 144 -23.05 -25.10 -36.04
CA ARG G 144 -23.72 -23.82 -35.81
C ARG G 144 -25.26 -23.92 -35.94
N ARG G 145 -25.74 -24.56 -37.01
CA ARG G 145 -27.18 -24.77 -37.24
C ARG G 145 -27.82 -25.63 -36.16
N LYS G 146 -27.22 -26.78 -35.87
CA LYS G 146 -27.67 -27.58 -34.73
C LYS G 146 -27.82 -26.76 -33.43
N TRP G 147 -26.81 -25.96 -33.12
CA TRP G 147 -26.75 -25.25 -31.84
C TRP G 147 -27.69 -24.05 -31.79
N GLU G 148 -27.86 -23.38 -32.94
CA GLU G 148 -28.89 -22.36 -33.12
C GLU G 148 -30.29 -22.92 -32.94
N GLN G 149 -30.56 -24.04 -33.59
CA GLN G 149 -31.85 -24.73 -33.51
C GLN G 149 -32.19 -25.27 -32.10
N SER G 150 -31.20 -25.65 -31.32
CA SER G 150 -31.43 -26.33 -30.03
C SER G 150 -31.37 -25.40 -28.84
N GLY G 151 -31.19 -24.11 -29.09
CA GLY G 151 -31.04 -23.13 -28.03
C GLY G 151 -29.77 -23.24 -27.20
N ALA G 152 -28.70 -23.82 -27.77
CA ALA G 152 -27.41 -23.98 -27.06
C ALA G 152 -26.90 -22.69 -26.41
N ALA G 153 -26.87 -21.61 -27.15
CA ALA G 153 -26.36 -20.33 -26.62
C ALA G 153 -27.01 -19.92 -25.29
N GLU G 154 -28.31 -20.09 -25.18
CA GLU G 154 -29.07 -19.67 -23.99
C GLU G 154 -28.59 -20.48 -22.80
N HIS G 155 -28.47 -21.78 -22.97
CA HIS G 155 -28.03 -22.67 -21.90
C HIS G 155 -26.57 -22.41 -21.45
N TYR G 156 -25.66 -22.10 -22.37
CA TYR G 156 -24.28 -21.72 -21.98
C TYR G 156 -24.23 -20.38 -21.26
N LYS G 157 -25.00 -19.42 -21.76
CA LYS G 157 -25.08 -18.07 -21.20
C LYS G 157 -25.49 -18.11 -19.73
N ALA G 158 -26.45 -18.97 -19.40
CA ALA G 158 -26.89 -19.14 -18.01
C ALA G 158 -25.72 -19.64 -17.15
N TYR G 159 -25.00 -20.66 -17.62
CA TYR G 159 -23.81 -21.14 -16.93
C TYR G 159 -22.77 -20.02 -16.75
N LEU G 160 -22.44 -19.33 -17.82
CA LEU G 160 -21.38 -18.31 -17.82
C LEU G 160 -21.72 -17.12 -16.91
N GLU G 161 -22.99 -16.74 -16.89
CA GLU G 161 -23.44 -15.61 -16.05
C GLU G 161 -23.82 -16.04 -14.64
N GLY G 162 -24.29 -17.28 -14.45
CA GLY G 162 -24.72 -17.78 -13.13
C GLY G 162 -23.66 -18.59 -12.40
N GLU G 163 -23.69 -19.91 -12.58
CA GLU G 163 -22.71 -20.83 -12.00
C GLU G 163 -21.27 -20.32 -11.98
N CYS G 164 -20.73 -20.04 -13.16
CA CYS G 164 -19.34 -19.59 -13.29
C CYS G 164 -19.00 -18.42 -12.40
N VAL G 165 -19.87 -17.41 -12.36
CA VAL G 165 -19.62 -16.21 -11.54
C VAL G 165 -19.74 -16.55 -10.05
N GLU G 166 -20.83 -17.25 -9.71
CA GLU G 166 -21.17 -17.59 -8.33
C GLU G 166 -20.07 -18.38 -7.69
N TRP G 167 -19.61 -19.40 -8.41
CA TRP G 167 -18.65 -20.32 -7.86
C TRP G 167 -17.27 -19.69 -7.87
N LEU G 168 -16.99 -18.81 -8.85
CA LEU G 168 -15.76 -18.02 -8.82
C LEU G 168 -15.68 -17.09 -7.62
N HIS G 169 -16.79 -16.40 -7.30
CA HIS G 169 -16.88 -15.62 -6.05
C HIS G 169 -16.53 -16.49 -4.83
N ARG G 170 -17.10 -17.69 -4.76
CA ARG G 170 -16.87 -18.61 -3.66
C ARG G 170 -15.40 -19.03 -3.59
N TYR G 171 -14.82 -19.35 -4.74
CA TYR G 171 -13.41 -19.72 -4.85
C TYR G 171 -12.46 -18.60 -4.45
N LEU G 172 -12.81 -17.36 -4.77
CA LEU G 172 -11.99 -16.19 -4.39
C LEU G 172 -11.98 -16.01 -2.86
N LYS G 173 -13.14 -16.15 -2.22
CA LYS G 173 -13.25 -16.06 -0.75
C LYS G 173 -12.45 -17.14 0.00
N ASN G 174 -12.34 -18.34 -0.58
CA ASN G 174 -11.65 -19.46 0.06
C ASN G 174 -10.12 -19.50 -0.15
N GLY G 175 -9.59 -18.60 -0.98
CA GLY G 175 -8.13 -18.49 -1.18
C GLY G 175 -7.59 -17.09 -0.98
N ASN G 176 -8.35 -16.25 -0.28
CA ASN G 176 -8.12 -14.81 -0.21
C ASN G 176 -6.84 -14.47 0.55
N ARG G 181 -2.20 -12.53 -4.00
CA ARG G 181 -1.02 -11.69 -3.95
C ARG G 181 -0.29 -11.66 -5.30
N THR G 182 0.76 -10.85 -5.38
CA THR G 182 1.61 -10.76 -6.56
C THR G 182 3.05 -10.59 -6.11
N ASP G 183 3.99 -11.22 -6.82
CA ASP G 183 5.42 -11.07 -6.57
C ASP G 183 6.04 -10.11 -7.58
N SER G 184 6.75 -9.11 -7.08
CA SER G 184 7.38 -8.14 -7.95
C SER G 184 8.70 -8.66 -8.51
N PRO G 185 9.04 -8.27 -9.75
CA PRO G 185 10.28 -8.75 -10.31
C PRO G 185 11.50 -8.17 -9.60
N LYS G 186 12.53 -8.99 -9.43
CA LYS G 186 13.81 -8.51 -8.97
C LYS G 186 14.66 -8.52 -10.22
N ALA G 187 15.42 -7.45 -10.43
CA ALA G 187 16.12 -7.24 -11.68
C ALA G 187 17.60 -6.98 -11.42
N HIS G 188 18.44 -7.50 -12.31
CA HIS G 188 19.88 -7.22 -12.29
C HIS G 188 20.44 -7.28 -13.70
N VAL G 189 21.60 -6.69 -13.90
CA VAL G 189 22.26 -6.68 -15.20
C VAL G 189 23.58 -7.45 -15.12
N THR G 190 23.84 -8.28 -16.13
CA THR G 190 25.07 -9.07 -16.20
C THR G 190 25.92 -8.59 -17.37
N HIS G 191 27.23 -8.68 -17.21
CA HIS G 191 28.17 -8.27 -18.25
C HIS G 191 28.74 -9.52 -18.91
N HIS G 192 28.71 -9.55 -20.25
CA HIS G 192 29.25 -10.67 -21.02
C HIS G 192 30.01 -10.15 -22.24
N PRO G 193 31.31 -10.46 -22.34
CA PRO G 193 32.13 -9.89 -23.43
C PRO G 193 31.82 -10.49 -24.80
N ARG G 194 32.15 -9.74 -25.85
CA ARG G 194 32.10 -10.25 -27.22
C ARG G 194 32.91 -9.37 -28.20
N LYS G 196 35.41 -7.65 -30.95
CA LYS G 196 36.33 -6.54 -30.83
C LYS G 196 35.61 -5.20 -30.87
N GLY G 197 35.49 -4.57 -29.70
CA GLY G 197 34.88 -3.24 -29.57
C GLY G 197 33.49 -3.22 -28.98
N GLU G 198 32.93 -4.41 -28.71
CA GLU G 198 31.54 -4.54 -28.27
C GLU G 198 31.40 -5.46 -27.06
N VAL G 199 30.18 -5.51 -26.51
CA VAL G 199 29.85 -6.36 -25.35
C VAL G 199 28.34 -6.74 -25.33
N THR G 200 27.97 -7.57 -24.35
CA THR G 200 26.56 -7.93 -24.11
C THR G 200 26.15 -7.49 -22.72
N LEU G 201 25.06 -6.74 -22.64
CA LEU G 201 24.37 -6.46 -21.38
C LEU G 201 23.02 -7.18 -21.38
N ARG G 202 22.77 -7.99 -20.37
CA ARG G 202 21.57 -8.80 -20.30
C ARG G 202 20.79 -8.53 -19.01
N CYS G 203 19.72 -7.75 -19.16
CA CYS G 203 18.84 -7.39 -18.04
C CYS G 203 17.94 -8.55 -17.68
N TRP G 204 18.01 -8.98 -16.42
CA TRP G 204 17.25 -10.12 -15.93
C TRP G 204 16.06 -9.66 -15.12
N ALA G 205 14.97 -10.41 -15.21
CA ALA G 205 13.84 -10.21 -14.36
C ALA G 205 13.50 -11.57 -13.72
N LEU G 206 13.57 -11.65 -12.40
CA LEU G 206 13.38 -12.94 -11.73
C LEU G 206 12.39 -12.82 -10.60
N GLY G 207 11.72 -13.93 -10.32
CA GLY G 207 10.93 -14.06 -9.11
C GLY G 207 9.49 -13.61 -9.19
N PHE G 208 9.07 -13.15 -10.38
CA PHE G 208 7.80 -12.41 -10.52
C PHE G 208 6.59 -13.29 -10.84
N TYR G 209 5.44 -12.90 -10.32
CA TYR G 209 4.15 -13.51 -10.68
C TYR G 209 3.06 -12.44 -10.55
N PRO G 210 2.09 -12.38 -11.49
CA PRO G 210 1.84 -13.22 -12.70
C PRO G 210 2.88 -13.01 -13.81
N ALA G 211 2.72 -13.74 -14.90
CA ALA G 211 3.79 -13.84 -15.91
C ALA G 211 3.93 -12.64 -16.85
N ASP G 212 2.85 -11.86 -17.01
CA ASP G 212 2.87 -10.69 -17.88
C ASP G 212 3.91 -9.67 -17.43
N ILE G 213 4.86 -9.36 -18.31
CA ILE G 213 5.97 -8.45 -17.99
C ILE G 213 6.55 -7.85 -19.26
N THR G 214 7.16 -6.68 -19.13
CA THR G 214 7.87 -6.08 -20.25
C THR G 214 9.25 -5.59 -19.85
N LEU G 215 10.25 -5.94 -20.64
CA LEU G 215 11.60 -5.47 -20.45
C LEU G 215 11.96 -4.57 -21.63
N THR G 216 12.62 -3.45 -21.36
CA THR G 216 13.09 -2.56 -22.44
C THR G 216 14.47 -2.05 -22.13
N TRP G 217 15.19 -1.66 -23.19
CA TRP G 217 16.49 -1.02 -23.07
C TRP G 217 16.40 0.38 -23.66
N GLN G 218 17.10 1.33 -23.04
CA GLN G 218 17.15 2.70 -23.54
C GLN G 218 18.60 3.19 -23.65
N LEU G 219 19.01 3.56 -24.86
CA LEU G 219 20.29 4.27 -25.07
C LEU G 219 20.77 5.63 -24.56
N ASN G 220 19.89 6.60 -24.56
CA ASN G 220 20.05 7.89 -23.88
C ASN G 220 18.59 7.95 -23.36
N GLY G 221 17.61 8.18 -24.25
CA GLY G 221 16.20 8.19 -23.87
C GLY G 221 15.28 7.56 -24.90
N GLU G 222 15.84 6.72 -25.77
CA GLU G 222 15.08 6.06 -26.83
C GLU G 222 14.84 4.61 -26.45
N GLU G 223 14.30 3.83 -27.38
CA GLU G 223 13.94 2.45 -27.10
C GLU G 223 14.61 1.57 -28.15
N LEU G 224 15.45 0.65 -27.69
CA LEU G 224 16.25 -0.19 -28.57
C LEU G 224 15.48 -1.46 -28.95
N ASP G 227 16.36 -4.85 -33.17
CA ASP G 227 17.74 -5.10 -32.80
C ASP G 227 17.96 -5.10 -31.27
N MET G 228 17.15 -5.89 -30.57
CA MET G 228 17.36 -6.28 -29.17
C MET G 228 16.92 -7.74 -29.01
N GLU G 229 17.66 -8.51 -28.21
CA GLU G 229 17.34 -9.93 -28.03
C GLU G 229 16.70 -10.23 -26.69
N LEU G 230 15.87 -11.27 -26.68
CA LEU G 230 15.14 -11.69 -25.47
C LEU G 230 14.75 -13.16 -25.55
N VAL G 231 14.21 -13.67 -24.43
CA VAL G 231 13.55 -14.97 -24.40
C VAL G 231 12.09 -14.76 -24.03
N GLU G 232 11.26 -15.74 -24.38
CA GLU G 232 9.90 -15.76 -23.89
C GLU G 232 9.90 -16.00 -22.36
N THR G 233 8.88 -15.49 -21.71
CA THR G 233 8.69 -15.63 -20.29
C THR G 233 8.53 -17.10 -19.94
N ARG G 234 9.39 -17.56 -19.04
CA ARG G 234 9.60 -18.99 -18.73
C ARG G 234 9.24 -19.26 -17.26
N PRO G 235 8.60 -20.39 -16.97
CA PRO G 235 8.40 -20.70 -15.54
C PRO G 235 9.73 -21.07 -14.85
N ALA G 236 9.96 -20.53 -13.67
CA ALA G 236 11.09 -20.96 -12.84
C ALA G 236 10.83 -22.37 -12.30
N GLY G 237 9.56 -22.74 -12.18
CA GLY G 237 9.18 -24.05 -11.66
C GLY G 237 8.71 -24.05 -10.22
N ASP G 238 8.86 -22.90 -9.55
CA ASP G 238 8.37 -22.70 -8.17
C ASP G 238 7.07 -21.87 -8.12
N GLY G 239 6.50 -21.57 -9.27
CA GLY G 239 5.33 -20.67 -9.37
C GLY G 239 5.70 -19.31 -9.91
N THR G 240 6.98 -18.97 -9.80
CA THR G 240 7.49 -17.71 -10.34
C THR G 240 7.98 -17.86 -11.79
N PHE G 241 8.27 -16.71 -12.40
CA PHE G 241 8.60 -16.63 -13.83
C PHE G 241 9.89 -15.87 -13.99
N GLN G 242 10.53 -16.05 -15.14
CA GLN G 242 11.80 -15.40 -15.46
C GLN G 242 11.71 -14.78 -16.84
N LYS G 243 12.57 -13.80 -17.12
CA LYS G 243 12.65 -13.24 -18.46
C LYS G 243 13.92 -12.42 -18.53
N TRP G 244 14.55 -12.36 -19.69
CA TRP G 244 15.68 -11.44 -19.86
C TRP G 244 15.71 -10.78 -21.22
N ALA G 245 16.33 -9.60 -21.25
CA ALA G 245 16.46 -8.80 -22.45
C ALA G 245 17.91 -8.34 -22.56
N SER G 246 18.47 -8.35 -23.77
CA SER G 246 19.88 -7.97 -23.94
C SER G 246 20.09 -7.09 -25.15
N VAL G 247 21.20 -6.35 -25.14
CA VAL G 247 21.54 -5.47 -26.27
C VAL G 247 23.04 -5.54 -26.55
N VAL G 248 23.41 -5.33 -27.82
CA VAL G 248 24.83 -5.29 -28.21
C VAL G 248 25.33 -3.85 -28.06
N VAL G 249 26.32 -3.69 -27.17
CA VAL G 249 26.82 -2.37 -26.78
C VAL G 249 28.32 -2.26 -27.07
N PRO G 250 28.78 -1.07 -27.51
CA PRO G 250 30.23 -0.85 -27.59
C PRO G 250 30.94 -1.00 -26.23
N LEU G 251 32.25 -1.20 -26.28
CA LEU G 251 33.06 -1.26 -25.06
C LEU G 251 33.26 0.15 -24.47
N GLY G 252 33.32 0.21 -23.14
CA GLY G 252 33.57 1.46 -22.43
C GLY G 252 32.58 2.58 -22.74
N LYS G 253 31.33 2.20 -22.99
CA LYS G 253 30.23 3.15 -23.21
C LYS G 253 28.90 2.69 -22.56
N GLU G 254 28.98 1.67 -21.71
CA GLU G 254 27.79 0.94 -21.26
C GLU G 254 26.82 1.76 -20.41
N GLN G 255 27.33 2.75 -19.70
CA GLN G 255 26.52 3.56 -18.78
C GLN G 255 25.50 4.45 -19.48
N ASN G 256 25.56 4.51 -20.82
CA ASN G 256 24.54 5.19 -21.61
C ASN G 256 23.22 4.41 -21.57
N TYR G 257 23.29 3.10 -21.32
CA TYR G 257 22.19 2.17 -21.51
C TYR G 257 21.51 1.82 -20.17
N THR G 258 20.17 1.86 -20.17
CA THR G 258 19.35 1.57 -19.00
C THR G 258 18.25 0.57 -19.32
N CYS G 259 18.04 -0.40 -18.43
CA CYS G 259 16.95 -1.38 -18.58
C CYS G 259 15.76 -1.02 -17.70
N ARG G 260 14.55 -1.22 -18.22
CA ARG G 260 13.34 -0.97 -17.46
C ARG G 260 12.46 -2.22 -17.41
N VAL G 261 11.85 -2.44 -16.25
CA VAL G 261 10.99 -3.60 -16.01
C VAL G 261 9.58 -3.13 -15.61
N TYR G 262 8.59 -3.51 -16.40
CA TYR G 262 7.21 -3.13 -16.18
C TYR G 262 6.37 -4.33 -15.76
N HIS G 263 5.71 -4.21 -14.61
CA HIS G 263 4.96 -5.34 -14.05
C HIS G 263 3.86 -4.85 -13.11
N GLU G 264 2.71 -5.52 -13.18
CA GLU G 264 1.50 -5.09 -12.43
C GLU G 264 1.70 -4.93 -10.91
N GLY G 265 2.58 -5.75 -10.33
CA GLY G 265 2.89 -5.71 -8.90
C GLY G 265 3.93 -4.69 -8.47
N LEU G 266 4.55 -3.99 -9.42
CA LEU G 266 5.49 -2.90 -9.10
C LEU G 266 4.69 -1.63 -8.76
N PRO G 267 5.20 -0.81 -7.81
CA PRO G 267 4.60 0.52 -7.56
C PRO G 267 4.91 1.47 -8.71
N GLU G 268 6.12 1.39 -9.24
CA GLU G 268 6.43 2.05 -10.51
C GLU G 268 7.46 1.23 -11.28
N PRO G 269 7.68 1.53 -12.57
CA PRO G 269 8.66 0.78 -13.36
C PRO G 269 10.08 0.89 -12.82
N LEU G 270 10.77 -0.25 -12.71
CA LEU G 270 12.16 -0.29 -12.32
C LEU G 270 13.03 0.35 -13.39
N THR G 271 14.13 0.96 -12.97
CA THR G 271 15.15 1.43 -13.89
C THR G 271 16.50 0.93 -13.38
N LEU G 272 17.35 0.49 -14.30
CA LEU G 272 18.58 -0.21 -13.95
C LEU G 272 19.65 -0.01 -15.00
N ARG G 273 20.89 -0.20 -14.59
CA ARG G 273 22.03 -0.26 -15.50
C ARG G 273 23.05 -1.27 -14.96
N TRP G 274 23.96 -1.73 -15.83
CA TRP G 274 25.08 -2.54 -15.38
C TRP G 274 26.00 -1.67 -14.52
N GLU G 275 26.12 -2.04 -13.25
CA GLU G 275 26.98 -1.32 -12.31
C GLU G 275 28.36 -2.01 -12.21
N PRO G 276 29.36 -1.52 -12.99
CA PRO G 276 30.66 -2.17 -13.09
C PRO G 276 31.47 -2.03 -11.81
N ILE H 1 -1.75 -28.05 -39.49
CA ILE H 1 -2.18 -28.49 -38.12
C ILE H 1 -1.00 -28.81 -37.18
N GLN H 2 0.12 -29.30 -37.73
CA GLN H 2 1.30 -29.64 -36.92
C GLN H 2 2.11 -28.40 -36.56
N LYS H 3 2.38 -28.21 -35.26
CA LYS H 3 3.14 -27.04 -34.81
C LYS H 3 4.43 -27.56 -34.15
N THR H 4 5.56 -26.96 -34.53
CA THR H 4 6.87 -27.39 -34.09
C THR H 4 7.16 -26.87 -32.68
N PRO H 5 7.62 -27.76 -31.78
CA PRO H 5 7.93 -27.32 -30.39
C PRO H 5 9.06 -26.28 -30.25
N GLN H 6 8.85 -25.26 -29.43
CA GLN H 6 9.90 -24.33 -29.05
C GLN H 6 10.44 -24.82 -27.71
N ILE H 7 11.76 -24.78 -27.54
CA ILE H 7 12.46 -25.29 -26.36
C ILE H 7 13.34 -24.24 -25.70
N GLN H 8 13.23 -24.08 -24.38
CA GLN H 8 14.27 -23.35 -23.62
C GLN H 8 14.78 -24.25 -22.53
N VAL H 9 16.07 -24.16 -22.24
CA VAL H 9 16.70 -24.98 -21.22
C VAL H 9 17.45 -24.01 -20.34
N TYR H 10 17.17 -24.03 -19.04
CA TYR H 10 17.67 -22.99 -18.14
C TYR H 10 17.48 -23.41 -16.70
N SER H 11 18.25 -22.80 -15.83
CA SER H 11 18.22 -23.19 -14.43
C SER H 11 17.18 -22.37 -13.68
N ARG H 12 16.70 -22.93 -12.58
CA ARG H 12 15.70 -22.26 -11.74
C ARG H 12 16.34 -21.09 -11.01
N HIS H 13 17.53 -21.29 -10.45
CA HIS H 13 18.22 -20.22 -9.72
C HIS H 13 19.49 -19.81 -10.47
N PRO H 14 20.03 -18.61 -10.18
CA PRO H 14 21.25 -18.25 -10.88
C PRO H 14 22.30 -19.31 -10.61
N PRO H 15 22.97 -19.85 -11.65
CA PRO H 15 23.90 -21.00 -11.55
C PRO H 15 25.24 -20.74 -10.86
N GLU H 16 25.64 -21.67 -10.00
CA GLU H 16 26.91 -21.54 -9.29
C GLU H 16 27.58 -22.92 -9.26
N ASN H 17 28.75 -23.04 -9.88
CA ASN H 17 29.43 -24.35 -9.95
C ASN H 17 29.59 -24.93 -8.54
N GLY H 18 29.32 -26.23 -8.39
CA GLY H 18 29.32 -26.89 -7.07
C GLY H 18 27.99 -26.80 -6.30
N LYS H 19 27.14 -25.85 -6.70
CA LYS H 19 25.92 -25.55 -5.96
C LYS H 19 24.67 -26.24 -6.52
N PRO H 20 24.03 -27.11 -5.74
CA PRO H 20 22.80 -27.75 -6.26
C PRO H 20 21.77 -26.74 -6.79
N ASN H 21 21.11 -27.13 -7.88
CA ASN H 21 20.19 -26.27 -8.59
C ASN H 21 19.10 -27.15 -9.23
N ILE H 22 18.27 -26.57 -10.10
CA ILE H 22 17.28 -27.34 -10.86
C ILE H 22 17.34 -26.88 -12.31
N LEU H 23 17.36 -27.84 -13.23
CA LEU H 23 17.39 -27.56 -14.66
C LEU H 23 16.01 -27.75 -15.26
N ASN H 24 15.55 -26.75 -16.02
CA ASN H 24 14.26 -26.84 -16.70
C ASN H 24 14.43 -27.04 -18.18
N CYS H 25 13.52 -27.80 -18.78
CA CYS H 25 13.30 -27.79 -20.22
C CYS H 25 11.84 -27.37 -20.46
N TYR H 26 11.66 -26.18 -21.00
CA TYR H 26 10.34 -25.58 -21.20
C TYR H 26 10.03 -25.73 -22.68
N VAL H 27 9.00 -26.56 -22.98
CA VAL H 27 8.64 -26.93 -24.36
C VAL H 27 7.24 -26.39 -24.67
N THR H 28 7.14 -25.45 -25.62
CA THR H 28 5.90 -24.77 -25.91
C THR H 28 5.55 -24.78 -27.40
N GLN H 29 4.32 -24.33 -27.69
CA GLN H 29 3.87 -24.05 -29.04
C GLN H 29 3.78 -25.29 -29.94
N PHE H 30 3.46 -26.44 -29.39
CA PHE H 30 3.42 -27.66 -30.17
C PHE H 30 1.99 -28.24 -30.32
N HIS H 31 1.82 -29.07 -31.35
CA HIS H 31 0.53 -29.70 -31.65
C HIS H 31 0.77 -30.78 -32.67
N PRO H 32 0.20 -31.98 -32.51
CA PRO H 32 -0.66 -32.47 -31.44
C PRO H 32 0.14 -32.68 -30.14
N PRO H 33 -0.54 -32.97 -29.02
CA PRO H 33 0.11 -33.01 -27.72
C PRO H 33 1.04 -34.19 -27.43
N HIS H 34 0.95 -35.28 -28.17
CA HIS H 34 1.96 -36.36 -28.08
C HIS H 34 3.36 -35.78 -28.32
N ILE H 35 4.24 -36.06 -27.38
CA ILE H 35 5.60 -35.58 -27.45
C ILE H 35 6.47 -36.47 -26.58
N GLU H 36 7.75 -36.54 -26.92
CA GLU H 36 8.71 -37.23 -26.03
C GLU H 36 9.86 -36.31 -25.65
N ILE H 37 10.08 -36.19 -24.34
CA ILE H 37 11.13 -35.33 -23.83
C ILE H 37 12.15 -36.10 -22.95
N GLN H 38 13.44 -35.91 -23.25
CA GLN H 38 14.52 -36.38 -22.39
C GLN H 38 15.47 -35.24 -22.02
N MET H 39 15.99 -35.30 -20.80
CA MET H 39 17.05 -34.41 -20.36
C MET H 39 18.36 -35.20 -20.30
N LEU H 40 19.44 -34.60 -20.78
CA LEU H 40 20.69 -35.31 -20.96
C LEU H 40 21.82 -34.70 -20.14
N LYS H 41 22.63 -35.56 -19.52
CA LYS H 41 23.88 -35.15 -18.88
C LYS H 41 25.04 -35.85 -19.56
N ASN H 42 25.91 -35.06 -20.19
CA ASN H 42 27.01 -35.56 -21.01
C ASN H 42 26.55 -36.60 -22.01
N GLY H 43 25.56 -36.19 -22.82
CA GLY H 43 24.93 -37.05 -23.79
C GLY H 43 24.18 -38.27 -23.25
N LYS H 44 24.01 -38.36 -21.93
CA LYS H 44 23.37 -39.50 -21.34
C LYS H 44 22.07 -39.08 -20.72
N LYS H 45 21.07 -39.93 -20.85
CA LYS H 45 19.72 -39.71 -20.36
C LYS H 45 19.73 -39.68 -18.85
N ILE H 46 19.22 -38.59 -18.29
CA ILE H 46 19.01 -38.44 -16.84
C ILE H 46 17.73 -39.21 -16.50
N PRO H 47 17.77 -40.13 -15.51
CA PRO H 47 16.65 -41.06 -15.35
C PRO H 47 15.41 -40.56 -14.57
N LYS H 48 15.56 -39.54 -13.73
CA LYS H 48 14.48 -39.21 -12.78
C LYS H 48 13.61 -38.00 -13.19
N VAL H 49 13.54 -37.70 -14.48
CA VAL H 49 12.98 -36.43 -14.92
C VAL H 49 11.49 -36.31 -14.59
N GLU H 50 11.15 -35.27 -13.84
CA GLU H 50 9.75 -34.96 -13.55
C GLU H 50 9.13 -34.14 -14.66
N MET H 51 7.89 -34.46 -15.00
CA MET H 51 7.22 -33.88 -16.13
C MET H 51 5.93 -33.28 -15.57
N SER H 52 5.66 -32.00 -15.84
CA SER H 52 4.33 -31.47 -15.55
C SER H 52 3.27 -32.15 -16.44
N ASP H 53 2.01 -31.95 -16.07
CA ASP H 53 0.88 -32.50 -16.82
C ASP H 53 0.53 -31.64 -18.05
N MET H 54 -0.06 -32.26 -19.07
CA MET H 54 -0.46 -31.58 -20.34
C MET H 54 -1.30 -30.35 -20.04
N SER H 55 -0.91 -29.21 -20.60
CA SER H 55 -1.72 -28.02 -20.59
C SER H 55 -1.67 -27.35 -21.94
N PHE H 56 -2.64 -26.48 -22.19
CA PHE H 56 -2.66 -25.73 -23.42
C PHE H 56 -2.90 -24.25 -23.19
N SER H 57 -2.37 -23.44 -24.12
CA SER H 57 -2.46 -22.01 -24.02
C SER H 57 -3.70 -21.54 -24.79
N LYS H 58 -4.02 -20.27 -24.65
CA LYS H 58 -5.23 -19.79 -25.27
C LYS H 58 -5.18 -19.71 -26.83
N ASP H 59 -3.99 -19.79 -27.43
CA ASP H 59 -3.84 -19.90 -28.89
C ASP H 59 -3.98 -21.35 -29.35
N TRP H 60 -4.21 -22.25 -28.38
CA TRP H 60 -4.54 -23.67 -28.59
C TRP H 60 -3.34 -24.60 -28.84
N SER H 61 -2.12 -24.11 -28.59
CA SER H 61 -0.92 -24.97 -28.54
C SER H 61 -0.55 -25.52 -27.13
N PHE H 62 -0.03 -26.72 -27.11
CA PHE H 62 0.34 -27.38 -25.87
C PHE H 62 1.70 -26.93 -25.36
N TYR H 63 1.91 -27.09 -24.05
CA TYR H 63 3.21 -26.78 -23.39
C TYR H 63 3.49 -27.73 -22.22
N ILE H 64 4.73 -27.87 -21.82
CA ILE H 64 5.12 -28.85 -20.78
C ILE H 64 6.46 -28.43 -20.23
N LEU H 65 6.63 -28.58 -18.91
CA LEU H 65 7.87 -28.23 -18.25
C LEU H 65 8.42 -29.51 -17.74
N ALA H 66 9.66 -29.82 -18.11
CA ALA H 66 10.36 -30.98 -17.57
C ALA H 66 11.45 -30.39 -16.68
N HIS H 67 11.76 -31.06 -15.58
CA HIS H 67 12.77 -30.51 -14.70
C HIS H 67 13.50 -31.60 -13.91
N THR H 68 14.72 -31.28 -13.47
CA THR H 68 15.56 -32.26 -12.76
C THR H 68 16.60 -31.56 -11.94
N GLU H 69 17.02 -32.20 -10.86
CA GLU H 69 18.04 -31.63 -9.99
C GLU H 69 19.39 -31.81 -10.62
N PHE H 70 20.28 -30.85 -10.42
CA PHE H 70 21.63 -30.93 -10.95
C PHE H 70 22.58 -30.00 -10.18
N THR H 71 23.88 -30.24 -10.36
CA THR H 71 24.91 -29.33 -9.86
C THR H 71 25.80 -28.92 -11.04
N PRO H 72 25.76 -27.64 -11.47
CA PRO H 72 26.65 -27.32 -12.57
C PRO H 72 28.14 -27.46 -12.21
N THR H 73 28.95 -27.85 -13.19
CA THR H 73 30.40 -27.79 -13.11
C THR H 73 30.90 -27.09 -14.36
N GLU H 74 32.21 -26.82 -14.39
CA GLU H 74 32.88 -26.25 -15.55
C GLU H 74 32.65 -27.06 -16.82
N THR H 75 32.68 -28.39 -16.72
CA THR H 75 32.72 -29.26 -17.93
C THR H 75 31.49 -30.12 -18.22
N ASP H 76 30.59 -30.28 -17.25
CA ASP H 76 29.40 -31.13 -17.49
C ASP H 76 28.45 -30.42 -18.45
N THR H 77 28.12 -31.09 -19.57
CA THR H 77 27.12 -30.57 -20.52
C THR H 77 25.71 -31.08 -20.18
N TYR H 78 24.74 -30.19 -20.36
CA TYR H 78 23.34 -30.49 -20.18
C TYR H 78 22.52 -30.05 -21.37
N ALA H 79 21.53 -30.88 -21.72
CA ALA H 79 20.73 -30.66 -22.89
C ALA H 79 19.35 -31.24 -22.68
N CYS H 80 18.45 -30.84 -23.57
CA CYS H 80 17.11 -31.38 -23.61
C CYS H 80 16.80 -31.81 -25.04
N ARG H 81 16.29 -33.03 -25.17
CA ARG H 81 16.13 -33.70 -26.44
C ARG H 81 14.66 -33.97 -26.66
N VAL H 82 14.09 -33.43 -27.72
CA VAL H 82 12.66 -33.53 -27.96
C VAL H 82 12.30 -34.21 -29.28
N LYS H 83 11.38 -35.17 -29.22
CA LYS H 83 10.84 -35.80 -30.44
C LYS H 83 9.35 -35.52 -30.60
N HIS H 84 8.98 -35.10 -31.81
CA HIS H 84 7.63 -34.68 -32.12
C HIS H 84 7.35 -34.81 -33.63
N ASP H 85 6.14 -35.26 -33.98
CA ASP H 85 5.80 -35.65 -35.36
C ASP H 85 5.99 -34.55 -36.37
N SER H 86 5.92 -33.30 -35.91
CA SER H 86 6.25 -32.12 -36.71
C SER H 86 7.70 -32.04 -37.16
N MET H 87 8.58 -32.84 -36.55
CA MET H 87 10.01 -32.81 -36.89
C MET H 87 10.51 -34.16 -37.44
N ALA H 88 11.20 -34.13 -38.58
CA ALA H 88 11.81 -35.33 -39.15
C ALA H 88 12.69 -36.02 -38.12
N GLU H 89 13.51 -35.21 -37.43
CA GLU H 89 14.51 -35.69 -36.46
C GLU H 89 14.33 -35.02 -35.10
N PRO H 90 14.88 -35.65 -34.05
CA PRO H 90 14.93 -35.04 -32.70
C PRO H 90 15.59 -33.68 -32.69
N LYS H 91 15.31 -32.89 -31.66
CA LYS H 91 15.84 -31.53 -31.53
C LYS H 91 16.45 -31.49 -30.15
N THR H 92 17.76 -31.21 -30.10
CA THR H 92 18.50 -31.07 -28.85
C THR H 92 18.88 -29.61 -28.68
N VAL H 93 18.57 -29.04 -27.53
CA VAL H 93 18.96 -27.66 -27.17
C VAL H 93 19.84 -27.77 -25.93
N TYR H 94 21.07 -27.24 -26.03
CA TYR H 94 22.03 -27.34 -24.93
C TYR H 94 21.81 -26.22 -23.93
N TRP H 95 22.07 -26.52 -22.66
CA TRP H 95 22.09 -25.50 -21.63
C TRP H 95 23.29 -24.51 -21.80
N ASP H 96 22.97 -23.24 -21.96
CA ASP H 96 23.93 -22.13 -21.90
C ASP H 96 23.76 -21.41 -20.56
N ARG H 97 24.77 -21.46 -19.69
CA ARG H 97 24.65 -20.97 -18.30
C ARG H 97 24.42 -19.46 -18.14
N ASP H 98 24.70 -18.67 -19.18
CA ASP H 98 24.46 -17.22 -19.16
C ASP H 98 23.12 -16.82 -19.80
N MET H 99 22.24 -17.79 -20.02
CA MET H 99 21.00 -17.53 -20.77
C MET H 99 19.80 -18.19 -20.11
N LYS I 1 -16.96 -24.19 -10.78
CA LYS I 1 -17.51 -25.48 -11.25
C LYS I 1 -17.49 -25.52 -12.77
N ALA I 2 -17.36 -26.72 -13.32
CA ALA I 2 -17.11 -26.91 -14.76
C ALA I 2 -18.39 -26.74 -15.58
N PRO I 3 -18.25 -26.36 -16.86
CA PRO I 3 -19.43 -26.38 -17.69
C PRO I 3 -19.87 -27.82 -17.97
N SER I 4 -21.12 -28.04 -18.34
CA SER I 4 -21.51 -29.30 -18.95
C SER I 4 -22.17 -28.97 -20.25
N ASN I 5 -21.73 -29.62 -21.31
CA ASN I 5 -22.11 -29.18 -22.65
C ASN I 5 -23.52 -29.60 -23.03
N PHE I 6 -24.10 -28.91 -24.02
CA PHE I 6 -25.44 -29.25 -24.50
C PHE I 6 -25.33 -30.04 -25.82
N ALA I 7 -25.93 -29.60 -26.92
CA ALA I 7 -25.80 -30.34 -28.21
C ALA I 7 -24.35 -30.72 -28.49
N THR I 8 -24.14 -31.95 -28.96
CA THR I 8 -22.85 -32.34 -29.43
C THR I 8 -22.63 -31.73 -30.80
N MET I 9 -21.41 -31.86 -31.33
CA MET I 9 -21.12 -31.20 -32.59
C MET I 9 -21.75 -31.92 -33.74
N GLY J 1 -3.02 -0.53 -10.27
CA GLY J 1 -4.30 -0.39 -11.05
C GLY J 1 -4.04 0.49 -12.26
N PRO J 2 -4.98 0.50 -13.22
CA PRO J 2 -4.81 1.25 -14.46
C PRO J 2 -4.82 2.76 -14.21
N HIS J 3 -4.27 3.52 -15.16
CA HIS J 3 -4.21 4.98 -15.06
C HIS J 3 -4.41 5.64 -16.42
N SER J 4 -4.77 6.92 -16.42
CA SER J 4 -5.10 7.60 -17.66
C SER J 4 -4.86 9.09 -17.61
N MET J 5 -4.69 9.70 -18.78
CA MET J 5 -4.70 11.13 -18.90
C MET J 5 -5.65 11.53 -20.03
N ARG J 6 -6.37 12.63 -19.84
CA ARG J 6 -7.20 13.20 -20.90
C ARG J 6 -7.12 14.72 -20.96
N TYR J 7 -7.16 15.28 -22.15
CA TYR J 7 -7.53 16.71 -22.27
C TYR J 7 -8.85 16.84 -23.02
N PHE J 8 -9.80 17.52 -22.40
CA PHE J 8 -11.10 17.79 -22.99
C PHE J 8 -11.15 19.27 -23.38
N GLU J 9 -11.33 19.53 -24.68
CA GLU J 9 -11.20 20.86 -25.24
C GLU J 9 -12.50 21.23 -25.93
N THR J 10 -13.03 22.40 -25.62
CA THR J 10 -14.28 22.87 -26.21
C THR J 10 -14.05 24.22 -26.87
N ALA J 11 -14.56 24.42 -28.08
CA ALA J 11 -14.68 25.75 -28.64
C ALA J 11 -16.16 26.03 -28.99
N VAL J 12 -16.67 27.18 -28.54
CA VAL J 12 -18.06 27.54 -28.77
C VAL J 12 -18.16 28.90 -29.42
N SER J 13 -18.85 28.94 -30.57
CA SER J 13 -19.13 30.19 -31.29
C SER J 13 -20.58 30.59 -31.09
N ARG J 14 -20.82 31.89 -30.98
CA ARG J 14 -22.17 32.48 -30.94
C ARG J 14 -22.22 33.72 -31.84
N PRO J 15 -23.41 34.01 -32.42
CA PRO J 15 -23.53 35.15 -33.36
C PRO J 15 -23.02 36.44 -32.75
N GLY J 16 -23.39 36.68 -31.51
CA GLY J 16 -23.00 37.91 -30.82
C GLY J 16 -21.52 37.93 -30.48
N LEU J 17 -20.94 36.74 -30.28
CA LEU J 17 -19.54 36.66 -29.91
C LEU J 17 -18.69 36.92 -31.14
N GLU J 18 -17.75 37.85 -30.99
CA GLU J 18 -16.80 38.15 -32.05
C GLU J 18 -16.01 36.84 -32.22
N GLU J 19 -15.15 36.53 -31.24
CA GLU J 19 -14.32 35.33 -31.29
C GLU J 19 -14.93 34.22 -30.40
N PRO J 20 -14.81 32.94 -30.80
CA PRO J 20 -15.23 31.83 -29.95
C PRO J 20 -14.62 31.81 -28.54
N ARG J 21 -15.31 31.16 -27.62
CA ARG J 21 -14.76 30.89 -26.30
C ARG J 21 -14.11 29.51 -26.28
N TYR J 22 -12.84 29.43 -25.83
CA TYR J 22 -12.07 28.18 -25.83
C TYR J 22 -11.73 27.71 -24.40
N ILE J 23 -12.25 26.55 -24.00
CA ILE J 23 -11.93 25.94 -22.70
C ILE J 23 -11.16 24.64 -22.93
N SER J 24 -10.06 24.44 -22.19
CA SER J 24 -9.40 23.16 -22.15
C SER J 24 -9.28 22.71 -20.71
N VAL J 25 -9.59 21.45 -20.44
CA VAL J 25 -9.53 20.88 -19.10
C VAL J 25 -8.69 19.62 -19.15
N GLY J 26 -7.65 19.53 -18.35
CA GLY J 26 -6.88 18.29 -18.26
C GLY J 26 -7.27 17.40 -17.09
N TYR J 27 -7.24 16.09 -17.32
CA TYR J 27 -7.54 15.11 -16.29
C TYR J 27 -6.41 14.09 -16.16
N VAL J 28 -6.18 13.64 -14.92
CA VAL J 28 -5.39 12.44 -14.60
C VAL J 28 -6.28 11.52 -13.74
N ASP J 29 -6.30 10.24 -14.10
CA ASP J 29 -7.23 9.26 -13.49
C ASP J 29 -8.65 9.81 -13.27
N ASN J 30 -9.17 10.47 -14.32
CA ASN J 30 -10.53 11.02 -14.31
C ASN J 30 -10.76 12.16 -13.29
N LYS J 31 -9.69 12.73 -12.75
CA LYS J 31 -9.82 13.90 -11.84
C LYS J 31 -9.17 15.12 -12.49
N GLU J 32 -9.85 16.25 -12.40
CA GLU J 32 -9.35 17.47 -13.02
C GLU J 32 -8.05 17.88 -12.32
N PHE J 33 -7.01 18.16 -13.13
CA PHE J 33 -5.71 18.64 -12.63
C PHE J 33 -5.21 19.92 -13.27
N VAL J 34 -5.61 20.24 -14.50
CA VAL J 34 -5.33 21.56 -15.08
C VAL J 34 -6.52 22.12 -15.86
N ARG J 35 -6.49 23.42 -16.08
CA ARG J 35 -7.60 24.11 -16.77
C ARG J 35 -7.18 25.43 -17.42
N PHE J 36 -7.59 25.61 -18.69
CA PHE J 36 -7.40 26.87 -19.45
C PHE J 36 -8.78 27.35 -19.91
N ASP J 37 -8.99 28.66 -19.89
CA ASP J 37 -10.25 29.26 -20.30
C ASP J 37 -9.98 30.65 -20.88
N SER J 38 -10.24 30.79 -22.17
CA SER J 38 -10.00 32.02 -22.92
C SER J 38 -10.79 33.20 -22.41
N ASP J 39 -11.88 32.96 -21.68
CA ASP J 39 -12.68 34.06 -21.11
C ASP J 39 -11.96 34.82 -20.00
N ALA J 40 -11.00 34.16 -19.33
CA ALA J 40 -10.32 34.77 -18.18
C ALA J 40 -9.59 36.06 -18.55
N GLU J 41 -9.47 36.93 -17.56
CA GLU J 41 -8.81 38.23 -17.73
C GLU J 41 -7.39 38.03 -18.26
N ASN J 42 -6.68 37.07 -17.68
CA ASN J 42 -5.39 36.66 -18.24
C ASN J 42 -5.33 35.16 -18.53
N PRO J 43 -5.74 34.75 -19.75
CA PRO J 43 -5.81 33.32 -20.09
C PRO J 43 -4.49 32.58 -19.90
N ARG J 44 -4.52 31.49 -19.14
CA ARG J 44 -3.38 30.58 -19.01
C ARG J 44 -3.82 29.29 -18.34
N TYR J 45 -3.04 28.24 -18.52
CA TYR J 45 -3.25 27.01 -17.76
C TYR J 45 -2.99 27.23 -16.24
N GLU J 46 -3.92 26.79 -15.40
CA GLU J 46 -3.83 26.92 -13.94
C GLU J 46 -3.87 25.53 -13.30
N PRO J 47 -3.13 25.33 -12.19
CA PRO J 47 -3.26 24.06 -11.49
C PRO J 47 -4.67 23.92 -10.93
N ARG J 48 -5.21 22.72 -10.94
CA ARG J 48 -6.50 22.46 -10.36
C ARG J 48 -6.42 21.45 -9.22
N ALA J 49 -5.21 20.96 -8.95
CA ALA J 49 -4.93 20.11 -7.80
C ALA J 49 -3.69 20.67 -7.11
N PRO J 50 -3.68 20.72 -5.77
CA PRO J 50 -2.51 21.24 -5.06
C PRO J 50 -1.20 20.52 -5.37
N TRP J 51 -1.24 19.26 -5.78
CA TRP J 51 0.00 18.55 -6.21
C TRP J 51 0.65 19.08 -7.51
N MET J 52 -0.08 19.84 -8.33
CA MET J 52 0.48 20.43 -9.56
C MET J 52 1.15 21.79 -9.36
N GLU J 53 0.93 22.38 -8.19
CA GLU J 53 1.66 23.58 -7.81
C GLU J 53 3.19 23.36 -7.80
N GLN J 54 3.60 22.10 -7.65
CA GLN J 54 4.99 21.65 -7.84
C GLN J 54 5.66 22.11 -9.14
N GLU J 55 4.87 22.36 -10.17
CA GLU J 55 5.42 22.69 -11.49
C GLU J 55 5.77 24.16 -11.53
N GLY J 56 6.98 24.45 -12.02
CA GLY J 56 7.45 25.84 -12.10
C GLY J 56 6.83 26.61 -13.25
N PRO J 57 7.18 27.90 -13.39
CA PRO J 57 6.57 28.72 -14.43
C PRO J 57 6.95 28.32 -15.86
N GLU J 58 8.03 27.59 -16.06
CA GLU J 58 8.34 27.11 -17.42
C GLU J 58 7.29 26.12 -17.90
N TYR J 59 6.90 25.19 -17.03
CA TYR J 59 5.83 24.25 -17.34
C TYR J 59 4.57 25.02 -17.72
N TRP J 60 4.16 25.95 -16.87
CA TRP J 60 2.92 26.69 -17.12
C TRP J 60 2.95 27.56 -18.38
N GLU J 61 4.08 28.24 -18.62
CA GLU J 61 4.15 29.14 -19.77
C GLU J 61 4.09 28.37 -21.10
N ARG J 62 4.73 27.22 -21.16
CA ARG J 62 4.70 26.43 -22.38
C ARG J 62 3.30 25.86 -22.63
N GLU J 63 2.67 25.32 -21.59
CA GLU J 63 1.29 24.83 -21.70
C GLU J 63 0.38 25.90 -22.27
N THR J 64 0.40 27.07 -21.63
CA THR J 64 -0.36 28.24 -22.06
C THR J 64 -0.12 28.59 -23.53
N GLN J 65 1.12 28.46 -23.98
CA GLN J 65 1.44 28.70 -25.40
C GLN J 65 0.79 27.68 -26.33
N LYS J 66 0.77 26.41 -25.94
CA LYS J 66 0.01 25.39 -26.72
C LYS J 66 -1.49 25.75 -26.77
N ALA J 67 -2.06 26.13 -25.63
CA ALA J 67 -3.46 26.52 -25.60
C ALA J 67 -3.75 27.60 -26.63
N LYS J 68 -2.91 28.65 -26.66
CA LYS J 68 -3.16 29.78 -27.57
C LYS J 68 -3.11 29.33 -29.03
N GLY J 69 -2.30 28.31 -29.30
CA GLY J 69 -2.32 27.62 -30.57
C GLY J 69 -3.67 26.94 -30.74
N GLN J 70 -4.11 26.18 -29.75
CA GLN J 70 -5.29 25.34 -29.91
C GLN J 70 -6.48 26.23 -30.25
N GLU J 71 -6.65 27.30 -29.48
CA GLU J 71 -7.70 28.28 -29.73
C GLU J 71 -7.79 28.72 -31.20
N GLN J 72 -6.66 28.94 -31.85
CA GLN J 72 -6.66 29.43 -33.23
C GLN J 72 -6.95 28.28 -34.18
N TRP J 73 -6.44 27.11 -33.87
CA TRP J 73 -6.80 25.90 -34.57
C TRP J 73 -8.33 25.70 -34.55
N PHE J 74 -8.93 25.80 -33.38
CA PHE J 74 -10.35 25.56 -33.25
C PHE J 74 -11.13 26.63 -34.04
N ARG J 75 -10.66 27.86 -34.00
CA ARG J 75 -11.38 28.94 -34.64
C ARG J 75 -11.35 28.78 -36.15
N VAL J 76 -10.20 28.42 -36.69
CA VAL J 76 -10.12 28.14 -38.10
C VAL J 76 -11.00 26.92 -38.46
N SER J 77 -10.89 25.87 -37.66
CA SER J 77 -11.62 24.62 -37.92
C SER J 77 -13.15 24.80 -37.85
N LEU J 78 -13.60 25.65 -36.93
CA LEU J 78 -15.01 26.09 -36.82
C LEU J 78 -15.52 26.80 -38.07
N ARG J 79 -14.71 27.71 -38.61
CA ARG J 79 -14.99 28.38 -39.88
C ARG J 79 -15.18 27.37 -41.02
N ASN J 80 -14.30 26.38 -41.08
CA ASN J 80 -14.28 25.43 -42.21
C ASN J 80 -15.51 24.51 -42.21
N LEU J 81 -15.99 24.17 -41.01
CA LEU J 81 -17.12 23.24 -40.84
C LEU J 81 -18.44 23.94 -41.21
N LEU J 82 -18.58 25.21 -40.86
CA LEU J 82 -19.65 26.10 -41.36
C LEU J 82 -19.86 25.89 -42.87
N GLY J 83 -18.79 26.05 -43.62
CA GLY J 83 -18.80 25.75 -45.06
C GLY J 83 -19.17 24.32 -45.36
N TYR J 84 -18.47 23.36 -44.74
CA TYR J 84 -18.67 21.92 -45.01
C TYR J 84 -20.10 21.47 -44.84
N TYR J 85 -20.79 22.11 -43.89
CA TYR J 85 -22.18 21.75 -43.58
C TYR J 85 -23.18 22.71 -44.17
N ASN J 86 -22.74 23.60 -45.05
CA ASN J 86 -23.65 24.58 -45.63
C ASN J 86 -24.51 25.20 -44.55
N GLN J 87 -23.87 25.65 -43.48
CA GLN J 87 -24.55 26.37 -42.40
C GLN J 87 -24.38 27.86 -42.67
N SER J 88 -25.43 28.63 -42.56
CA SER J 88 -25.31 30.06 -42.77
C SER J 88 -25.02 30.72 -41.42
N ALA J 89 -24.85 32.04 -41.41
CA ALA J 89 -24.49 32.77 -40.22
C ALA J 89 -25.67 32.79 -39.25
N GLY J 90 -25.48 33.38 -38.08
CA GLY J 90 -26.55 33.56 -37.11
C GLY J 90 -26.80 32.36 -36.20
N GLY J 91 -25.79 31.51 -36.05
CA GLY J 91 -25.96 30.30 -35.27
C GLY J 91 -24.87 30.15 -34.22
N SER J 92 -25.14 29.32 -33.23
CA SER J 92 -24.12 28.93 -32.26
C SER J 92 -23.61 27.53 -32.63
N HIS J 93 -22.29 27.35 -32.58
CA HIS J 93 -21.67 26.06 -32.91
C HIS J 93 -20.65 25.59 -31.86
N THR J 94 -20.35 24.29 -31.90
CA THR J 94 -19.54 23.64 -30.87
C THR J 94 -18.58 22.65 -31.54
N LEU J 95 -17.31 22.82 -31.27
CA LEU J 95 -16.29 21.87 -31.64
C LEU J 95 -15.68 21.38 -30.35
N GLN J 96 -15.57 20.07 -30.18
CA GLN J 96 -14.98 19.49 -28.97
C GLN J 96 -13.92 18.44 -29.36
N GLN J 97 -12.98 18.19 -28.43
CA GLN J 97 -11.90 17.23 -28.66
C GLN J 97 -11.58 16.52 -27.32
N MET J 98 -11.25 15.24 -27.42
CA MET J 98 -10.82 14.41 -26.29
C MET J 98 -9.57 13.68 -26.74
N SER J 99 -8.46 13.90 -26.05
CA SER J 99 -7.22 13.19 -26.33
C SER J 99 -6.54 12.79 -25.04
N GLY J 100 -5.68 11.79 -25.13
CA GLY J 100 -4.97 11.26 -23.99
C GLY J 100 -4.60 9.79 -24.15
N CYS J 101 -4.19 9.19 -23.04
CA CYS J 101 -3.66 7.84 -23.07
C CYS J 101 -4.13 7.06 -21.86
N ASP J 102 -4.23 5.74 -22.04
CA ASP J 102 -4.53 4.82 -20.97
C ASP J 102 -3.31 3.95 -20.77
N LEU J 103 -3.01 3.66 -19.51
CA LEU J 103 -1.91 2.74 -19.16
C LEU J 103 -2.50 1.58 -18.40
N GLY J 104 -1.91 0.40 -18.54
CA GLY J 104 -2.29 -0.70 -17.68
C GLY J 104 -1.74 -0.48 -16.29
N SER J 105 -1.85 -1.52 -15.45
CA SER J 105 -1.31 -1.48 -14.10
C SER J 105 0.22 -1.63 -14.09
N ASP J 106 0.80 -2.00 -15.23
CA ASP J 106 2.26 -2.00 -15.41
C ASP J 106 2.81 -0.65 -15.91
N TRP J 107 1.92 0.34 -16.06
CA TRP J 107 2.27 1.69 -16.51
C TRP J 107 2.62 1.76 -17.99
N ARG J 108 2.41 0.67 -18.73
CA ARG J 108 2.61 0.68 -20.18
C ARG J 108 1.33 1.12 -20.94
N LEU J 109 1.51 1.66 -22.14
CA LEU J 109 0.41 2.11 -22.98
C LEU J 109 -0.50 0.94 -23.38
N LEU J 110 -1.77 1.08 -23.01
CA LEU J 110 -2.82 0.18 -23.41
C LEU J 110 -3.52 0.76 -24.65
N ARG J 111 -3.70 2.08 -24.70
CA ARG J 111 -4.47 2.73 -25.74
C ARG J 111 -4.27 4.25 -25.76
N GLY J 112 -4.18 4.82 -26.95
CA GLY J 112 -4.29 6.25 -27.14
C GLY J 112 -5.69 6.60 -27.61
N TYR J 113 -6.14 7.81 -27.31
CA TYR J 113 -7.44 8.33 -27.69
C TYR J 113 -7.32 9.66 -28.40
N LEU J 114 -8.06 9.81 -29.51
CA LEU J 114 -8.18 11.10 -30.21
C LEU J 114 -9.52 11.13 -30.99
N GLN J 115 -10.43 12.00 -30.58
CA GLN J 115 -11.80 12.03 -31.07
C GLN J 115 -12.24 13.49 -31.18
N PHE J 116 -13.02 13.84 -32.21
CA PHE J 116 -13.63 15.17 -32.32
C PHE J 116 -15.15 15.08 -32.54
N ALA J 117 -15.88 16.03 -31.97
CA ALA J 117 -17.33 16.13 -32.14
C ALA J 117 -17.74 17.55 -32.56
N TYR J 118 -18.69 17.63 -33.48
CA TYR J 118 -19.24 18.88 -33.97
C TYR J 118 -20.72 18.87 -33.66
N GLU J 119 -21.19 19.95 -33.04
CA GLU J 119 -22.56 20.06 -32.53
C GLU J 119 -22.89 18.91 -31.57
N GLY J 120 -21.90 18.54 -30.78
CA GLY J 120 -22.08 17.45 -29.83
C GLY J 120 -22.17 16.08 -30.47
N ARG J 121 -21.71 15.91 -31.70
CA ARG J 121 -21.83 14.62 -32.38
C ARG J 121 -20.53 14.24 -33.04
N ASP J 122 -20.24 12.94 -33.02
CA ASP J 122 -19.03 12.41 -33.59
C ASP J 122 -18.76 13.03 -34.96
N TYR J 123 -17.53 13.46 -35.17
CA TYR J 123 -17.15 14.07 -36.42
C TYR J 123 -16.03 13.21 -37.01
N ILE J 124 -14.88 13.20 -36.31
CA ILE J 124 -13.73 12.47 -36.78
C ILE J 124 -13.01 11.95 -35.55
N ALA J 125 -12.60 10.70 -35.63
CA ALA J 125 -11.83 10.07 -34.60
C ALA J 125 -10.65 9.32 -35.22
N LEU J 126 -9.56 9.24 -34.48
CA LEU J 126 -8.41 8.40 -34.82
C LEU J 126 -8.73 7.02 -34.30
N ASN J 127 -8.50 5.98 -35.10
CA ASN J 127 -8.77 4.62 -34.65
C ASN J 127 -7.72 4.09 -33.65
N GLU J 128 -8.02 2.96 -33.01
CA GLU J 128 -7.16 2.41 -31.97
C GLU J 128 -5.76 2.11 -32.50
N ASP J 129 -5.65 1.89 -33.80
CA ASP J 129 -4.35 1.62 -34.45
C ASP J 129 -3.45 2.86 -34.48
N LEU J 130 -4.05 4.03 -34.23
CA LEU J 130 -3.35 5.32 -34.25
C LEU J 130 -2.75 5.60 -35.63
N LYS J 131 -3.33 4.99 -36.67
CA LYS J 131 -2.94 5.17 -38.07
C LYS J 131 -4.10 5.61 -38.98
N THR J 132 -5.30 5.10 -38.73
CA THR J 132 -6.43 5.30 -39.63
C THR J 132 -7.55 6.10 -38.95
N TRP J 133 -8.33 6.81 -39.77
CA TRP J 133 -9.43 7.65 -39.27
C TRP J 133 -10.80 7.05 -39.58
N THR J 134 -11.71 7.27 -38.64
CA THR J 134 -13.13 6.96 -38.76
C THR J 134 -13.88 8.30 -38.84
N ALA J 135 -14.65 8.48 -39.90
CA ALA J 135 -15.44 9.70 -40.10
C ALA J 135 -16.75 9.35 -40.78
N ALA J 136 -17.87 9.48 -40.06
CA ALA J 136 -19.17 9.06 -40.56
C ALA J 136 -19.77 10.04 -41.59
N ASP J 137 -19.88 11.32 -41.24
CA ASP J 137 -20.64 12.25 -42.05
C ASP J 137 -20.05 12.44 -43.42
N MET J 138 -20.88 12.57 -44.45
CA MET J 138 -20.35 12.88 -45.78
C MET J 138 -19.56 14.20 -45.71
N ALA J 139 -20.06 15.17 -44.95
CA ALA J 139 -19.36 16.43 -44.78
C ALA J 139 -17.97 16.25 -44.14
N ALA J 140 -17.79 15.19 -43.35
CA ALA J 140 -16.56 14.99 -42.60
C ALA J 140 -15.46 14.35 -43.44
N GLN J 141 -15.77 13.96 -44.68
CA GLN J 141 -14.82 13.23 -45.51
C GLN J 141 -13.70 14.12 -46.03
N ILE J 142 -14.03 15.38 -46.25
CA ILE J 142 -13.07 16.40 -46.66
C ILE J 142 -11.90 16.47 -45.64
N THR J 143 -12.28 16.51 -44.37
CA THR J 143 -11.32 16.52 -43.28
C THR J 143 -10.51 15.25 -43.28
N ARG J 144 -11.18 14.11 -43.41
CA ARG J 144 -10.51 12.81 -43.40
C ARG J 144 -9.46 12.76 -44.48
N ARG J 145 -9.82 13.17 -45.71
CA ARG J 145 -8.87 13.10 -46.84
C ARG J 145 -7.72 14.05 -46.59
N LYS J 146 -8.07 15.27 -46.15
CA LYS J 146 -7.09 16.29 -45.82
C LYS J 146 -6.03 15.78 -44.86
N TRP J 147 -6.48 15.15 -43.78
CA TRP J 147 -5.59 14.66 -42.75
C TRP J 147 -4.78 13.48 -43.18
N GLU J 148 -5.36 12.55 -43.94
CA GLU J 148 -4.61 11.42 -44.53
C GLU J 148 -3.48 11.91 -45.43
N GLN J 149 -3.78 12.95 -46.21
CA GLN J 149 -2.80 13.58 -47.10
C GLN J 149 -1.65 14.23 -46.33
N SER J 150 -1.94 14.74 -45.13
CA SER J 150 -0.96 15.55 -44.42
C SER J 150 -0.02 14.70 -43.56
N GLY J 151 -0.41 13.46 -43.32
CA GLY J 151 0.30 12.60 -42.36
C GLY J 151 -0.02 12.91 -40.91
N ALA J 152 -1.13 13.63 -40.70
CA ALA J 152 -1.52 14.09 -39.36
C ALA J 152 -1.52 12.99 -38.32
N ALA J 153 -1.93 11.78 -38.68
CA ALA J 153 -2.05 10.68 -37.71
C ALA J 153 -0.74 10.31 -37.05
N GLU J 154 0.33 10.27 -37.84
CA GLU J 154 1.66 9.93 -37.34
C GLU J 154 2.11 10.91 -36.25
N HIS J 155 1.75 12.18 -36.40
CA HIS J 155 2.17 13.19 -35.45
C HIS J 155 1.37 13.09 -34.14
N TYR J 156 0.05 12.84 -34.24
CA TYR J 156 -0.77 12.54 -33.04
C TYR J 156 -0.30 11.25 -32.37
N LYS J 157 -0.07 10.20 -33.15
CA LYS J 157 0.48 8.95 -32.60
C LYS J 157 1.73 9.23 -31.74
N ALA J 158 2.74 9.89 -32.32
CA ALA J 158 3.95 10.23 -31.56
C ALA J 158 3.63 10.93 -30.22
N TYR J 159 2.70 11.89 -30.23
CA TYR J 159 2.30 12.55 -28.96
C TYR J 159 1.60 11.58 -28.00
N LEU J 160 0.68 10.75 -28.49
CA LEU J 160 -0.07 9.82 -27.63
C LEU J 160 0.83 8.72 -27.03
N GLU J 161 1.78 8.23 -27.81
CA GLU J 161 2.72 7.18 -27.36
C GLU J 161 3.89 7.72 -26.53
N GLY J 162 4.35 8.94 -26.83
CA GLY J 162 5.50 9.55 -26.15
C GLY J 162 5.12 10.49 -25.01
N GLU J 163 5.00 11.78 -25.32
CA GLU J 163 4.65 12.82 -24.34
C GLU J 163 3.52 12.50 -23.36
N CYS J 164 2.43 11.96 -23.89
CA CYS J 164 1.27 11.63 -23.06
C CYS J 164 1.69 10.62 -22.03
N VAL J 165 2.40 9.58 -22.45
CA VAL J 165 2.88 8.52 -21.53
C VAL J 165 3.94 9.05 -20.55
N GLU J 166 5.01 9.62 -21.09
CA GLU J 166 6.07 10.27 -20.29
C GLU J 166 5.51 11.13 -19.17
N TRP J 167 4.60 12.05 -19.49
CA TRP J 167 4.21 13.07 -18.52
C TRP J 167 3.16 12.55 -17.55
N LEU J 168 2.33 11.63 -18.02
CA LEU J 168 1.43 10.92 -17.12
C LEU J 168 2.26 10.14 -16.08
N HIS J 169 3.29 9.42 -16.52
CA HIS J 169 4.23 8.76 -15.59
C HIS J 169 4.73 9.74 -14.53
N ARG J 170 5.17 10.92 -14.98
CA ARG J 170 5.64 11.97 -14.08
C ARG J 170 4.54 12.45 -13.15
N TYR J 171 3.34 12.69 -13.69
CA TYR J 171 2.24 13.16 -12.84
C TYR J 171 1.84 12.11 -11.81
N LEU J 172 1.88 10.83 -12.16
CA LEU J 172 1.55 9.78 -11.17
C LEU J 172 2.54 9.78 -10.00
N LYS J 173 3.81 10.03 -10.29
CA LYS J 173 4.83 10.14 -9.25
C LYS J 173 4.60 11.34 -8.32
N ASN J 174 4.30 12.51 -8.89
CA ASN J 174 4.02 13.71 -8.09
C ASN J 174 2.78 13.59 -7.21
N GLY J 175 1.86 12.72 -7.60
CA GLY J 175 0.66 12.44 -6.80
C GLY J 175 0.97 11.83 -5.44
N ASN J 176 1.89 10.86 -5.43
CA ASN J 176 2.32 10.16 -4.20
C ASN J 176 1.79 10.75 -2.88
N ARG J 181 -5.45 6.96 -5.04
CA ARG J 181 -6.14 6.21 -3.99
C ARG J 181 -7.62 6.07 -4.31
N THR J 182 -8.21 4.94 -3.91
CA THR J 182 -9.65 4.72 -4.07
C THR J 182 -10.29 4.89 -2.71
N ASP J 183 -11.43 5.58 -2.68
CA ASP J 183 -12.29 5.65 -1.48
C ASP J 183 -13.43 4.66 -1.62
N SER J 184 -13.61 3.80 -0.62
CA SER J 184 -14.62 2.76 -0.67
C SER J 184 -16.02 3.27 -0.29
N PRO J 185 -17.07 2.64 -0.83
CA PRO J 185 -18.42 3.01 -0.43
C PRO J 185 -18.77 2.57 0.99
N LYS J 186 -19.47 3.44 1.71
CA LYS J 186 -20.13 3.07 2.95
C LYS J 186 -21.62 2.99 2.62
N ALA J 187 -22.26 1.92 3.07
CA ALA J 187 -23.62 1.60 2.67
C ALA J 187 -24.54 1.50 3.88
N HIS J 188 -25.80 1.87 3.64
CA HIS J 188 -26.87 1.65 4.60
C HIS J 188 -28.20 1.64 3.87
N VAL J 189 -29.17 0.91 4.40
CA VAL J 189 -30.52 0.87 3.86
C VAL J 189 -31.40 1.80 4.71
N THR J 190 -32.21 2.62 4.03
CA THR J 190 -33.20 3.47 4.70
C THR J 190 -34.59 2.92 4.46
N HIS J 191 -35.53 3.30 5.30
CA HIS J 191 -36.87 2.73 5.33
C HIS J 191 -37.88 3.87 5.18
N HIS J 192 -38.77 3.74 4.22
CA HIS J 192 -39.73 4.80 3.95
C HIS J 192 -41.10 4.21 3.67
N PRO J 193 -42.15 4.87 4.17
CA PRO J 193 -43.46 4.37 3.84
C PRO J 193 -43.81 4.61 2.39
N ARG J 194 -44.73 3.79 1.89
CA ARG J 194 -45.57 4.17 0.78
C ARG J 194 -46.86 3.36 0.89
N SER J 195 -47.59 3.23 -0.22
CA SER J 195 -48.94 2.65 -0.22
C SER J 195 -49.26 1.59 0.84
N LYS J 196 -50.56 1.45 1.12
CA LYS J 196 -51.08 0.44 2.05
C LYS J 196 -50.34 -0.88 1.96
N GLY J 197 -49.75 -1.32 3.07
CA GLY J 197 -49.06 -2.61 3.12
C GLY J 197 -47.88 -2.75 2.16
N GLU J 198 -47.21 -1.64 1.88
CA GLU J 198 -46.00 -1.62 1.06
C GLU J 198 -45.08 -0.51 1.58
N VAL J 199 -43.77 -0.79 1.57
CA VAL J 199 -42.77 0.18 2.00
C VAL J 199 -41.63 0.23 0.98
N THR J 200 -40.90 1.34 0.98
CA THR J 200 -39.72 1.50 0.14
C THR J 200 -38.46 1.23 0.96
N LEU J 201 -37.61 0.35 0.45
CA LEU J 201 -36.25 0.20 0.97
C LEU J 201 -35.27 0.87 -0.02
N ARG J 202 -34.50 1.83 0.46
CA ARG J 202 -33.55 2.57 -0.37
C ARG J 202 -32.11 2.33 0.10
N CYS J 203 -31.30 1.72 -0.77
CA CYS J 203 -29.91 1.38 -0.44
C CYS J 203 -29.00 2.50 -0.90
N TRP J 204 -28.30 3.11 0.04
CA TRP J 204 -27.43 4.24 -0.23
C TRP J 204 -25.97 3.80 -0.29
N ALA J 205 -25.18 4.39 -1.18
CA ALA J 205 -23.73 4.23 -1.15
C ALA J 205 -23.10 5.62 -1.06
N LEU J 206 -22.21 5.85 -0.10
CA LEU J 206 -21.60 7.16 0.10
C LEU J 206 -20.10 7.08 0.23
N GLY J 207 -19.46 8.22 -0.03
CA GLY J 207 -18.04 8.41 0.24
C GLY J 207 -17.09 7.75 -0.74
N PHE J 208 -17.60 7.27 -1.87
CA PHE J 208 -16.79 6.43 -2.76
C PHE J 208 -16.15 7.19 -3.92
N TYR J 209 -14.91 6.81 -4.22
CA TYR J 209 -14.21 7.25 -5.43
C TYR J 209 -13.34 6.06 -5.90
N PRO J 210 -13.24 5.82 -7.22
CA PRO J 210 -13.91 6.49 -8.34
C PRO J 210 -15.44 6.25 -8.43
N ALA J 211 -16.08 6.93 -9.38
CA ALA J 211 -17.53 6.96 -9.47
C ALA J 211 -18.18 5.63 -9.89
N ASP J 212 -17.43 4.77 -10.59
CA ASP J 212 -17.96 3.52 -11.13
C ASP J 212 -18.41 2.62 -9.98
N ILE J 213 -19.67 2.21 -9.98
CA ILE J 213 -20.26 1.48 -8.86
C ILE J 213 -21.57 0.79 -9.30
N THR J 214 -21.87 -0.34 -8.67
CA THR J 214 -23.08 -1.08 -9.00
C THR J 214 -23.81 -1.41 -7.70
N LEU J 215 -25.13 -1.19 -7.71
CA LEU J 215 -25.99 -1.49 -6.58
C LEU J 215 -27.04 -2.49 -7.05
N THR J 216 -27.27 -3.55 -6.27
CA THR J 216 -28.29 -4.53 -6.62
C THR J 216 -29.23 -4.84 -5.45
N TRP J 217 -30.40 -5.36 -5.79
CA TRP J 217 -31.35 -5.83 -4.80
C TRP J 217 -31.70 -7.27 -5.13
N GLN J 218 -31.73 -8.10 -4.10
CA GLN J 218 -32.05 -9.50 -4.25
C GLN J 218 -33.24 -9.86 -3.39
N LEU J 219 -34.17 -10.62 -3.97
CA LEU J 219 -35.15 -11.38 -3.20
C LEU J 219 -34.78 -12.86 -3.28
N GLY J 221 -32.95 -15.45 -4.26
CA GLY J 221 -31.60 -15.07 -4.68
C GLY J 221 -31.49 -14.66 -6.13
N GLU J 222 -32.42 -13.80 -6.58
CA GLU J 222 -32.41 -13.28 -7.94
C GLU J 222 -32.37 -11.75 -7.92
N GLU J 223 -31.71 -11.16 -8.92
CA GLU J 223 -31.57 -9.70 -8.98
C GLU J 223 -32.88 -9.05 -9.42
N LEU J 224 -33.03 -7.76 -9.08
CA LEU J 224 -34.22 -6.97 -9.41
C LEU J 224 -33.85 -5.72 -10.22
N MET J 228 -37.22 -1.93 -9.71
CA MET J 228 -36.17 -1.24 -8.97
C MET J 228 -35.90 0.15 -9.53
N GLU J 229 -35.80 1.12 -8.62
CA GLU J 229 -35.60 2.51 -8.94
C GLU J 229 -34.19 2.90 -8.50
N LEU J 230 -33.54 3.75 -9.27
CA LEU J 230 -32.19 4.19 -8.96
C LEU J 230 -31.93 5.57 -9.53
N VAL J 231 -30.87 6.18 -9.05
CA VAL J 231 -30.44 7.49 -9.54
C VAL J 231 -29.10 7.34 -10.22
N GLU J 232 -28.82 8.22 -11.16
CA GLU J 232 -27.50 8.29 -11.75
C GLU J 232 -26.50 8.67 -10.65
N THR J 233 -25.29 8.14 -10.75
CA THR J 233 -24.23 8.48 -9.83
C THR J 233 -23.96 9.98 -9.88
N ARG J 234 -23.85 10.58 -8.71
CA ARG J 234 -23.83 12.04 -8.55
C ARG J 234 -22.66 12.47 -7.65
N PRO J 235 -22.09 13.66 -7.90
CA PRO J 235 -21.02 14.15 -7.02
C PRO J 235 -21.52 14.69 -5.68
N ALA J 236 -20.90 14.22 -4.60
CA ALA J 236 -21.17 14.78 -3.28
C ALA J 236 -20.74 16.23 -3.24
N GLY J 237 -19.83 16.64 -4.11
CA GLY J 237 -19.29 18.00 -4.15
C GLY J 237 -18.01 18.19 -3.32
N ASP J 238 -17.53 17.11 -2.71
CA ASP J 238 -16.26 17.09 -1.95
C ASP J 238 -15.20 16.15 -2.56
N GLY J 239 -15.34 15.83 -3.85
CA GLY J 239 -14.49 14.81 -4.47
C GLY J 239 -15.10 13.42 -4.45
N THR J 240 -16.03 13.15 -3.52
CA THR J 240 -16.71 11.84 -3.42
C THR J 240 -18.04 11.80 -4.19
N PHE J 241 -18.55 10.59 -4.43
CA PHE J 241 -19.79 10.40 -5.21
C PHE J 241 -20.85 9.72 -4.36
N GLN J 242 -22.10 9.75 -4.83
CA GLN J 242 -23.24 9.09 -4.18
C GLN J 242 -24.05 8.29 -5.19
N LYS J 243 -24.75 7.27 -4.70
CA LYS J 243 -25.71 6.57 -5.55
C LYS J 243 -26.74 5.86 -4.70
N TRP J 244 -27.97 5.76 -5.16
CA TRP J 244 -28.92 4.89 -4.46
C TRP J 244 -29.76 4.00 -5.36
N ALA J 245 -30.20 2.87 -4.80
CA ALA J 245 -31.13 1.97 -5.48
C ALA J 245 -32.20 1.53 -4.49
N SER J 246 -33.46 1.65 -4.92
CA SER J 246 -34.59 1.33 -4.06
C SER J 246 -35.51 0.32 -4.71
N VAL J 247 -36.25 -0.37 -3.85
CA VAL J 247 -37.20 -1.39 -4.26
C VAL J 247 -38.46 -1.20 -3.43
N VAL J 248 -39.61 -1.52 -4.00
CA VAL J 248 -40.87 -1.48 -3.27
C VAL J 248 -41.09 -2.87 -2.68
N VAL J 249 -41.32 -2.93 -1.38
CA VAL J 249 -41.35 -4.18 -0.62
C VAL J 249 -42.60 -4.27 0.28
N PRO J 250 -43.23 -5.47 0.36
CA PRO J 250 -44.39 -5.62 1.25
C PRO J 250 -44.05 -5.44 2.72
N LEU J 251 -45.03 -4.96 3.50
CA LEU J 251 -44.87 -4.79 4.95
C LEU J 251 -44.63 -6.12 5.66
N GLY J 252 -43.71 -6.12 6.61
CA GLY J 252 -43.37 -7.31 7.39
C GLY J 252 -42.43 -8.30 6.71
N LYS J 253 -42.07 -8.06 5.46
CA LYS J 253 -41.26 -8.98 4.68
C LYS J 253 -39.98 -8.33 4.16
N GLU J 254 -39.44 -7.36 4.91
CA GLU J 254 -38.27 -6.60 4.44
C GLU J 254 -36.91 -7.26 4.71
N GLN J 255 -36.90 -8.30 5.54
CA GLN J 255 -35.68 -9.09 5.74
C GLN J 255 -35.40 -10.05 4.58
N ASN J 256 -36.39 -10.33 3.74
CA ASN J 256 -36.19 -11.17 2.56
C ASN J 256 -35.35 -10.49 1.46
N TYR J 257 -35.04 -9.21 1.63
CA TYR J 257 -34.38 -8.44 0.58
C TYR J 257 -32.98 -8.04 1.01
N THR J 258 -32.01 -8.20 0.09
CA THR J 258 -30.61 -7.88 0.36
C THR J 258 -30.08 -6.91 -0.70
N CYS J 259 -29.35 -5.89 -0.24
CA CYS J 259 -28.65 -4.99 -1.15
C CYS J 259 -27.17 -5.37 -1.21
N ARG J 260 -26.63 -5.49 -2.42
CA ARG J 260 -25.20 -5.69 -2.57
C ARG J 260 -24.61 -4.50 -3.30
N VAL J 261 -23.39 -4.14 -2.91
CA VAL J 261 -22.67 -3.00 -3.45
C VAL J 261 -21.35 -3.51 -4.01
N TYR J 262 -21.07 -3.18 -5.26
CA TYR J 262 -19.86 -3.61 -5.92
C TYR J 262 -19.02 -2.39 -6.29
N HIS J 263 -17.77 -2.38 -5.85
CA HIS J 263 -16.86 -1.27 -6.12
C HIS J 263 -15.40 -1.76 -6.13
N GLU J 264 -14.57 -1.09 -6.93
CA GLU J 264 -13.17 -1.52 -7.13
C GLU J 264 -12.35 -1.42 -5.83
N GLY J 265 -12.64 -0.42 -5.00
CA GLY J 265 -11.97 -0.22 -3.72
C GLY J 265 -12.38 -1.18 -2.62
N LEU J 266 -13.43 -1.97 -2.85
CA LEU J 266 -13.90 -2.98 -1.90
C LEU J 266 -13.13 -4.31 -2.01
N PRO J 267 -12.67 -4.87 -0.87
CA PRO J 267 -12.03 -6.19 -0.89
C PRO J 267 -12.93 -7.26 -1.48
N GLU J 268 -14.22 -7.14 -1.18
CA GLU J 268 -15.25 -7.97 -1.78
C GLU J 268 -16.56 -7.18 -1.79
N PRO J 269 -17.59 -7.67 -2.50
CA PRO J 269 -18.86 -6.98 -2.49
C PRO J 269 -19.49 -6.89 -1.09
N LEU J 270 -19.94 -5.69 -0.71
CA LEU J 270 -20.72 -5.51 0.53
C LEU J 270 -22.12 -6.11 0.35
N THR J 271 -22.62 -6.76 1.40
CA THR J 271 -24.01 -7.24 1.44
C THR J 271 -24.73 -6.56 2.61
N LEU J 272 -25.91 -6.02 2.34
CA LEU J 272 -26.67 -5.20 3.31
C LEU J 272 -28.16 -5.47 3.27
N ARG J 273 -28.84 -5.06 4.34
CA ARG J 273 -30.28 -5.21 4.47
C ARG J 273 -30.82 -4.17 5.44
N TRP J 274 -32.14 -4.05 5.49
CA TRP J 274 -32.80 -3.18 6.48
C TRP J 274 -32.58 -3.71 7.88
N GLU J 275 -31.99 -2.89 8.74
CA GLU J 275 -31.77 -3.23 10.14
C GLU J 275 -32.39 -2.14 11.06
N PRO J 276 -33.56 -2.42 11.67
CA PRO J 276 -34.28 -1.47 12.53
C PRO J 276 -33.40 -0.68 13.51
N ILE K 1 -27.56 18.41 -32.21
CA ILE K 1 -28.99 18.74 -31.87
C ILE K 1 -29.09 18.97 -30.39
N GLN K 2 -30.23 19.50 -29.94
CA GLN K 2 -30.42 19.83 -28.54
C GLN K 2 -30.57 18.59 -27.68
N LYS K 3 -29.94 18.63 -26.52
CA LYS K 3 -30.05 17.56 -25.54
C LYS K 3 -30.56 18.20 -24.26
N THR K 4 -31.59 17.59 -23.68
CA THR K 4 -32.33 18.22 -22.62
C THR K 4 -31.74 17.80 -21.26
N PRO K 5 -31.54 18.76 -20.34
CA PRO K 5 -30.90 18.47 -19.05
C PRO K 5 -31.62 17.48 -18.15
N GLN K 6 -30.87 16.60 -17.49
CA GLN K 6 -31.40 15.77 -16.42
C GLN K 6 -30.99 16.47 -15.15
N ILE K 7 -31.85 16.44 -14.15
CA ILE K 7 -31.63 17.22 -12.96
C ILE K 7 -31.80 16.36 -11.71
N GLN K 8 -30.86 16.48 -10.77
CA GLN K 8 -31.03 16.00 -9.41
C GLN K 8 -30.73 17.09 -8.41
N VAL K 9 -31.45 17.08 -7.31
CA VAL K 9 -31.26 18.00 -6.21
C VAL K 9 -31.21 17.14 -4.99
N TYR K 10 -30.18 17.34 -4.18
CA TYR K 10 -29.91 16.47 -3.05
C TYR K 10 -28.83 17.09 -2.19
N SER K 11 -28.74 16.58 -0.97
CA SER K 11 -27.80 17.11 0.02
C SER K 11 -26.42 16.42 -0.07
N ARG K 12 -25.38 17.13 0.34
CA ARG K 12 -24.06 16.50 0.48
C ARG K 12 -24.08 15.48 1.59
N HIS K 13 -24.54 15.88 2.77
CA HIS K 13 -24.60 14.98 3.94
C HIS K 13 -26.04 14.55 4.27
N PRO K 14 -26.21 13.49 5.07
CA PRO K 14 -27.58 13.11 5.41
C PRO K 14 -28.33 14.29 5.99
N PRO K 15 -29.56 14.52 5.54
CA PRO K 15 -30.23 15.73 6.00
C PRO K 15 -30.68 15.58 7.44
N GLU K 16 -30.55 16.67 8.20
CA GLU K 16 -31.02 16.73 9.59
C GLU K 16 -31.52 18.15 9.84
N ASN K 17 -32.78 18.28 10.20
CA ASN K 17 -33.34 19.59 10.52
C ASN K 17 -32.52 20.37 11.54
N GLY K 18 -32.08 21.55 11.15
CA GLY K 18 -31.30 22.41 12.03
C GLY K 18 -29.83 22.52 11.66
N LYS K 19 -29.26 21.42 11.20
CA LYS K 19 -27.84 21.30 10.88
C LYS K 19 -27.54 21.94 9.55
N PRO K 20 -26.64 22.92 9.51
CA PRO K 20 -26.11 23.36 8.22
C PRO K 20 -25.63 22.20 7.33
N ASN K 21 -25.72 22.38 6.02
CA ASN K 21 -25.50 21.31 5.05
C ASN K 21 -25.29 21.98 3.72
N ILE K 22 -25.14 21.18 2.66
CA ILE K 22 -24.84 21.75 1.35
C ILE K 22 -25.85 21.19 0.40
N LEU K 23 -26.52 22.08 -0.33
CA LEU K 23 -27.53 21.64 -1.27
C LEU K 23 -26.93 21.65 -2.65
N ASN K 24 -27.03 20.52 -3.35
CA ASN K 24 -26.53 20.34 -4.72
C ASN K 24 -27.64 20.29 -5.75
N CYS K 25 -27.37 20.88 -6.92
CA CYS K 25 -28.19 20.72 -8.12
C CYS K 25 -27.31 20.29 -9.27
N TYR K 26 -27.36 19.01 -9.58
CA TYR K 26 -26.52 18.36 -10.56
C TYR K 26 -27.26 18.34 -11.90
N VAL K 27 -26.67 18.98 -12.91
CA VAL K 27 -27.32 19.13 -14.23
C VAL K 27 -26.43 18.53 -15.32
N THR K 28 -26.93 17.48 -15.96
CA THR K 28 -26.14 16.59 -16.82
C THR K 28 -26.81 16.38 -18.14
N GLN K 29 -26.10 15.70 -19.06
CA GLN K 29 -26.65 15.30 -20.38
C GLN K 29 -27.27 16.42 -21.23
N PHE K 30 -26.74 17.63 -21.19
CA PHE K 30 -27.29 18.71 -22.00
C PHE K 30 -26.36 19.26 -23.11
N HIS K 31 -26.99 19.83 -24.12
CA HIS K 31 -26.29 20.49 -25.22
C HIS K 31 -27.27 21.48 -25.86
N PRO K 32 -26.82 22.67 -26.27
CA PRO K 32 -25.51 23.27 -26.17
C PRO K 32 -25.21 23.71 -24.72
N PRO K 33 -23.93 24.05 -24.43
CA PRO K 33 -23.38 24.31 -23.09
C PRO K 33 -24.01 25.49 -22.33
N HIS K 34 -24.56 26.45 -23.04
CA HIS K 34 -25.23 27.56 -22.39
C HIS K 34 -26.39 27.05 -21.56
N ILE K 35 -26.41 27.41 -20.28
CA ILE K 35 -27.49 27.02 -19.39
C ILE K 35 -27.60 28.05 -18.28
N GLU K 36 -28.78 28.15 -17.69
CA GLU K 36 -29.01 29.05 -16.58
C GLU K 36 -29.63 28.23 -15.44
N ILE K 37 -29.02 28.29 -14.26
CA ILE K 37 -29.49 27.53 -13.12
C ILE K 37 -29.70 28.44 -11.93
N GLN K 38 -30.89 28.35 -11.32
CA GLN K 38 -31.19 29.02 -10.05
C GLN K 38 -31.46 28.00 -8.96
N MET K 39 -31.12 28.34 -7.72
CA MET K 39 -31.49 27.54 -6.57
C MET K 39 -32.42 28.40 -5.71
N LEU K 40 -33.50 27.79 -5.22
CA LEU K 40 -34.62 28.50 -4.61
C LEU K 40 -34.96 27.93 -3.24
N LYS K 41 -35.23 28.84 -2.31
CA LYS K 41 -35.70 28.49 -0.97
C LYS K 41 -37.01 29.23 -0.82
N ASN K 42 -38.09 28.47 -0.65
CA ASN K 42 -39.43 29.04 -0.54
C ASN K 42 -39.76 30.02 -1.67
N GLY K 43 -39.44 29.62 -2.90
CA GLY K 43 -39.71 30.42 -4.09
C GLY K 43 -38.78 31.60 -4.31
N LYS K 44 -37.79 31.77 -3.43
CA LYS K 44 -36.93 32.93 -3.51
C LYS K 44 -35.53 32.50 -3.93
N LYS K 45 -34.95 33.27 -4.83
CA LYS K 45 -33.56 33.10 -5.27
C LYS K 45 -32.62 33.04 -4.06
N ILE K 46 -31.81 31.99 -3.95
CA ILE K 46 -30.73 31.94 -2.96
C ILE K 46 -29.56 32.78 -3.54
N PRO K 47 -29.10 33.79 -2.79
CA PRO K 47 -28.14 34.72 -3.40
C PRO K 47 -26.73 34.18 -3.67
N LYS K 48 -26.21 33.29 -2.82
CA LYS K 48 -24.76 32.95 -2.88
C LYS K 48 -24.43 31.53 -3.39
N VAL K 49 -24.73 31.30 -4.68
CA VAL K 49 -24.76 29.94 -5.28
C VAL K 49 -23.48 29.63 -6.07
N GLU K 50 -22.75 28.60 -5.64
CA GLU K 50 -21.48 28.21 -6.28
C GLU K 50 -21.79 27.46 -7.53
N MET K 51 -21.10 27.79 -8.61
CA MET K 51 -21.31 27.14 -9.90
C MET K 51 -20.00 26.49 -10.38
N SER K 52 -19.98 25.16 -10.50
CA SER K 52 -18.79 24.50 -11.01
C SER K 52 -18.45 25.00 -12.44
N ASP K 53 -17.23 24.75 -12.90
CA ASP K 53 -16.82 25.22 -14.21
C ASP K 53 -17.32 24.23 -15.27
N MET K 54 -17.55 24.72 -16.49
CA MET K 54 -18.04 23.90 -17.63
C MET K 54 -17.21 22.63 -17.76
N SER K 55 -17.88 21.51 -18.00
CA SER K 55 -17.21 20.28 -18.34
C SER K 55 -18.10 19.43 -19.21
N PHE K 56 -17.50 18.43 -19.84
CA PHE K 56 -18.27 17.43 -20.53
C PHE K 56 -17.84 15.99 -20.30
N SER K 57 -18.78 15.07 -20.54
CA SER K 57 -18.56 13.66 -20.34
C SER K 57 -18.14 13.05 -21.68
N LYS K 58 -17.75 11.79 -21.66
CA LYS K 58 -17.23 11.20 -22.87
C LYS K 58 -18.28 10.93 -23.90
N ASP K 59 -19.56 10.96 -23.53
CA ASP K 59 -20.62 10.97 -24.55
C ASP K 59 -20.79 12.36 -25.25
N TRP K 60 -19.93 13.32 -24.92
CA TRP K 60 -19.90 14.69 -25.46
C TRP K 60 -20.96 15.65 -24.88
N SER K 61 -21.80 15.16 -23.97
CA SER K 61 -22.76 16.04 -23.27
C SER K 61 -22.12 16.82 -22.12
N PHE K 62 -22.63 18.03 -21.87
CA PHE K 62 -22.11 18.88 -20.81
C PHE K 62 -22.76 18.60 -19.47
N TYR K 63 -22.06 18.92 -18.39
CA TYR K 63 -22.66 18.86 -17.04
C TYR K 63 -22.15 19.97 -16.13
N ILE K 64 -22.86 20.15 -15.02
CA ILE K 64 -22.53 21.22 -14.09
C ILE K 64 -23.11 20.93 -12.73
N LEU K 65 -22.42 21.44 -11.72
CA LEU K 65 -22.85 21.28 -10.35
C LEU K 65 -23.03 22.65 -9.75
N ALA K 66 -24.26 22.98 -9.37
CA ALA K 66 -24.56 24.18 -8.62
C ALA K 66 -24.73 23.74 -7.18
N HIS K 67 -24.22 24.55 -6.25
CA HIS K 67 -24.30 24.19 -4.85
C HIS K 67 -24.26 25.43 -3.95
N THR K 68 -24.81 25.29 -2.75
CA THR K 68 -24.90 26.42 -1.82
C THR K 68 -25.07 25.88 -0.42
N GLU K 69 -24.78 26.71 0.55
CA GLU K 69 -25.06 26.36 1.94
C GLU K 69 -26.54 26.52 2.19
N PHE K 70 -27.08 25.60 2.96
CA PHE K 70 -28.43 25.69 3.45
C PHE K 70 -28.53 24.92 4.77
N THR K 71 -29.66 25.10 5.44
CA THR K 71 -29.94 24.49 6.71
C THR K 71 -31.40 24.08 6.57
N PRO K 72 -31.66 22.78 6.44
CA PRO K 72 -33.04 22.36 6.22
C PRO K 72 -33.94 22.57 7.44
N THR K 73 -35.24 22.34 7.26
CA THR K 73 -36.22 22.37 8.33
C THR K 73 -37.44 21.56 7.86
N GLU K 74 -38.42 21.43 8.75
CA GLU K 74 -39.70 20.82 8.37
C GLU K 74 -40.39 21.64 7.29
N THR K 75 -40.34 22.96 7.42
CA THR K 75 -41.25 23.81 6.66
C THR K 75 -40.64 24.43 5.39
N ASP K 76 -39.32 24.62 5.34
CA ASP K 76 -38.69 25.19 4.14
C ASP K 76 -38.70 24.22 2.95
N THR K 77 -39.05 24.73 1.78
CA THR K 77 -39.01 23.99 0.51
C THR K 77 -37.86 24.52 -0.35
N TYR K 78 -37.02 23.60 -0.81
CA TYR K 78 -35.88 23.95 -1.63
C TYR K 78 -36.09 23.34 -2.98
N ALA K 79 -35.63 24.08 -3.98
CA ALA K 79 -35.81 23.69 -5.35
C ALA K 79 -34.64 24.14 -6.21
N CYS K 80 -34.59 23.61 -7.43
CA CYS K 80 -33.61 24.03 -8.43
C CYS K 80 -34.34 24.24 -9.72
N ARG K 81 -34.14 25.41 -10.34
CA ARG K 81 -34.81 25.80 -11.59
C ARG K 81 -33.79 25.99 -12.70
N VAL K 82 -34.06 25.32 -13.82
CA VAL K 82 -33.12 25.25 -14.92
C VAL K 82 -33.76 25.75 -16.20
N LYS K 83 -33.11 26.68 -16.87
CA LYS K 83 -33.61 27.26 -18.13
C LYS K 83 -32.62 26.89 -19.24
N HIS K 84 -33.03 26.01 -20.15
CA HIS K 84 -32.21 25.57 -21.27
C HIS K 84 -32.97 25.55 -22.59
N ASP K 85 -32.29 25.96 -23.67
CA ASP K 85 -32.91 26.08 -25.00
C ASP K 85 -33.77 24.87 -25.39
N SER K 86 -33.39 23.66 -24.97
CA SER K 86 -34.15 22.46 -25.31
C SER K 86 -35.50 22.38 -24.60
N MET K 87 -35.75 23.31 -23.68
CA MET K 87 -37.01 23.35 -22.96
C MET K 87 -37.68 24.67 -23.29
N ALA K 88 -39.00 24.62 -23.53
CA ALA K 88 -39.77 25.82 -23.82
C ALA K 88 -39.77 26.76 -22.63
N GLU K 89 -39.81 26.19 -21.42
CA GLU K 89 -39.85 26.96 -20.18
C GLU K 89 -38.93 26.34 -19.10
N PRO K 90 -38.57 27.13 -18.08
CA PRO K 90 -37.72 26.64 -16.97
C PRO K 90 -38.32 25.44 -16.25
N LYS K 91 -37.53 24.37 -16.08
CA LYS K 91 -37.97 23.19 -15.32
C LYS K 91 -37.49 23.32 -13.89
N THR K 92 -38.45 23.23 -12.94
CA THR K 92 -38.16 23.32 -11.52
C THR K 92 -38.24 21.89 -10.97
N VAL K 93 -37.20 21.44 -10.24
CA VAL K 93 -37.20 20.15 -9.52
C VAL K 93 -37.05 20.40 -8.01
N TYR K 94 -37.92 19.78 -7.22
CA TYR K 94 -37.96 20.04 -5.76
C TYR K 94 -37.10 19.04 -5.00
N TRP K 95 -36.45 19.52 -3.94
CA TRP K 95 -35.67 18.64 -3.05
C TRP K 95 -36.55 17.70 -2.23
N ASP K 96 -36.16 16.42 -2.19
CA ASP K 96 -36.85 15.43 -1.41
C ASP K 96 -35.82 14.76 -0.49
N ARG K 97 -35.98 14.97 0.82
CA ARG K 97 -34.96 14.57 1.82
C ARG K 97 -34.61 13.07 1.81
N ASP K 98 -35.51 12.24 1.31
CA ASP K 98 -35.28 10.82 1.24
C ASP K 98 -34.63 10.41 -0.08
N MET K 99 -34.27 11.36 -0.94
CA MET K 99 -33.57 10.98 -2.14
C MET K 99 -32.43 11.91 -2.55
N LYS L 1 0.64 16.89 -19.98
CA LYS L 1 1.12 17.89 -20.98
C LYS L 1 0.11 17.91 -22.13
N ALA L 2 -0.29 19.11 -22.57
CA ALA L 2 -1.43 19.18 -23.52
C ALA L 2 -0.97 18.84 -24.92
N PRO L 3 -1.86 18.25 -25.75
CA PRO L 3 -1.51 18.04 -27.14
C PRO L 3 -1.52 19.37 -27.90
N SER L 4 -0.90 19.34 -29.07
CA SER L 4 -0.89 20.47 -29.98
C SER L 4 -1.30 19.94 -31.32
N ASN L 5 -2.38 20.47 -31.87
CA ASN L 5 -3.00 19.89 -33.04
C ASN L 5 -2.16 20.11 -34.28
N PHE L 6 -2.48 19.36 -35.33
CA PHE L 6 -1.75 19.49 -36.57
C PHE L 6 -2.63 20.14 -37.62
N ALA L 7 -2.87 19.52 -38.77
CA ALA L 7 -3.69 20.17 -39.80
C ALA L 7 -5.06 20.59 -39.25
N THR L 8 -5.53 21.76 -39.69
CA THR L 8 -6.86 22.22 -39.33
C THR L 8 -7.88 21.29 -40.00
N MET L 9 -9.13 21.32 -39.52
CA MET L 9 -10.20 20.53 -40.16
C MET L 9 -10.48 21.00 -41.61
#